data_7XFZ
#
_entry.id   7XFZ
#
_cell.length_a   1.00
_cell.length_b   1.00
_cell.length_c   1.00
_cell.angle_alpha   90.00
_cell.angle_beta   90.00
_cell.angle_gamma   90.00
#
_symmetry.space_group_name_H-M   'P 1'
#
loop_
_entity.id
_entity.type
_entity.pdbx_description
1 polymer Csf1
2 polymer Csf3
3 polymer Csf2
4 polymer crRNA
5 polymer TS
6 polymer NTS
7 polymer Csf5
8 non-polymer 'ZINC ION'
#
loop_
_entity_poly.entity_id
_entity_poly.type
_entity_poly.pdbx_seq_one_letter_code
_entity_poly.pdbx_strand_id
1 'polypeptide(L)'
;HHHHHHHHHHMRYPSDIVDQVLKAGPDKGLLTWEGVDAACSHCSRPIQNGDLYSPSSVGAFFSDTRDLASTSRSICWRCV
VLRKKPMLYGLSAAVVTQDGIYSISKDVNKAWLFTTPPPAPFLVVHSSSTMQHLSWRTPVTLDNRRIHVRYGPNLFIVRP
EVVRKALSIADRVNEGQKKWVTPVYFDRKAAAMGHGLITRAGAEMLTQEEQEFFQSVTPGERWALSYLMHSKRPEPEVGE
CITEKVMTSLNKE
;
A
2 'polypeptide(L)'
;MVNLKVTIDLSNPMMEPGDLLHLDALLGALRVSRARAEHGDAINPRDYHYDLPLERYQAPSGDWVFKASAFKLKRQLPNQ
MWMQTGRLSIVEAARHRQSGYLQLRAGKPNPAGGPFKTSIYHRPIVQAELTAFCVGDQQGIEALLSECRQIGGKRGVGFG
QVAGFKVEPVAETDCPWSWRALPADADPRLVTSEHARCIAAIRGPYWDRTLHVEALAPTP
;
B
3 'polypeptide(L)'
;MQIEVTVRNITPIFSAAPGSNYITIDGTINPPPGVSRFPLVRTRMMYVAADVGDGVIKSVPLQIVPGNTMRSLLRRTMLK
HVIEPALVEKGNKLSIGAYATAYSGNATGNPDGVPSSFDEIATMRAHPFIGLFGGGPRMLEGRLMVDSLYPIHTNAERIL
GAGYENEMMSGPITQVVWARRMDPILNLGSSEDVEVINGGAVAANGWIQDLLANSKAAASKKKKAAADEDESDGAAEENG
RGLKAFNAHEVVIPGLKWVWRISLDRPTDAQVGLVLLALNKMTNERIAGGHSKDYGRFVIDGVSLNGEQVWSQSGITGGE
QYFDAVAEAIDGLSSKEFEQFAQSAKEA
;
C,D
4 'polyribonucleotide' GUGAACGGUGGAGCAACACCGCGUGUUCCCCGCAUACGCGGG(23G) E
5 'polydeoxyribonucleotide'
;(DC)(DT)(DG)(DC)(DC)(DG)(DC)(DA)(DC)(DT)(DT)(DG)(DC)(DG)(DG)(DT)(DG)(DT)(DT)(DG)
(DC)(DT)(DC)(DC)(DA)(DG)(DA)(DA)(DA)(DG)(DG)(DG)(DT)(DG)(DT)(DT)
;
F
6 'polydeoxyribonucleotide'
;(DA)(DA)(DC)(DA)(DC)(DC)(DC)(DT)(DT)(DT)(DC)(DT)(DG)(DG)(DA)(DT)(DT)(DT)(DA)(DT)
(DT)(DT)
;
G
7 'polypeptide(L)'
;MFVKQVFFDLGARIHADEARALVAKLLDDTQPGLVSALMNYMPASKTSKTEFPLVQFSNFNQGFALLGFGEVGAQILSDA
TPIIHDAMAKLFASRGQGVVVQVSSRDVPLSCEKRPYGLQYTVAKMVVQKKHEHRERLANPETGKVFLEGLFLRSLERQA
AAVGMVLPRDLVVSFKGAERVSSVKLRPDSTLAHGSLRHAVFEVNARLGGLWSVGFLLSKGFGHINTDLQLGQGGTRHAL
SKWSHPQFEKGGGSGGGSGGWSHPQFEK
;
H
#
# COMPACT_ATOMS: atom_id res chain seq x y z
N MET A 11 43.73 -1.21 8.49
CA MET A 11 44.61 -0.11 8.88
C MET A 11 44.47 1.06 7.92
N ARG A 12 44.56 0.78 6.62
CA ARG A 12 44.39 1.79 5.59
C ARG A 12 43.23 1.47 4.64
N TYR A 13 43.14 0.24 4.17
CA TYR A 13 42.05 -0.23 3.33
C TYR A 13 41.18 -1.23 4.08
N PRO A 14 39.92 -1.38 3.69
CA PRO A 14 39.06 -2.33 4.40
C PRO A 14 39.52 -3.77 4.29
N SER A 15 40.39 -4.10 3.33
CA SER A 15 40.88 -5.46 3.15
C SER A 15 42.13 -5.77 3.94
N ASP A 16 42.64 -4.82 4.73
CA ASP A 16 43.82 -5.09 5.55
C ASP A 16 43.50 -6.07 6.68
N ILE A 17 42.21 -6.17 7.04
CA ILE A 17 41.76 -7.04 8.12
C ILE A 17 41.99 -8.50 7.75
N VAL A 18 42.14 -8.78 6.45
CA VAL A 18 42.27 -10.15 5.98
C VAL A 18 43.60 -10.76 6.42
N ASP A 19 44.67 -9.96 6.45
CA ASP A 19 45.96 -10.46 6.91
C ASP A 19 46.38 -9.91 8.26
N GLN A 20 45.77 -8.83 8.74
CA GLN A 20 46.19 -8.25 10.01
C GLN A 20 45.36 -8.79 11.18
N VAL A 21 44.05 -8.64 11.14
CA VAL A 21 43.20 -9.10 12.23
C VAL A 21 43.20 -10.62 12.30
N LEU A 22 42.99 -11.27 11.15
CA LEU A 22 42.99 -12.72 11.06
C LEU A 22 44.10 -13.15 10.12
N LYS A 23 44.62 -14.36 10.34
CA LYS A 23 45.75 -14.85 9.58
C LYS A 23 45.24 -15.63 8.37
N ALA A 24 45.36 -15.03 7.19
CA ALA A 24 44.89 -15.63 5.96
C ALA A 24 45.95 -15.50 4.88
N GLY A 25 45.92 -16.41 3.92
CA GLY A 25 46.89 -16.43 2.84
C GLY A 25 46.24 -16.59 1.49
N PRO A 26 47.01 -16.33 0.43
CA PRO A 26 46.44 -16.45 -0.92
C PRO A 26 46.06 -17.88 -1.25
N ASP A 27 45.09 -18.04 -2.16
CA ASP A 27 44.61 -19.36 -2.53
C ASP A 27 45.61 -20.12 -3.40
N LYS A 28 46.65 -19.46 -3.88
CA LYS A 28 47.73 -20.01 -4.70
C LYS A 28 47.28 -20.44 -6.08
N GLY A 29 45.99 -20.38 -6.38
CA GLY A 29 45.47 -20.62 -7.72
C GLY A 29 45.27 -19.36 -8.53
N LEU A 30 45.80 -18.23 -8.08
CA LEU A 30 45.58 -16.95 -8.71
C LEU A 30 46.73 -16.59 -9.64
N LEU A 31 46.45 -15.66 -10.54
CA LEU A 31 47.48 -15.18 -11.47
C LEU A 31 48.32 -14.10 -10.82
N THR A 32 49.49 -13.85 -11.41
CA THR A 32 50.41 -12.82 -10.94
C THR A 32 50.37 -11.65 -11.90
N TRP A 33 50.22 -10.44 -11.35
CA TRP A 33 50.00 -9.26 -12.18
C TRP A 33 51.26 -8.90 -12.97
N GLU A 34 51.07 -8.56 -14.23
CA GLU A 34 52.15 -8.15 -15.12
C GLU A 34 51.76 -6.86 -15.82
N GLY A 35 52.72 -5.95 -15.93
CA GLY A 35 52.48 -4.66 -16.54
C GLY A 35 52.28 -3.56 -15.53
N VAL A 36 51.76 -2.44 -16.03
CA VAL A 36 51.50 -1.29 -15.17
C VAL A 36 50.34 -1.62 -14.23
N ASP A 37 50.25 -0.88 -13.14
CA ASP A 37 49.34 -1.25 -12.07
C ASP A 37 47.93 -0.71 -12.29
N ALA A 38 46.98 -1.28 -11.56
CA ALA A 38 45.59 -0.86 -11.61
C ALA A 38 44.97 -1.05 -10.23
N ALA A 39 43.80 -0.44 -10.05
CA ALA A 39 43.14 -0.50 -8.76
C ALA A 39 42.24 -1.72 -8.66
N CYS A 40 42.16 -2.30 -7.46
CA CYS A 40 41.23 -3.40 -7.23
C CYS A 40 39.80 -2.93 -7.37
N SER A 41 38.99 -3.71 -8.08
CA SER A 41 37.64 -3.28 -8.42
C SER A 41 36.76 -3.18 -7.17
N HIS A 42 37.14 -3.86 -6.09
CA HIS A 42 36.30 -3.89 -4.91
C HIS A 42 36.86 -2.98 -3.81
N CYS A 43 38.16 -3.07 -3.55
CA CYS A 43 38.79 -2.45 -2.40
C CYS A 43 39.40 -1.08 -2.70
N SER A 44 39.70 -0.78 -3.97
CA SER A 44 40.39 0.44 -4.39
C SER A 44 41.87 0.41 -4.03
N ARG A 45 42.42 -0.79 -3.85
CA ARG A 45 43.83 -0.93 -3.54
C ARG A 45 44.61 -1.20 -4.81
N PRO A 46 45.76 -0.55 -5.02
CA PRO A 46 46.52 -0.77 -6.26
C PRO A 46 47.09 -2.17 -6.33
N ILE A 47 47.03 -2.74 -7.53
CA ILE A 47 47.59 -4.07 -7.80
C ILE A 47 48.86 -3.85 -8.60
N GLN A 48 50.00 -3.89 -7.92
CA GLN A 48 51.29 -3.56 -8.52
C GLN A 48 51.85 -4.78 -9.24
N ASN A 49 53.11 -4.70 -9.65
CA ASN A 49 53.77 -5.79 -10.34
C ASN A 49 54.10 -6.91 -9.35
N GLY A 50 53.81 -8.15 -9.75
CA GLY A 50 54.07 -9.30 -8.92
C GLY A 50 53.03 -9.61 -7.87
N ASP A 51 51.90 -8.91 -7.88
CA ASP A 51 50.85 -9.12 -6.90
C ASP A 51 49.85 -10.16 -7.41
N LEU A 52 49.49 -11.08 -6.53
CA LEU A 52 48.51 -12.11 -6.85
C LEU A 52 47.12 -11.47 -6.97
N TYR A 53 46.34 -11.93 -7.94
CA TYR A 53 45.02 -11.37 -8.18
C TYR A 53 44.18 -12.40 -8.92
N SER A 54 42.87 -12.15 -8.94
CA SER A 54 41.93 -13.02 -9.61
C SER A 54 41.07 -12.20 -10.56
N PRO A 55 40.87 -12.67 -11.79
CA PRO A 55 39.95 -11.99 -12.70
C PRO A 55 38.54 -11.94 -12.13
N SER A 56 37.82 -10.86 -12.47
CA SER A 56 36.52 -10.57 -11.88
C SER A 56 35.42 -11.36 -12.60
N SER A 57 34.84 -12.30 -11.86
CA SER A 57 33.63 -13.01 -12.30
C SER A 57 32.62 -13.01 -11.15
N VAL A 58 31.82 -11.94 -11.11
CA VAL A 58 31.00 -11.67 -9.94
C VAL A 58 29.71 -12.50 -9.99
N GLY A 59 29.11 -12.63 -11.16
CA GLY A 59 27.90 -13.43 -11.30
C GLY A 59 26.67 -12.56 -11.54
N ALA A 60 25.65 -13.19 -12.13
CA ALA A 60 24.45 -12.45 -12.53
C ALA A 60 23.62 -12.04 -11.32
N PHE A 61 23.91 -12.60 -10.16
CA PHE A 61 23.17 -12.22 -8.95
C PHE A 61 23.88 -11.10 -8.19
N PHE A 62 24.96 -10.59 -8.74
CA PHE A 62 25.65 -9.45 -8.16
C PHE A 62 24.90 -8.16 -8.47
N SER A 63 24.37 -7.52 -7.42
CA SER A 63 23.54 -6.32 -7.57
C SER A 63 24.25 -5.08 -7.03
N ASP A 64 25.57 -5.05 -7.08
CA ASP A 64 26.36 -3.96 -6.54
C ASP A 64 27.31 -3.38 -7.59
N THR A 65 26.84 -3.32 -8.84
CA THR A 65 27.64 -2.70 -9.89
C THR A 65 27.85 -1.21 -9.64
N ARG A 66 26.85 -0.53 -9.09
CA ARG A 66 26.94 0.90 -8.81
C ARG A 66 27.89 1.20 -7.66
N ASP A 67 28.36 0.20 -6.92
CA ASP A 67 29.28 0.40 -5.82
C ASP A 67 30.70 -0.03 -6.16
N LEU A 68 30.94 -0.47 -7.39
CA LEU A 68 32.28 -0.84 -7.81
C LEU A 68 33.18 0.38 -7.86
N ALA A 69 34.45 0.20 -7.52
CA ALA A 69 35.35 1.34 -7.38
C ALA A 69 36.03 1.69 -8.72
N SER A 70 36.14 0.72 -9.61
CA SER A 70 36.81 0.95 -10.88
C SER A 70 36.29 -0.08 -11.89
N THR A 71 36.88 -0.03 -13.09
CA THR A 71 36.50 -0.93 -14.18
C THR A 71 37.67 -1.79 -14.63
N SER A 72 38.65 -2.01 -13.75
CA SER A 72 39.80 -2.82 -14.10
C SER A 72 39.45 -4.30 -14.19
N ARG A 73 38.32 -4.73 -13.61
CA ARG A 73 37.89 -6.12 -13.61
C ARG A 73 38.97 -7.04 -13.03
N SER A 74 39.63 -6.59 -11.97
CA SER A 74 40.61 -7.37 -11.25
C SER A 74 40.30 -7.32 -9.76
N ILE A 75 40.57 -8.41 -9.06
CA ILE A 75 40.32 -8.52 -7.64
C ILE A 75 41.61 -8.99 -6.95
N CYS A 76 42.02 -8.27 -5.92
CA CYS A 76 43.19 -8.67 -5.16
C CYS A 76 42.88 -9.92 -4.36
N TRP A 77 43.95 -10.57 -3.86
CA TRP A 77 43.74 -11.85 -3.19
C TRP A 77 43.10 -11.70 -1.82
N ARG A 78 42.93 -10.48 -1.32
CA ARG A 78 42.28 -10.25 -0.04
C ARG A 78 40.77 -10.08 -0.19
N CYS A 79 40.33 -9.40 -1.24
CA CYS A 79 38.89 -9.33 -1.50
C CYS A 79 38.33 -10.68 -1.87
N VAL A 80 39.17 -11.59 -2.38
CA VAL A 80 38.72 -12.95 -2.66
C VAL A 80 38.29 -13.63 -1.36
N VAL A 81 39.06 -13.43 -0.29
CA VAL A 81 38.66 -13.93 1.02
C VAL A 81 37.46 -13.16 1.56
N LEU A 82 37.44 -11.84 1.33
CA LEU A 82 36.33 -11.03 1.82
C LEU A 82 35.00 -11.42 1.17
N ARG A 83 35.03 -12.01 -0.01
CA ARG A 83 33.83 -12.32 -0.77
C ARG A 83 33.25 -13.70 -0.47
N LYS A 84 33.82 -14.43 0.49
CA LYS A 84 33.32 -15.75 0.81
C LYS A 84 32.04 -15.67 1.65
N LYS A 85 31.22 -16.73 1.55
CA LYS A 85 29.97 -16.78 2.31
C LYS A 85 30.18 -16.73 3.83
N PRO A 86 31.12 -17.47 4.42
CA PRO A 86 31.33 -17.33 5.87
C PRO A 86 31.65 -15.91 6.29
N MET A 87 32.43 -15.19 5.48
CA MET A 87 32.67 -13.78 5.76
C MET A 87 31.45 -12.91 5.48
N LEU A 88 30.55 -13.36 4.61
CA LEU A 88 29.35 -12.58 4.34
C LEU A 88 28.34 -12.65 5.47
N TYR A 89 28.13 -13.83 6.05
CA TYR A 89 27.16 -13.93 7.15
C TYR A 89 27.78 -13.87 8.53
N GLY A 90 29.11 -13.96 8.65
CA GLY A 90 29.74 -13.83 9.95
C GLY A 90 29.92 -12.38 10.38
N LEU A 91 29.97 -11.47 9.42
CA LEU A 91 30.16 -10.05 9.69
C LEU A 91 28.88 -9.25 9.48
N SER A 92 27.74 -9.83 9.86
CA SER A 92 26.46 -9.16 9.64
C SER A 92 26.34 -7.89 10.48
N ALA A 93 26.85 -7.93 11.71
CA ALA A 93 26.83 -6.74 12.58
C ALA A 93 28.03 -6.87 13.53
N ALA A 94 29.11 -6.16 13.21
CA ALA A 94 30.34 -6.27 13.97
C ALA A 94 31.20 -5.04 13.76
N VAL A 95 32.14 -4.83 14.68
CA VAL A 95 33.13 -3.72 14.61
C VAL A 95 34.51 -4.37 14.50
N VAL A 96 35.31 -3.98 13.51
CA VAL A 96 36.64 -4.62 13.33
C VAL A 96 37.75 -3.70 13.84
N THR A 97 38.58 -4.23 14.75
CA THR A 97 39.72 -3.50 15.35
C THR A 97 40.96 -4.39 15.25
N GLN A 98 42.15 -3.83 15.46
CA GLN A 98 43.41 -4.61 15.36
C GLN A 98 43.41 -5.73 16.42
N ASP A 99 42.89 -5.46 17.62
CA ASP A 99 42.85 -6.47 18.71
C ASP A 99 41.99 -7.68 18.30
N GLY A 100 40.84 -7.44 17.66
CA GLY A 100 39.96 -8.57 17.26
C GLY A 100 38.63 -8.09 16.71
N ILE A 101 37.69 -9.03 16.54
CA ILE A 101 36.32 -8.74 16.00
C ILE A 101 35.31 -8.82 17.16
N TYR A 102 34.47 -7.80 17.31
CA TYR A 102 33.47 -7.72 18.36
C TYR A 102 32.10 -7.52 17.72
N SER A 103 31.05 -7.83 18.47
CA SER A 103 29.69 -7.73 17.99
C SER A 103 29.02 -6.45 18.47
N ILE A 104 28.13 -5.92 17.64
CA ILE A 104 27.34 -4.74 17.99
C ILE A 104 25.87 -5.04 17.75
N SER A 105 25.50 -6.31 17.87
CA SER A 105 24.14 -6.74 17.53
C SER A 105 23.11 -6.20 18.53
N LYS A 106 23.43 -6.22 19.82
CA LYS A 106 22.48 -5.80 20.83
C LYS A 106 22.47 -4.29 20.99
N ASP A 107 21.41 -3.78 21.65
CA ASP A 107 21.29 -2.35 21.87
C ASP A 107 22.37 -1.84 22.82
N VAL A 108 22.74 -2.63 23.82
CA VAL A 108 23.79 -2.23 24.76
C VAL A 108 25.14 -2.15 24.05
N ASN A 109 25.39 -3.07 23.11
CA ASN A 109 26.63 -3.00 22.35
C ASN A 109 26.68 -1.75 21.49
N LYS A 110 25.56 -1.38 20.88
CA LYS A 110 25.50 -0.15 20.11
C LYS A 110 25.69 1.07 21.00
N ALA A 111 25.15 1.02 22.22
CA ALA A 111 25.39 2.11 23.17
C ALA A 111 26.86 2.22 23.53
N TRP A 112 27.54 1.09 23.67
CA TRP A 112 28.97 1.10 23.95
C TRP A 112 29.76 1.66 22.76
N LEU A 113 29.34 1.33 21.54
CA LEU A 113 30.12 1.73 20.37
C LEU A 113 29.90 3.20 20.03
N PHE A 114 28.65 3.63 19.95
CA PHE A 114 28.37 5.00 19.51
C PHE A 114 28.56 6.01 20.64
N THR A 115 28.66 5.54 21.88
CA THR A 115 28.99 6.37 23.02
C THR A 115 30.19 5.77 23.73
N THR A 116 31.27 6.55 23.83
CA THR A 116 32.57 6.08 24.32
C THR A 116 33.09 4.94 23.47
N PRO A 117 33.51 5.21 22.23
CA PRO A 117 33.97 4.14 21.34
C PRO A 117 35.37 3.68 21.72
N PRO A 118 35.80 2.53 21.22
CA PRO A 118 37.19 2.10 21.42
C PRO A 118 38.15 2.99 20.66
N PRO A 119 39.24 3.41 21.29
CA PRO A 119 40.21 4.32 20.64
C PRO A 119 41.22 3.63 19.74
N ALA A 120 40.84 3.43 18.48
CA ALA A 120 41.71 2.76 17.51
C ALA A 120 41.19 3.07 16.12
N PRO A 121 41.92 2.67 15.07
CA PRO A 121 41.30 2.51 13.76
C PRO A 121 40.45 1.26 13.73
N PHE A 122 39.27 1.36 13.12
CA PHE A 122 38.37 0.22 13.07
C PHE A 122 37.38 0.39 11.92
N LEU A 123 36.66 -0.69 11.64
CA LEU A 123 35.68 -0.76 10.56
C LEU A 123 34.34 -1.20 11.14
N VAL A 124 33.27 -0.50 10.78
CA VAL A 124 31.94 -0.75 11.31
C VAL A 124 31.00 -1.10 10.16
N VAL A 125 30.34 -2.25 10.25
CA VAL A 125 29.37 -2.69 9.25
C VAL A 125 28.15 -3.28 9.94
N HIS A 126 26.98 -2.99 9.38
CA HIS A 126 25.73 -3.54 9.88
C HIS A 126 24.86 -3.96 8.70
N SER A 127 24.31 -5.16 8.77
CA SER A 127 23.49 -5.67 7.69
C SER A 127 22.05 -5.19 7.81
N SER A 128 21.39 -5.05 6.66
CA SER A 128 20.01 -4.63 6.60
C SER A 128 19.09 -5.67 5.99
N SER A 129 19.61 -6.85 5.64
CA SER A 129 18.83 -7.89 4.98
C SER A 129 19.41 -9.24 5.38
N THR A 130 19.04 -10.28 4.63
CA THR A 130 19.49 -11.63 4.96
C THR A 130 21.00 -11.77 4.81
N MET A 131 21.56 -11.31 3.69
CA MET A 131 22.99 -11.36 3.47
C MET A 131 23.36 -10.32 2.43
N GLN A 132 24.46 -9.61 2.65
CA GLN A 132 24.83 -8.49 1.80
C GLN A 132 26.34 -8.37 1.72
N HIS A 133 26.81 -7.65 0.70
CA HIS A 133 28.22 -7.29 0.57
C HIS A 133 28.42 -5.93 1.23
N LEU A 134 29.16 -5.90 2.34
CA LEU A 134 29.38 -4.65 3.05
C LEU A 134 30.82 -4.36 3.41
N SER A 135 31.69 -5.37 3.50
CA SER A 135 33.02 -5.16 4.06
C SER A 135 33.90 -4.30 3.16
N TRP A 136 33.86 -4.52 1.84
CA TRP A 136 34.83 -3.91 0.95
C TRP A 136 34.39 -2.56 0.41
N ARG A 137 33.17 -2.11 0.68
CA ARG A 137 32.70 -0.83 0.18
C ARG A 137 32.50 0.20 1.29
N THR A 138 33.09 -0.03 2.46
CA THR A 138 33.01 0.91 3.56
C THR A 138 34.42 1.35 3.95
N PRO A 139 34.65 2.65 4.12
CA PRO A 139 35.99 3.12 4.53
C PRO A 139 36.26 2.81 5.99
N VAL A 140 37.54 2.74 6.32
CA VAL A 140 37.96 2.62 7.70
C VAL A 140 37.94 3.99 8.35
N THR A 141 37.79 4.02 9.66
CA THR A 141 37.74 5.27 10.42
C THR A 141 39.08 5.47 11.12
N LEU A 142 39.79 6.54 10.75
CA LEU A 142 41.06 6.86 11.38
C LEU A 142 40.91 7.68 12.64
N ASP A 143 39.74 8.27 12.88
CA ASP A 143 39.48 9.10 14.05
C ASP A 143 38.30 8.55 14.82
N ASN A 144 38.25 8.89 16.11
CA ASN A 144 37.23 8.38 17.02
C ASN A 144 35.97 9.23 17.04
N ARG A 145 36.07 10.52 16.75
CA ARG A 145 34.93 11.42 16.82
C ARG A 145 34.21 11.57 15.49
N ARG A 146 34.61 10.82 14.47
CA ARG A 146 33.93 10.80 13.17
C ARG A 146 33.95 9.35 12.70
N ILE A 147 32.83 8.66 12.84
CA ILE A 147 32.76 7.22 12.62
C ILE A 147 32.01 6.95 11.33
N HIS A 148 32.61 6.16 10.45
CA HIS A 148 31.98 5.72 9.22
C HIS A 148 31.33 4.36 9.46
N VAL A 149 30.01 4.31 9.32
CA VAL A 149 29.25 3.08 9.56
C VAL A 149 28.40 2.79 8.33
N ARG A 150 28.45 1.55 7.85
CA ARG A 150 27.68 1.11 6.70
C ARG A 150 26.48 0.31 7.16
N TYR A 151 25.29 0.74 6.79
CA TYR A 151 24.05 0.05 7.16
C TYR A 151 23.29 -0.28 5.88
N GLY A 152 23.47 -1.50 5.40
CA GLY A 152 22.86 -1.92 4.16
C GLY A 152 23.39 -1.15 2.97
N PRO A 153 22.51 -0.47 2.24
CA PRO A 153 22.94 0.41 1.15
C PRO A 153 23.25 1.84 1.57
N ASN A 154 23.40 2.12 2.86
CA ASN A 154 23.63 3.47 3.35
C ASN A 154 25.01 3.57 4.00
N LEU A 155 25.72 4.66 3.70
CA LEU A 155 26.99 4.98 4.34
C LEU A 155 26.75 6.19 5.24
N PHE A 156 26.83 5.98 6.55
CA PHE A 156 26.48 6.99 7.54
C PHE A 156 27.74 7.57 8.18
N ILE A 157 27.56 8.69 8.86
CA ILE A 157 28.60 9.30 9.69
C ILE A 157 28.01 9.61 11.05
N VAL A 158 28.68 9.15 12.11
CA VAL A 158 28.19 9.28 13.48
C VAL A 158 29.23 10.03 14.30
N ARG A 159 28.79 11.04 15.04
CA ARG A 159 29.62 11.75 16.00
C ARG A 159 29.15 11.43 17.40
N PRO A 160 29.98 10.81 18.25
CA PRO A 160 29.53 10.48 19.61
C PRO A 160 29.12 11.68 20.44
N GLU A 161 29.71 12.86 20.21
CA GLU A 161 29.33 14.03 20.98
C GLU A 161 27.88 14.42 20.76
N VAL A 162 27.42 14.38 19.50
CA VAL A 162 26.04 14.74 19.20
C VAL A 162 25.08 13.73 19.82
N VAL A 163 25.43 12.44 19.76
CA VAL A 163 24.61 11.41 20.37
C VAL A 163 24.50 11.63 21.88
N ARG A 164 25.64 11.93 22.52
CA ARG A 164 25.62 12.17 23.97
C ARG A 164 24.78 13.39 24.32
N LYS A 165 24.90 14.47 23.55
CA LYS A 165 24.10 15.67 23.84
C LYS A 165 22.62 15.38 23.68
N ALA A 166 22.24 14.66 22.62
CA ALA A 166 20.83 14.34 22.42
C ALA A 166 20.30 13.46 23.54
N LEU A 167 21.08 12.47 23.96
CA LEU A 167 20.65 11.60 25.05
C LEU A 167 20.49 12.39 26.35
N SER A 168 21.41 13.31 26.63
CA SER A 168 21.29 14.13 27.84
C SER A 168 20.05 15.02 27.77
N ILE A 169 19.75 15.57 26.60
CA ILE A 169 18.54 16.37 26.42
C ILE A 169 17.30 15.53 26.71
N ALA A 170 17.26 14.32 26.14
CA ALA A 170 16.10 13.45 26.34
C ALA A 170 15.92 13.07 27.79
N ASP A 171 17.02 12.81 28.50
CA ASP A 171 16.92 12.53 29.93
C ASP A 171 16.45 13.76 30.70
N ARG A 172 16.95 14.95 30.34
CA ARG A 172 16.55 16.16 31.05
C ARG A 172 15.06 16.43 30.91
N VAL A 173 14.52 16.28 29.71
CA VAL A 173 13.10 16.56 29.52
C VAL A 173 12.21 15.52 30.20
N ASN A 174 12.74 14.33 30.48
CA ASN A 174 11.97 13.25 31.08
C ASN A 174 12.03 13.25 32.60
N GLU A 175 12.69 14.23 33.20
CA GLU A 175 12.77 14.29 34.66
C GLU A 175 11.44 14.69 35.26
N GLY A 176 11.09 14.07 36.39
CA GLY A 176 9.86 14.36 37.08
C GLY A 176 8.62 13.68 36.53
N GLN A 177 8.78 12.81 35.53
CA GLN A 177 7.67 12.08 34.94
C GLN A 177 7.81 10.60 35.30
N LYS A 178 6.71 10.00 35.75
CA LYS A 178 6.75 8.59 36.13
C LYS A 178 6.89 7.67 34.93
N LYS A 179 6.53 8.14 33.73
CA LYS A 179 6.66 7.37 32.50
C LYS A 179 7.62 8.07 31.56
N TRP A 180 8.14 7.32 30.59
CA TRP A 180 9.06 7.85 29.59
C TRP A 180 8.28 8.23 28.34
N VAL A 181 8.56 9.42 27.82
CA VAL A 181 7.98 9.89 26.56
C VAL A 181 9.12 10.36 25.67
N THR A 182 9.15 9.87 24.43
CA THR A 182 10.21 10.25 23.50
C THR A 182 9.90 11.60 22.86
N PRO A 183 10.81 12.57 22.92
CA PRO A 183 10.57 13.84 22.23
C PRO A 183 10.47 13.72 20.72
N VAL A 184 11.21 12.78 20.11
CA VAL A 184 11.24 12.63 18.67
C VAL A 184 11.02 11.16 18.33
N TYR A 185 10.57 10.92 17.10
CA TYR A 185 10.38 9.57 16.58
C TYR A 185 11.55 9.21 15.67
N PHE A 186 12.17 8.07 15.94
CA PHE A 186 13.24 7.55 15.12
C PHE A 186 12.93 6.10 14.76
N ASP A 187 13.19 5.74 13.51
CA ASP A 187 12.88 4.41 12.99
C ASP A 187 14.14 3.55 13.02
N ARG A 188 14.03 2.36 13.60
CA ARG A 188 15.16 1.44 13.62
C ARG A 188 15.55 1.00 12.21
N LYS A 189 14.61 0.99 11.29
CA LYS A 189 14.89 0.64 9.89
C LYS A 189 15.18 1.85 9.02
N ALA A 190 14.99 3.07 9.56
CA ALA A 190 15.24 4.31 8.83
C ALA A 190 14.47 4.34 7.51
N ALA A 191 13.17 4.11 7.59
CA ALA A 191 12.32 4.00 6.41
C ALA A 191 11.02 4.76 6.49
N ALA A 192 10.54 5.13 7.68
CA ALA A 192 9.26 5.78 7.80
C ALA A 192 9.30 7.19 7.23
N MET A 193 8.14 7.66 6.77
CA MET A 193 8.04 9.02 6.26
C MET A 193 8.28 10.05 7.36
N GLY A 194 7.84 9.74 8.57
CA GLY A 194 8.05 10.63 9.69
C GLY A 194 9.26 10.29 10.52
N HIS A 195 10.35 9.88 9.86
CA HIS A 195 11.58 9.50 10.54
C HIS A 195 12.33 10.78 10.90
N GLY A 196 12.35 11.11 12.19
CA GLY A 196 12.98 12.32 12.66
C GLY A 196 12.04 13.47 12.96
N LEU A 197 10.76 13.21 13.14
CA LEU A 197 9.79 14.27 13.36
C LEU A 197 9.71 14.68 14.82
N ILE A 198 9.17 15.86 15.06
CA ILE A 198 8.88 16.35 16.41
C ILE A 198 7.49 15.87 16.78
N THR A 199 7.37 15.15 17.90
CA THR A 199 6.07 14.67 18.35
C THR A 199 5.32 15.79 19.05
N ARG A 200 4.04 15.54 19.33
CA ARG A 200 3.22 16.53 20.04
C ARG A 200 3.74 16.76 21.45
N ALA A 201 4.11 15.67 22.14
CA ALA A 201 4.66 15.82 23.48
C ALA A 201 6.01 16.53 23.46
N GLY A 202 6.84 16.26 22.44
CA GLY A 202 8.11 16.94 22.33
C GLY A 202 8.01 18.38 21.86
N ALA A 203 6.85 18.80 21.38
CA ALA A 203 6.65 20.17 20.95
C ALA A 203 6.32 21.11 22.11
N GLU A 204 6.13 20.57 23.32
CA GLU A 204 5.80 21.38 24.48
C GLU A 204 6.90 21.42 25.54
N MET A 205 7.77 20.42 25.59
CA MET A 205 8.85 20.37 26.58
C MET A 205 10.21 20.64 25.97
N LEU A 206 10.26 21.02 24.69
CA LEU A 206 11.50 21.33 24.01
C LEU A 206 11.48 22.79 23.57
N THR A 207 12.57 23.49 23.83
CA THR A 207 12.70 24.89 23.44
C THR A 207 13.01 25.00 21.95
N GLN A 208 13.00 26.24 21.45
CA GLN A 208 13.19 26.45 20.02
C GLN A 208 14.59 26.02 19.58
N GLU A 209 15.62 26.38 20.35
CA GLU A 209 16.97 26.01 19.96
C GLU A 209 17.19 24.50 20.03
N GLU A 210 16.55 23.84 21.01
CA GLU A 210 16.66 22.38 21.10
C GLU A 210 15.97 21.71 19.93
N GLN A 211 14.81 22.22 19.52
CA GLN A 211 14.12 21.70 18.35
C GLN A 211 14.95 21.90 17.09
N GLU A 212 15.59 23.07 16.96
CA GLU A 212 16.47 23.30 15.82
C GLU A 212 17.68 22.37 15.85
N PHE A 213 18.21 22.08 17.04
CA PHE A 213 19.32 21.13 17.15
C PHE A 213 18.89 19.74 16.68
N PHE A 214 17.70 19.31 17.09
CA PHE A 214 17.22 17.99 16.67
C PHE A 214 16.94 17.96 15.17
N GLN A 215 16.48 19.08 14.61
CA GLN A 215 16.18 19.12 13.19
C GLN A 215 17.43 18.97 12.33
N SER A 216 18.54 19.56 12.77
CA SER A 216 19.79 19.56 12.01
C SER A 216 20.71 18.48 12.58
N VAL A 217 20.57 17.26 12.07
CA VAL A 217 21.37 16.12 12.53
C VAL A 217 21.54 15.17 11.35
N THR A 218 22.73 14.59 11.24
CA THR A 218 23.02 13.70 10.12
C THR A 218 22.14 12.44 10.21
N PRO A 219 21.86 11.80 9.06
CA PRO A 219 21.03 10.59 9.10
C PRO A 219 21.60 9.46 9.95
N GLY A 220 22.93 9.33 10.01
CA GLY A 220 23.52 8.29 10.83
C GLY A 220 23.25 8.47 12.30
N GLU A 221 23.31 9.72 12.77
CA GLU A 221 23.01 9.99 14.18
C GLU A 221 21.54 9.70 14.48
N ARG A 222 20.64 10.01 13.55
CA ARG A 222 19.24 9.64 13.73
C ARG A 222 19.07 8.13 13.81
N TRP A 223 19.75 7.39 12.95
CA TRP A 223 19.65 5.94 12.98
C TRP A 223 20.18 5.36 14.28
N ALA A 224 21.26 5.92 14.81
CA ALA A 224 21.79 5.46 16.09
C ALA A 224 20.85 5.82 17.25
N LEU A 225 20.31 7.05 17.24
CA LEU A 225 19.39 7.45 18.28
C LEU A 225 18.10 6.64 18.25
N SER A 226 17.81 6.03 17.10
CA SER A 226 16.68 5.09 17.05
C SER A 226 16.89 3.93 18.00
N TYR A 227 18.11 3.38 18.05
CA TYR A 227 18.41 2.29 18.96
C TYR A 227 18.59 2.76 20.39
N LEU A 228 19.18 3.94 20.60
CA LEU A 228 19.59 4.36 21.94
C LEU A 228 18.53 5.11 22.73
N MET A 229 17.44 5.55 22.09
CA MET A 229 16.47 6.43 22.77
C MET A 229 15.10 5.77 22.78
N HIS A 230 14.85 4.94 23.79
CA HIS A 230 13.54 4.33 23.99
C HIS A 230 13.28 4.24 25.49
N SER A 231 12.19 3.55 25.86
CA SER A 231 11.71 3.58 27.23
C SER A 231 12.74 3.05 28.21
N LYS A 232 13.40 1.95 27.87
CA LYS A 232 14.47 1.40 28.69
C LYS A 232 15.80 1.81 28.08
N ARG A 233 16.57 2.60 28.82
CA ARG A 233 17.81 3.15 28.29
C ARG A 233 18.95 2.16 28.48
N PRO A 234 19.53 1.64 27.41
CA PRO A 234 20.59 0.64 27.56
C PRO A 234 21.85 1.23 28.18
N GLU A 235 22.60 0.38 28.87
CA GLU A 235 23.85 0.74 29.51
C GLU A 235 25.02 0.22 28.68
N PRO A 236 26.07 1.00 28.50
CA PRO A 236 27.18 0.57 27.63
C PRO A 236 27.92 -0.62 28.22
N GLU A 237 28.09 -1.66 27.40
CA GLU A 237 29.00 -2.75 27.72
C GLU A 237 29.57 -3.33 26.43
N VAL A 238 30.77 -3.90 26.54
CA VAL A 238 31.52 -4.32 25.37
C VAL A 238 30.80 -5.47 24.67
N GLY A 239 31.00 -5.58 23.36
CA GLY A 239 30.41 -6.67 22.62
C GLY A 239 31.19 -7.96 22.78
N GLU A 240 30.54 -9.07 22.44
CA GLU A 240 31.17 -10.38 22.53
C GLU A 240 32.22 -10.53 21.44
N CYS A 241 33.37 -11.10 21.81
CA CYS A 241 34.47 -11.31 20.86
C CYS A 241 34.16 -12.52 19.99
N ILE A 242 34.10 -12.31 18.68
CA ILE A 242 33.77 -13.37 17.73
C ILE A 242 34.90 -13.62 16.74
N THR A 243 36.15 -13.38 17.16
CA THR A 243 37.28 -13.59 16.26
C THR A 243 37.48 -15.07 15.97
N GLU A 244 37.48 -15.90 17.01
CA GLU A 244 37.75 -17.33 16.84
C GLU A 244 36.60 -18.03 16.10
N LYS A 245 35.36 -17.62 16.37
CA LYS A 245 34.22 -18.21 15.68
C LYS A 245 34.30 -17.98 14.18
N VAL A 246 34.55 -16.73 13.77
CA VAL A 246 34.70 -16.41 12.36
C VAL A 246 35.92 -17.11 11.77
N MET A 247 37.03 -17.12 12.51
CA MET A 247 38.26 -17.73 12.00
C MET A 247 38.09 -19.22 11.74
N THR A 248 37.41 -19.92 12.66
CA THR A 248 37.18 -21.36 12.48
C THR A 248 36.08 -21.65 11.48
N SER A 249 35.13 -20.74 11.27
CA SER A 249 34.14 -20.93 10.22
C SER A 249 34.77 -20.76 8.85
N LEU A 250 35.68 -19.79 8.70
CA LEU A 250 36.36 -19.59 7.42
C LEU A 250 37.24 -20.77 7.07
N ASN A 251 37.94 -21.32 8.05
CA ASN A 251 38.82 -22.47 7.82
C ASN A 251 38.16 -23.77 8.27
N VAL B 2 37.38 40.44 -3.58
CA VAL B 2 37.69 39.13 -4.11
C VAL B 2 37.14 38.05 -3.17
N ASN B 3 36.78 38.46 -1.95
CA ASN B 3 36.04 37.61 -1.03
C ASN B 3 34.56 37.84 -1.24
N LEU B 4 33.80 36.76 -1.40
CA LEU B 4 32.38 36.89 -1.69
C LEU B 4 31.63 35.67 -1.17
N LYS B 5 30.31 35.80 -1.11
CA LYS B 5 29.43 34.76 -0.58
C LYS B 5 28.37 34.41 -1.62
N VAL B 6 27.93 33.16 -1.60
CA VAL B 6 26.98 32.63 -2.56
C VAL B 6 25.77 32.08 -1.83
N THR B 7 24.57 32.46 -2.30
CA THR B 7 23.32 32.04 -1.72
C THR B 7 22.40 31.53 -2.82
N ILE B 8 21.74 30.40 -2.58
CA ILE B 8 20.93 29.72 -3.59
C ILE B 8 19.54 29.46 -3.02
N ASP B 9 18.51 29.79 -3.81
CA ASP B 9 17.12 29.55 -3.47
C ASP B 9 16.58 28.44 -4.36
N LEU B 10 15.94 27.44 -3.76
CA LEU B 10 15.32 26.37 -4.52
C LEU B 10 13.83 26.28 -4.21
N SER B 11 13.03 26.02 -5.25
CA SER B 11 11.58 25.95 -5.14
C SER B 11 11.08 24.51 -5.12
N ASN B 12 11.91 23.58 -4.64
CA ASN B 12 11.59 22.16 -4.68
C ASN B 12 12.45 21.45 -3.65
N PRO B 13 11.92 20.49 -2.92
CA PRO B 13 12.76 19.70 -2.03
C PRO B 13 13.84 18.98 -2.83
N MET B 14 15.03 18.89 -2.23
CA MET B 14 16.17 18.27 -2.88
C MET B 14 16.68 17.11 -2.03
N MET B 15 17.36 16.18 -2.68
CA MET B 15 17.98 15.07 -1.97
C MET B 15 19.05 15.60 -1.02
N GLU B 16 18.97 15.19 0.23
CA GLU B 16 19.95 15.62 1.22
C GLU B 16 21.30 14.97 0.94
N PRO B 17 22.37 15.73 0.78
CA PRO B 17 23.67 15.13 0.43
C PRO B 17 24.21 14.27 1.57
N GLY B 18 24.79 13.13 1.19
CA GLY B 18 25.40 12.26 2.18
C GLY B 18 26.66 12.85 2.80
N ASP B 19 27.49 13.48 1.99
CA ASP B 19 28.73 14.11 2.43
C ASP B 19 28.66 15.61 2.12
N LEU B 20 29.79 16.29 2.33
CA LEU B 20 29.86 17.71 2.00
C LEU B 20 29.71 17.92 0.51
N LEU B 21 28.94 18.94 0.14
CA LEU B 21 28.78 19.36 -1.24
C LEU B 21 29.58 20.64 -1.43
N HIS B 22 30.77 20.51 -1.99
CA HIS B 22 31.66 21.66 -2.14
C HIS B 22 31.22 22.52 -3.31
N LEU B 23 31.47 23.84 -3.19
CA LEU B 23 31.10 24.77 -4.25
C LEU B 23 31.93 24.54 -5.50
N ASP B 24 33.21 24.19 -5.34
CA ASP B 24 34.08 24.00 -6.48
C ASP B 24 33.64 22.78 -7.31
N ALA B 25 33.04 21.77 -6.69
CA ALA B 25 32.53 20.63 -7.43
C ALA B 25 31.39 21.04 -8.36
N LEU B 26 30.45 21.83 -7.85
CA LEU B 26 29.36 22.32 -8.69
C LEU B 26 29.88 23.23 -9.79
N LEU B 27 30.84 24.10 -9.47
CA LEU B 27 31.42 24.96 -10.50
C LEU B 27 32.11 24.13 -11.58
N GLY B 28 32.81 23.05 -11.18
CA GLY B 28 33.45 22.20 -12.16
C GLY B 28 32.45 21.47 -13.03
N ALA B 29 31.34 21.02 -12.45
CA ALA B 29 30.29 20.40 -13.25
C ALA B 29 29.73 21.37 -14.28
N LEU B 30 29.47 22.61 -13.86
CA LEU B 30 28.97 23.61 -14.81
C LEU B 30 29.99 23.92 -15.90
N ARG B 31 31.27 24.02 -15.54
CA ARG B 31 32.31 24.30 -16.52
C ARG B 31 32.45 23.16 -17.52
N VAL B 32 32.34 21.92 -17.05
CA VAL B 32 32.39 20.78 -17.95
C VAL B 32 31.18 20.76 -18.87
N SER B 33 30.01 21.15 -18.36
CA SER B 33 28.83 21.25 -19.21
C SER B 33 29.04 22.29 -20.31
N ARG B 34 29.59 23.44 -19.96
CA ARG B 34 29.88 24.46 -20.97
C ARG B 34 30.88 23.96 -22.00
N ALA B 35 31.91 23.25 -21.54
CA ALA B 35 32.89 22.68 -22.48
C ALA B 35 32.26 21.65 -23.39
N ARG B 36 31.31 20.86 -22.87
CA ARG B 36 30.60 19.91 -23.71
C ARG B 36 29.75 20.62 -24.77
N ALA B 37 29.10 21.71 -24.37
CA ALA B 37 28.31 22.47 -25.34
C ALA B 37 29.19 23.12 -26.40
N GLU B 38 30.43 23.46 -26.05
CA GLU B 38 31.33 24.11 -27.01
C GLU B 38 32.01 23.09 -27.94
N HIS B 39 32.76 22.15 -27.37
CA HIS B 39 33.60 21.24 -28.15
C HIS B 39 32.90 19.95 -28.55
N GLY B 40 31.74 19.64 -27.98
CA GLY B 40 31.03 18.41 -28.28
C GLY B 40 31.09 17.44 -27.11
N ASP B 41 30.43 16.31 -27.32
CA ASP B 41 30.27 15.30 -26.27
C ASP B 41 31.50 14.42 -26.08
N ALA B 42 32.42 14.38 -27.05
CA ALA B 42 33.57 13.49 -27.00
C ALA B 42 34.79 14.28 -26.51
N ILE B 43 34.73 14.70 -25.25
CA ILE B 43 35.80 15.44 -24.62
C ILE B 43 36.20 14.74 -23.32
N ASN B 44 37.39 15.06 -22.84
CA ASN B 44 37.85 14.55 -21.56
C ASN B 44 37.49 15.53 -20.46
N PRO B 45 36.57 15.19 -19.56
CA PRO B 45 36.14 16.16 -18.54
C PRO B 45 37.26 16.59 -17.60
N ARG B 46 38.26 15.73 -17.39
CA ARG B 46 39.34 16.08 -16.47
C ARG B 46 40.25 17.15 -17.04
N ASP B 47 40.09 17.49 -18.32
CA ASP B 47 40.88 18.57 -18.91
C ASP B 47 40.36 19.94 -18.48
N TYR B 48 39.04 20.06 -18.28
CA TYR B 48 38.42 21.35 -18.07
C TYR B 48 37.85 21.54 -16.67
N HIS B 49 37.82 20.49 -15.85
CA HIS B 49 37.09 20.59 -14.58
C HIS B 49 37.86 21.42 -13.55
N TYR B 50 39.14 21.68 -13.79
CA TYR B 50 39.93 22.52 -12.89
C TYR B 50 40.09 23.95 -13.38
N ASP B 51 39.50 24.30 -14.52
CA ASP B 51 39.62 25.64 -15.07
C ASP B 51 38.54 26.55 -14.48
N LEU B 52 38.69 26.83 -13.19
CA LEU B 52 37.70 27.56 -12.41
C LEU B 52 38.22 28.93 -12.00
N PRO B 53 37.34 29.91 -11.83
CA PRO B 53 37.75 31.24 -11.34
C PRO B 53 37.82 31.30 -9.81
N LEU B 54 38.73 30.52 -9.24
CA LEU B 54 38.93 30.49 -7.81
C LEU B 54 40.42 30.41 -7.50
N GLU B 55 40.81 30.97 -6.37
CA GLU B 55 42.19 30.85 -5.91
C GLU B 55 42.41 29.48 -5.30
N ARG B 56 43.68 29.07 -5.23
CA ARG B 56 44.05 27.77 -4.70
C ARG B 56 44.97 27.93 -3.50
N TYR B 57 44.71 27.17 -2.45
CA TYR B 57 45.58 27.18 -1.28
C TYR B 57 46.63 26.08 -1.44
N GLN B 58 47.90 26.47 -1.38
CA GLN B 58 49.01 25.56 -1.57
C GLN B 58 49.58 25.17 -0.21
N ALA B 59 49.30 23.95 0.22
CA ALA B 59 49.87 23.44 1.46
C ALA B 59 51.34 23.11 1.25
N PRO B 60 52.11 22.99 2.33
CA PRO B 60 53.48 22.50 2.20
C PRO B 60 53.50 21.11 1.58
N SER B 61 54.49 20.88 0.71
CA SER B 61 54.64 19.62 -0.02
C SER B 61 53.42 19.37 -0.93
N GLY B 62 53.16 20.34 -1.80
CA GLY B 62 52.08 20.21 -2.76
C GLY B 62 50.73 20.14 -2.08
N ASP B 63 49.86 19.27 -2.60
CA ASP B 63 48.53 19.04 -2.04
C ASP B 63 47.72 20.33 -1.98
N TRP B 64 47.44 20.88 -3.16
CA TRP B 64 46.68 22.12 -3.25
C TRP B 64 45.18 21.85 -3.15
N VAL B 65 44.44 22.90 -2.85
CA VAL B 65 43.00 22.83 -2.59
C VAL B 65 42.38 24.18 -2.93
N PHE B 66 41.21 24.14 -3.57
CA PHE B 66 40.53 25.36 -3.97
C PHE B 66 40.07 26.17 -2.76
N LYS B 67 39.98 27.49 -2.94
CA LYS B 67 39.55 28.40 -1.88
C LYS B 67 38.02 28.52 -1.90
N ALA B 68 37.36 27.38 -1.74
CA ALA B 68 35.91 27.33 -1.76
C ALA B 68 35.43 26.36 -0.69
N SER B 69 34.33 26.72 -0.04
CA SER B 69 33.80 25.96 1.09
C SER B 69 32.62 25.10 0.64
N ALA B 70 32.08 24.34 1.60
CA ALA B 70 30.95 23.45 1.36
C ALA B 70 29.65 24.14 1.76
N PHE B 71 28.57 23.77 1.07
CA PHE B 71 27.29 24.43 1.28
C PHE B 71 26.70 24.09 2.65
N LYS B 72 26.06 25.07 3.28
CA LYS B 72 25.35 24.89 4.53
C LYS B 72 23.86 25.10 4.31
N LEU B 73 23.05 24.37 5.06
CA LEU B 73 21.60 24.36 4.87
C LEU B 73 20.90 25.11 5.99
N LYS B 74 20.00 26.02 5.62
CA LYS B 74 19.10 26.68 6.54
C LYS B 74 17.71 26.08 6.31
N ARG B 75 17.34 25.12 7.15
CA ARG B 75 16.14 24.32 6.91
C ARG B 75 14.87 25.14 7.07
N GLN B 76 13.92 24.92 6.17
CA GLN B 76 12.61 25.56 6.25
C GLN B 76 11.48 24.56 6.42
N LEU B 77 11.76 23.26 6.38
CA LEU B 77 10.76 22.21 6.47
C LEU B 77 11.23 21.15 7.47
N PRO B 78 10.30 20.40 8.04
CA PRO B 78 10.70 19.21 8.81
C PRO B 78 11.29 18.14 7.90
N ASN B 79 12.15 17.30 8.49
CA ASN B 79 12.81 16.27 7.72
C ASN B 79 11.86 15.14 7.38
N GLN B 80 11.82 14.76 6.11
CA GLN B 80 10.96 13.70 5.61
C GLN B 80 11.78 12.73 4.80
N MET B 81 11.21 11.56 4.52
CA MET B 81 11.92 10.48 3.87
C MET B 81 11.17 10.06 2.61
N TRP B 82 11.93 9.73 1.56
CA TRP B 82 11.38 9.46 0.24
C TRP B 82 11.68 8.02 -0.15
N MET B 83 10.68 7.33 -0.70
CA MET B 83 10.78 5.93 -1.07
C MET B 83 10.69 5.76 -2.57
N GLN B 84 11.53 4.89 -3.13
CA GLN B 84 11.48 4.54 -4.53
C GLN B 84 11.66 3.03 -4.67
N THR B 85 11.22 2.50 -5.80
CA THR B 85 11.17 1.07 -6.03
C THR B 85 11.72 0.74 -7.41
N GLY B 86 12.43 -0.38 -7.52
CA GLY B 86 12.84 -0.89 -8.81
C GLY B 86 12.30 -2.28 -9.07
N ARG B 87 11.60 -2.46 -10.19
CA ARG B 87 10.99 -3.75 -10.50
C ARG B 87 10.90 -3.92 -12.02
N LEU B 88 10.99 -5.16 -12.47
CA LEU B 88 10.87 -5.49 -13.89
C LEU B 88 9.64 -6.38 -14.09
N SER B 89 8.79 -6.00 -15.03
CA SER B 89 7.52 -6.69 -15.22
C SER B 89 7.73 -8.10 -15.76
N ILE B 90 6.94 -9.04 -15.24
CA ILE B 90 7.03 -10.43 -15.67
C ILE B 90 5.89 -10.85 -16.59
N VAL B 91 4.80 -10.07 -16.65
CA VAL B 91 3.71 -10.39 -17.57
C VAL B 91 4.12 -10.07 -19.00
N GLU B 92 4.65 -8.86 -19.24
CA GLU B 92 5.19 -8.54 -20.54
C GLU B 92 6.40 -9.41 -20.87
N ALA B 93 7.21 -9.73 -19.87
CA ALA B 93 8.31 -10.66 -20.10
C ALA B 93 7.80 -12.03 -20.53
N ALA B 94 6.72 -12.49 -19.91
CA ALA B 94 6.13 -13.77 -20.31
C ALA B 94 5.62 -13.72 -21.75
N ARG B 95 4.93 -12.64 -22.11
CA ARG B 95 4.39 -12.53 -23.47
C ARG B 95 5.52 -12.47 -24.50
N HIS B 96 6.56 -11.68 -24.22
CA HIS B 96 7.69 -11.59 -25.13
C HIS B 96 8.44 -12.92 -25.24
N ARG B 97 8.64 -13.62 -24.13
CA ARG B 97 9.29 -14.92 -24.18
C ARG B 97 8.47 -15.92 -24.98
N GLN B 98 7.15 -15.86 -24.86
CA GLN B 98 6.30 -16.74 -25.64
C GLN B 98 6.34 -16.39 -27.12
N SER B 99 6.45 -15.11 -27.46
CA SER B 99 6.47 -14.68 -28.85
C SER B 99 7.84 -14.78 -29.51
N GLY B 100 8.87 -15.16 -28.76
CA GLY B 100 10.21 -15.26 -29.31
C GLY B 100 10.98 -13.96 -29.38
N TYR B 101 10.38 -12.84 -29.00
CA TYR B 101 11.07 -11.55 -29.04
C TYR B 101 12.16 -11.46 -27.98
N LEU B 102 11.98 -12.15 -26.85
CA LEU B 102 12.97 -12.21 -25.79
C LEU B 102 13.56 -13.60 -25.74
N GLN B 103 14.90 -13.68 -25.71
CA GLN B 103 15.60 -14.96 -25.75
C GLN B 103 15.99 -15.37 -24.33
N LEU B 104 15.04 -15.97 -23.63
CA LEU B 104 15.23 -16.44 -22.26
C LEU B 104 14.88 -17.92 -22.18
N ARG B 105 15.75 -18.69 -21.55
CA ARG B 105 15.55 -20.13 -21.39
C ARG B 105 15.25 -20.54 -19.95
N ALA B 106 15.29 -19.59 -19.01
CA ALA B 106 14.99 -19.91 -17.63
C ALA B 106 13.48 -20.16 -17.46
N GLY B 107 13.15 -20.90 -16.41
CA GLY B 107 11.78 -21.29 -16.17
C GLY B 107 10.92 -20.22 -15.52
N LYS B 108 11.35 -19.72 -14.36
CA LYS B 108 10.57 -18.77 -13.59
C LYS B 108 11.47 -17.64 -13.12
N PRO B 109 10.90 -16.46 -12.87
CA PRO B 109 11.69 -15.35 -12.33
C PRO B 109 11.97 -15.54 -10.85
N ASN B 110 12.99 -14.81 -10.38
CA ASN B 110 13.41 -14.85 -8.98
C ASN B 110 13.38 -13.44 -8.41
N PRO B 111 12.42 -13.11 -7.54
CA PRO B 111 12.37 -11.77 -6.96
C PRO B 111 13.48 -11.48 -5.96
N ALA B 112 14.22 -12.49 -5.50
CA ALA B 112 15.28 -12.26 -4.54
C ALA B 112 16.52 -11.67 -5.20
N GLY B 113 16.76 -12.00 -6.45
CA GLY B 113 17.92 -11.48 -7.16
C GLY B 113 17.84 -11.79 -8.64
N GLY B 114 18.75 -11.18 -9.39
CA GLY B 114 18.81 -11.39 -10.81
C GLY B 114 18.14 -10.29 -11.61
N PRO B 115 17.84 -10.56 -12.87
CA PRO B 115 17.20 -9.53 -13.71
C PRO B 115 15.85 -9.07 -13.18
N PHE B 116 15.07 -9.95 -12.57
CA PHE B 116 13.71 -9.63 -12.13
C PHE B 116 13.64 -9.35 -10.64
N LYS B 117 14.74 -8.89 -10.04
CA LYS B 117 14.76 -8.54 -8.63
C LYS B 117 13.91 -7.31 -8.36
N THR B 118 13.18 -7.35 -7.26
CA THR B 118 12.44 -6.20 -6.76
C THR B 118 13.20 -5.59 -5.60
N SER B 119 13.46 -4.28 -5.66
CA SER B 119 14.22 -3.59 -4.64
C SER B 119 13.47 -2.35 -4.17
N ILE B 120 13.58 -2.07 -2.88
CA ILE B 120 13.01 -0.87 -2.28
C ILE B 120 14.12 -0.14 -1.54
N TYR B 121 14.15 1.18 -1.68
CA TYR B 121 15.21 1.98 -1.07
C TYR B 121 14.64 3.34 -0.68
N HIS B 122 15.17 3.89 0.41
CA HIS B 122 14.67 5.14 0.96
C HIS B 122 15.81 6.13 1.12
N ARG B 123 15.50 7.41 0.90
CA ARG B 123 16.46 8.51 0.98
C ARG B 123 15.77 9.75 1.55
N PRO B 124 16.45 10.52 2.39
CA PRO B 124 15.85 11.74 2.95
C PRO B 124 15.86 12.89 1.96
N ILE B 125 14.89 13.79 2.10
CA ILE B 125 14.81 15.00 1.28
C ILE B 125 14.72 16.20 2.20
N VAL B 126 15.14 17.36 1.70
CA VAL B 126 15.20 18.59 2.49
C VAL B 126 14.89 19.77 1.59
N GLN B 127 14.39 20.84 2.22
CA GLN B 127 14.17 22.11 1.55
C GLN B 127 14.82 23.19 2.41
N ALA B 128 15.79 23.91 1.85
CA ALA B 128 16.58 24.79 2.68
C ALA B 128 17.21 25.91 1.84
N GLU B 129 17.69 26.93 2.55
CA GLU B 129 18.60 27.91 1.97
C GLU B 129 20.02 27.35 1.97
N LEU B 130 20.73 27.53 0.86
CA LEU B 130 22.10 27.05 0.73
C LEU B 130 23.04 28.25 0.63
N THR B 131 24.07 28.25 1.47
CA THR B 131 25.05 29.33 1.50
C THR B 131 26.46 28.75 1.51
N ALA B 132 27.40 29.48 0.93
CA ALA B 132 28.79 29.04 0.85
C ALA B 132 29.67 30.26 0.69
N PHE B 133 30.96 30.06 0.95
CA PHE B 133 31.95 31.14 0.88
C PHE B 133 33.12 30.69 0.02
N CYS B 134 33.71 31.64 -0.71
CA CYS B 134 34.85 31.34 -1.56
C CYS B 134 35.58 32.64 -1.87
N VAL B 135 36.77 32.51 -2.45
CA VAL B 135 37.59 33.67 -2.90
C VAL B 135 37.73 33.57 -4.42
N GLY B 136 37.35 34.62 -5.15
CA GLY B 136 37.41 34.61 -6.63
C GLY B 136 36.76 35.85 -7.23
N ASP B 137 36.59 35.88 -8.56
CA ASP B 137 35.96 37.03 -9.25
C ASP B 137 34.47 36.75 -9.43
N GLN B 138 33.63 37.69 -8.99
CA GLN B 138 32.15 37.57 -9.04
C GLN B 138 31.63 37.48 -10.49
N GLN B 139 32.17 38.29 -11.40
CA GLN B 139 31.69 38.33 -12.80
C GLN B 139 31.85 36.93 -13.42
N GLY B 140 33.00 36.29 -13.18
CA GLY B 140 33.25 34.93 -13.69
C GLY B 140 32.32 33.90 -13.09
N ILE B 141 32.09 33.99 -11.77
CA ILE B 141 31.22 33.02 -11.05
C ILE B 141 29.73 33.11 -11.46
N GLU B 142 29.22 34.32 -11.69
CA GLU B 142 27.80 34.59 -11.92
C GLU B 142 27.29 33.92 -13.19
N ALA B 143 28.10 33.93 -14.26
CA ALA B 143 27.67 33.30 -15.51
C ALA B 143 27.50 31.80 -15.35
N LEU B 144 28.51 31.14 -14.77
CA LEU B 144 28.40 29.70 -14.54
C LEU B 144 27.19 29.37 -13.69
N LEU B 145 26.98 30.12 -12.61
CA LEU B 145 25.85 29.84 -11.73
C LEU B 145 24.52 30.15 -12.42
N SER B 146 24.50 31.10 -13.35
CA SER B 146 23.30 31.36 -14.13
C SER B 146 23.03 30.24 -15.12
N GLU B 147 24.05 29.46 -15.44
CA GLU B 147 23.85 28.28 -16.28
C GLU B 147 23.22 27.11 -15.51
N CYS B 148 23.19 27.16 -14.19
CA CYS B 148 22.75 26.03 -13.38
C CYS B 148 21.26 26.12 -13.09
N ARG B 149 20.59 24.96 -13.10
CA ARG B 149 19.15 24.90 -12.90
C ARG B 149 18.69 23.82 -11.94
N GLN B 150 19.59 22.95 -11.48
CA GLN B 150 19.27 21.96 -10.46
C GLN B 150 20.46 21.77 -9.54
N ILE B 151 20.21 21.39 -8.30
CA ILE B 151 21.25 21.16 -7.32
C ILE B 151 20.95 19.89 -6.56
N GLY B 152 21.99 19.10 -6.29
CA GLY B 152 21.86 17.86 -5.56
C GLY B 152 21.85 16.65 -6.48
N GLY B 153 21.53 15.50 -5.87
CA GLY B 153 21.43 14.26 -6.60
C GLY B 153 20.01 13.96 -7.06
N LYS B 154 19.89 12.86 -7.79
CA LYS B 154 18.62 12.41 -8.34
C LYS B 154 17.98 13.51 -9.19
N ARG B 155 18.79 14.14 -10.02
CA ARG B 155 18.32 15.25 -10.84
C ARG B 155 17.44 14.79 -12.00
N GLY B 156 17.47 13.51 -12.34
CA GLY B 156 16.66 13.01 -13.45
C GLY B 156 15.21 12.80 -13.14
N VAL B 157 14.81 12.89 -11.87
CA VAL B 157 13.42 12.76 -11.47
C VAL B 157 12.88 14.08 -10.93
N GLY B 158 13.61 15.17 -11.13
CA GLY B 158 13.11 16.50 -10.85
C GLY B 158 13.38 17.04 -9.47
N PHE B 159 14.40 16.55 -8.77
CA PHE B 159 14.69 17.01 -7.42
C PHE B 159 15.65 18.20 -7.43
N GLY B 160 15.27 19.25 -6.71
CA GLY B 160 16.16 20.37 -6.47
C GLY B 160 16.15 21.45 -7.52
N GLN B 161 14.97 21.88 -7.94
CA GLN B 161 14.88 22.98 -8.90
C GLN B 161 15.21 24.29 -8.21
N VAL B 162 16.09 25.07 -8.81
CA VAL B 162 16.52 26.34 -8.22
C VAL B 162 15.55 27.43 -8.66
N ALA B 163 15.40 28.44 -7.79
CA ALA B 163 14.55 29.59 -8.09
C ALA B 163 15.34 30.88 -8.29
N GLY B 164 16.52 31.00 -7.69
CA GLY B 164 17.34 32.18 -7.87
C GLY B 164 18.65 32.00 -7.13
N PHE B 165 19.56 32.94 -7.40
CA PHE B 165 20.87 32.92 -6.76
C PHE B 165 21.35 34.36 -6.60
N LYS B 166 22.35 34.55 -5.74
CA LYS B 166 22.88 35.88 -5.45
C LYS B 166 24.32 35.77 -5.00
N VAL B 167 25.19 36.59 -5.58
CA VAL B 167 26.60 36.65 -5.22
C VAL B 167 26.92 38.07 -4.79
N GLU B 168 27.52 38.22 -3.61
CA GLU B 168 27.84 39.54 -3.07
C GLU B 168 29.21 39.51 -2.40
N PRO B 169 29.91 40.64 -2.38
CA PRO B 169 31.20 40.69 -1.68
C PRO B 169 31.04 40.95 -0.20
N VAL B 170 31.96 40.40 0.59
CA VAL B 170 31.96 40.54 2.04
C VAL B 170 33.38 40.86 2.50
N ALA B 171 33.55 40.97 3.81
CA ALA B 171 34.84 41.32 4.40
C ALA B 171 35.75 40.09 4.46
N GLU B 172 37.04 40.34 4.69
CA GLU B 172 38.01 39.25 4.75
C GLU B 172 37.74 38.33 5.93
N THR B 173 37.44 38.90 7.10
CA THR B 173 37.08 38.11 8.26
C THR B 173 35.66 37.58 8.17
N ASP B 174 34.82 38.17 7.31
CA ASP B 174 33.43 37.76 7.21
C ASP B 174 33.31 36.35 6.62
N CYS B 175 34.13 36.02 5.64
CA CYS B 175 33.93 34.79 4.88
C CYS B 175 34.84 33.68 5.38
N PRO B 176 34.30 32.61 5.98
CA PRO B 176 35.11 31.42 6.22
C PRO B 176 35.07 30.45 5.05
N TRP B 177 36.19 30.24 4.39
CA TRP B 177 36.27 29.28 3.29
C TRP B 177 36.90 27.97 3.71
N SER B 178 37.37 27.85 4.94
CA SER B 178 38.10 26.68 5.40
C SER B 178 37.19 25.58 5.94
N TRP B 179 35.87 25.76 5.92
CA TRP B 179 34.94 24.70 6.28
C TRP B 179 34.82 23.76 5.09
N ARG B 180 35.83 22.92 4.92
CA ARG B 180 35.96 22.10 3.72
C ARG B 180 36.94 20.96 4.03
N ALA B 181 36.98 19.99 3.11
CA ALA B 181 37.94 18.90 3.21
C ALA B 181 39.34 19.42 2.93
N LEU B 182 40.20 19.43 3.94
CA LEU B 182 41.54 19.99 3.89
C LEU B 182 42.59 18.90 3.88
N PRO B 183 43.80 19.19 3.36
CA PRO B 183 44.90 18.22 3.36
C PRO B 183 45.41 18.04 4.81
N ALA B 184 46.08 16.93 5.08
CA ALA B 184 46.62 16.60 6.42
C ALA B 184 47.64 17.65 6.88
N ASP B 185 48.45 18.18 5.96
CA ASP B 185 49.53 19.15 6.27
C ASP B 185 49.03 20.60 6.22
N ALA B 186 47.70 20.81 6.14
CA ALA B 186 47.13 22.18 6.07
C ALA B 186 47.53 22.98 7.31
N ASP B 187 47.79 24.28 7.13
CA ASP B 187 48.25 25.16 8.25
C ASP B 187 47.26 25.08 9.41
N PRO B 188 47.75 24.82 10.64
CA PRO B 188 46.88 24.69 11.82
C PRO B 188 45.96 25.87 12.06
N ARG B 189 46.26 27.03 11.49
CA ARG B 189 45.35 28.17 11.62
C ARG B 189 44.01 27.89 10.96
N LEU B 190 44.03 27.26 9.79
CA LEU B 190 42.79 26.95 9.08
C LEU B 190 42.00 25.86 9.78
N VAL B 191 42.68 24.93 10.45
CA VAL B 191 41.99 23.79 11.04
C VAL B 191 41.27 24.22 12.31
N THR B 192 39.98 23.86 12.38
CA THR B 192 39.14 24.16 13.53
C THR B 192 38.88 22.86 14.29
N SER B 193 38.03 22.95 15.32
CA SER B 193 37.73 21.77 16.11
C SER B 193 36.71 20.86 15.42
N GLU B 194 36.02 21.37 14.41
CA GLU B 194 35.07 20.55 13.66
C GLU B 194 35.80 19.55 12.76
N HIS B 195 36.99 19.93 12.28
CA HIS B 195 37.76 19.07 11.39
C HIS B 195 38.28 17.86 12.16
N ALA B 196 38.09 16.67 11.59
CA ALA B 196 38.58 15.43 12.17
C ALA B 196 39.25 14.58 11.09
N ARG B 197 40.16 13.72 11.53
CA ARG B 197 40.91 12.88 10.60
C ARG B 197 39.99 11.85 9.95
N CYS B 198 40.22 11.60 8.67
CA CYS B 198 39.41 10.64 7.91
C CYS B 198 40.13 10.31 6.61
N ILE B 199 39.51 9.47 5.80
CA ILE B 199 39.96 9.15 4.45
C ILE B 199 38.89 9.66 3.51
N ALA B 200 39.22 10.70 2.74
CA ALA B 200 38.23 11.34 1.89
C ALA B 200 38.95 12.06 0.75
N ALA B 201 38.16 12.57 -0.18
CA ALA B 201 38.67 13.26 -1.36
C ALA B 201 38.70 14.75 -1.10
N ILE B 202 39.84 15.37 -1.43
CA ILE B 202 40.01 16.81 -1.23
C ILE B 202 39.93 17.61 -2.52
N ARG B 203 39.62 16.95 -3.64
CA ARG B 203 39.62 17.63 -4.93
C ARG B 203 38.85 16.79 -5.94
N GLY B 204 38.63 17.38 -7.11
CA GLY B 204 38.17 16.66 -8.27
C GLY B 204 36.81 16.02 -8.07
N PRO B 205 36.58 14.89 -8.75
CA PRO B 205 35.35 14.13 -8.52
C PRO B 205 35.39 13.42 -7.16
N TYR B 206 34.59 13.90 -6.22
CA TYR B 206 34.69 13.44 -4.84
C TYR B 206 34.18 12.01 -4.67
N TRP B 207 33.56 11.42 -5.68
CA TRP B 207 33.04 10.07 -5.59
C TRP B 207 34.04 9.01 -6.02
N ASP B 208 35.23 9.41 -6.49
CA ASP B 208 36.22 8.47 -6.99
C ASP B 208 37.05 7.95 -5.82
N ARG B 209 36.85 6.67 -5.47
CA ARG B 209 37.49 6.11 -4.29
C ARG B 209 38.98 5.87 -4.48
N THR B 210 39.47 5.82 -5.71
CA THR B 210 40.89 5.64 -5.96
C THR B 210 41.69 6.91 -5.72
N LEU B 211 41.03 8.04 -5.51
CA LEU B 211 41.71 9.31 -5.25
C LEU B 211 41.59 9.76 -3.79
N HIS B 212 40.95 8.96 -2.94
CA HIS B 212 40.79 9.34 -1.54
C HIS B 212 42.13 9.29 -0.82
N VAL B 213 42.34 10.26 0.06
CA VAL B 213 43.59 10.41 0.80
C VAL B 213 43.28 10.72 2.26
N GLU B 214 44.33 10.73 3.08
CA GLU B 214 44.19 11.18 4.46
C GLU B 214 43.88 12.68 4.48
N ALA B 215 42.87 13.06 5.26
CA ALA B 215 42.39 14.43 5.23
C ALA B 215 41.76 14.79 6.57
N LEU B 216 41.57 16.08 6.77
CA LEU B 216 40.81 16.63 7.90
C LEU B 216 39.54 17.25 7.34
N ALA B 217 38.39 16.69 7.68
CA ALA B 217 37.14 17.16 7.12
C ALA B 217 36.09 17.32 8.22
N PRO B 218 35.18 18.28 8.07
CA PRO B 218 34.08 18.42 9.01
C PRO B 218 32.83 17.66 8.58
N THR B 219 32.04 17.27 9.56
CA THR B 219 30.80 16.55 9.29
C THR B 219 29.71 17.54 8.86
N PRO B 220 28.95 17.23 7.81
CA PRO B 220 27.84 18.08 7.36
C PRO B 220 26.86 18.42 8.47
N MET C 1 14.72 22.64 -24.84
CA MET C 1 13.60 21.78 -25.19
C MET C 1 12.78 21.47 -23.94
N GLN C 2 12.00 22.44 -23.48
CA GLN C 2 11.08 22.24 -22.37
C GLN C 2 9.72 21.88 -22.94
N ILE C 3 9.14 20.80 -22.42
CA ILE C 3 7.81 20.36 -22.80
C ILE C 3 6.96 20.38 -21.55
N GLU C 4 5.82 21.06 -21.61
CA GLU C 4 4.86 21.11 -20.51
C GLU C 4 3.53 20.55 -20.99
N VAL C 5 3.05 19.52 -20.27
CA VAL C 5 1.83 18.80 -20.64
C VAL C 5 0.80 19.02 -19.55
N THR C 6 -0.42 19.35 -19.95
CA THR C 6 -1.54 19.50 -19.04
C THR C 6 -2.53 18.37 -19.25
N VAL C 7 -2.94 17.72 -18.16
CA VAL C 7 -3.81 16.56 -18.22
C VAL C 7 -5.03 16.78 -17.33
N ARG C 8 -5.96 15.84 -17.41
CA ARG C 8 -7.18 15.86 -16.60
C ARG C 8 -7.63 14.44 -16.36
N ASN C 9 -7.63 14.00 -15.10
CA ASN C 9 -7.99 12.62 -14.79
C ASN C 9 -9.51 12.47 -14.71
N ILE C 10 -10.02 11.41 -15.36
CA ILE C 10 -11.45 11.13 -15.35
C ILE C 10 -11.83 10.14 -14.25
N THR C 11 -10.90 9.32 -13.79
CA THR C 11 -11.10 8.35 -12.72
C THR C 11 -10.17 8.68 -11.57
N PRO C 12 -10.46 8.18 -10.36
CA PRO C 12 -9.57 8.48 -9.23
C PRO C 12 -8.15 8.00 -9.45
N ILE C 13 -7.20 8.72 -8.87
CA ILE C 13 -5.78 8.39 -8.97
C ILE C 13 -5.34 7.85 -7.62
N PHE C 14 -4.69 6.69 -7.63
CA PHE C 14 -4.31 6.01 -6.40
C PHE C 14 -2.86 5.54 -6.51
N SER C 15 -1.96 6.26 -5.84
CA SER C 15 -0.55 5.89 -5.78
C SER C 15 -0.23 5.53 -4.33
N ALA C 16 -0.16 4.23 -4.06
CA ALA C 16 -0.04 3.75 -2.68
C ALA C 16 1.28 4.21 -2.06
N ALA C 17 1.24 4.38 -0.74
CA ALA C 17 2.39 4.82 0.02
C ALA C 17 2.75 3.79 1.10
N PRO C 18 4.02 3.67 1.46
CA PRO C 18 4.40 2.75 2.52
C PRO C 18 3.93 3.25 3.88
N GLY C 19 3.72 2.31 4.79
CA GLY C 19 3.32 2.64 6.15
C GLY C 19 2.11 1.88 6.64
N SER C 20 1.96 1.79 7.96
CA SER C 20 0.84 1.09 8.59
C SER C 20 -0.07 2.13 9.23
N ASN C 21 -1.17 2.45 8.56
CA ASN C 21 -2.15 3.39 9.04
C ASN C 21 -3.48 2.69 9.28
N TYR C 22 -4.31 3.27 10.14
CA TYR C 22 -5.57 2.66 10.52
C TYR C 22 -6.67 3.71 10.54
N ILE C 23 -7.90 3.26 10.30
CA ILE C 23 -9.08 4.11 10.29
C ILE C 23 -10.16 3.42 11.11
N THR C 24 -11.11 4.22 11.59
CA THR C 24 -12.28 3.71 12.28
C THR C 24 -13.48 3.76 11.31
N ILE C 25 -14.64 3.36 11.82
CA ILE C 25 -15.87 3.49 11.03
C ILE C 25 -16.14 4.96 10.76
N ASP C 26 -15.86 5.83 11.73
CA ASP C 26 -15.89 7.26 11.51
C ASP C 26 -14.64 7.66 10.73
N GLY C 27 -14.44 8.97 10.57
CA GLY C 27 -13.31 9.44 9.78
C GLY C 27 -11.99 9.58 10.50
N THR C 28 -11.94 9.33 11.81
CA THR C 28 -10.72 9.58 12.55
C THR C 28 -9.64 8.57 12.18
N ILE C 29 -8.46 9.08 11.84
CA ILE C 29 -7.35 8.28 11.32
C ILE C 29 -6.33 8.08 12.44
N ASN C 30 -5.85 6.84 12.57
CA ASN C 30 -4.87 6.47 13.57
C ASN C 30 -5.35 6.81 14.99
N PRO C 31 -6.42 6.17 15.45
CA PRO C 31 -7.00 6.52 16.74
C PRO C 31 -6.18 5.97 17.89
N PRO C 32 -6.36 6.49 19.10
CA PRO C 32 -5.73 5.86 20.26
C PRO C 32 -6.30 4.48 20.50
N PRO C 33 -5.53 3.56 21.08
CA PRO C 33 -6.01 2.19 21.26
C PRO C 33 -7.26 2.14 22.14
N GLY C 34 -8.13 1.17 21.83
CA GLY C 34 -9.36 1.01 22.58
C GLY C 34 -10.61 1.16 21.72
N VAL C 35 -10.41 1.37 20.42
CA VAL C 35 -11.51 1.55 19.49
C VAL C 35 -11.35 0.53 18.36
N SER C 36 -12.47 0.21 17.71
CA SER C 36 -12.43 -0.63 16.52
C SER C 36 -11.59 0.05 15.44
N ARG C 37 -10.67 -0.71 14.85
CA ARG C 37 -9.64 -0.14 13.98
C ARG C 37 -9.52 -1.00 12.73
N PHE C 38 -9.51 -0.35 11.57
CA PHE C 38 -9.42 -1.06 10.30
C PHE C 38 -8.21 -0.59 9.52
N PRO C 39 -7.55 -1.50 8.80
CA PRO C 39 -6.38 -1.10 8.00
C PRO C 39 -6.76 -0.11 6.90
N LEU C 40 -5.84 0.80 6.62
CA LEU C 40 -6.05 1.86 5.63
C LEU C 40 -4.77 2.08 4.84
N VAL C 41 -4.91 2.22 3.52
CA VAL C 41 -3.80 2.52 2.63
C VAL C 41 -4.06 3.88 1.99
N ARG C 42 -3.15 4.81 2.21
CA ARG C 42 -3.30 6.17 1.72
C ARG C 42 -2.59 6.35 0.39
N THR C 43 -2.83 7.50 -0.23
CA THR C 43 -2.17 7.85 -1.48
C THR C 43 -0.74 8.27 -1.16
N ARG C 44 -0.04 8.86 -2.12
CA ARG C 44 1.28 9.42 -1.86
C ARG C 44 1.18 10.92 -1.70
N MET C 45 1.97 11.45 -0.77
CA MET C 45 1.90 12.85 -0.39
C MET C 45 3.24 13.30 0.14
N MET C 46 3.58 14.56 -0.11
CA MET C 46 4.83 15.15 0.33
C MET C 46 4.57 16.54 0.90
N TYR C 47 5.45 16.98 1.80
CA TYR C 47 5.37 18.31 2.39
C TYR C 47 6.17 19.30 1.54
N VAL C 48 5.55 20.44 1.25
CA VAL C 48 6.18 21.51 0.47
C VAL C 48 6.03 22.81 1.24
N ALA C 49 6.93 23.76 0.96
CA ALA C 49 6.89 25.07 1.59
C ALA C 49 6.16 26.02 0.66
N ALA C 50 4.92 26.35 1.00
CA ALA C 50 4.09 27.25 0.20
C ALA C 50 4.03 28.61 0.86
N ASP C 51 4.51 29.63 0.16
CA ASP C 51 4.48 30.99 0.66
C ASP C 51 3.11 31.60 0.39
N VAL C 52 2.48 32.10 1.45
CA VAL C 52 1.18 32.75 1.33
C VAL C 52 1.39 34.25 1.50
N GLY C 53 0.33 35.04 1.29
CA GLY C 53 0.46 36.48 1.39
C GLY C 53 0.99 36.93 2.74
N ASP C 54 0.80 36.10 3.77
CA ASP C 54 1.39 36.39 5.07
C ASP C 54 2.92 36.33 5.02
N GLY C 55 3.47 35.56 4.10
CA GLY C 55 4.90 35.36 4.04
C GLY C 55 5.45 34.36 5.03
N VAL C 56 4.58 33.65 5.75
CA VAL C 56 5.02 32.71 6.76
C VAL C 56 5.75 31.52 6.12
N ILE C 57 5.47 31.25 4.85
CA ILE C 57 6.08 30.16 4.06
C ILE C 57 6.03 28.85 4.83
N LYS C 58 4.90 28.59 5.48
CA LYS C 58 4.72 27.37 6.26
C LYS C 58 4.69 26.14 5.36
N SER C 59 4.60 24.97 6.00
CA SER C 59 4.58 23.71 5.27
C SER C 59 3.14 23.20 5.11
N VAL C 60 2.80 22.77 3.91
CA VAL C 60 1.46 22.29 3.60
C VAL C 60 1.55 20.95 2.90
N PRO C 61 0.52 20.10 2.98
CA PRO C 61 0.55 18.81 2.28
C PRO C 61 0.09 18.94 0.83
N LEU C 62 0.77 18.21 -0.05
CA LEU C 62 0.44 18.18 -1.47
C LEU C 62 0.42 16.75 -1.96
N GLN C 63 -0.63 16.38 -2.69
CA GLN C 63 -0.76 15.04 -3.24
C GLN C 63 -0.20 14.99 -4.65
N ILE C 64 0.74 14.09 -4.89
CA ILE C 64 1.48 14.03 -6.14
C ILE C 64 1.53 12.60 -6.64
N VAL C 65 2.09 12.43 -7.83
CA VAL C 65 2.48 11.14 -8.38
C VAL C 65 3.98 11.20 -8.61
N PRO C 66 4.77 10.28 -8.06
CA PRO C 66 6.23 10.42 -8.09
C PRO C 66 6.79 10.48 -9.50
N GLY C 67 7.92 11.17 -9.65
CA GLY C 67 8.54 11.33 -10.96
C GLY C 67 9.16 10.05 -11.49
N ASN C 68 9.52 9.13 -10.62
CA ASN C 68 10.00 7.83 -11.07
C ASN C 68 8.89 7.08 -11.79
N THR C 69 7.66 7.15 -11.27
CA THR C 69 6.52 6.52 -11.91
C THR C 69 6.27 7.10 -13.31
N MET C 70 6.32 8.43 -13.43
CA MET C 70 6.07 9.05 -14.73
C MET C 70 7.20 8.75 -15.72
N ARG C 71 8.45 8.73 -15.24
CA ARG C 71 9.57 8.37 -16.09
C ARG C 71 9.42 6.94 -16.62
N SER C 72 9.04 6.02 -15.74
CA SER C 72 8.84 4.63 -16.18
C SER C 72 7.66 4.52 -17.14
N LEU C 73 6.60 5.29 -16.91
CA LEU C 73 5.47 5.27 -17.83
C LEU C 73 5.88 5.72 -19.22
N LEU C 74 6.64 6.81 -19.30
CA LEU C 74 7.11 7.28 -20.60
C LEU C 74 8.01 6.26 -21.27
N ARG C 75 8.92 5.65 -20.51
CA ARG C 75 9.80 4.62 -21.08
C ARG C 75 8.99 3.45 -21.63
N ARG C 76 8.02 2.99 -20.85
CA ARG C 76 7.24 1.81 -21.25
C ARG C 76 6.38 2.10 -22.47
N THR C 77 5.77 3.29 -22.55
CA THR C 77 4.96 3.60 -23.72
C THR C 77 5.83 3.78 -24.97
N MET C 78 7.02 4.36 -24.81
CA MET C 78 7.95 4.42 -25.93
C MET C 78 8.34 3.01 -26.40
N LEU C 79 8.63 2.12 -25.46
CA LEU C 79 9.10 0.79 -25.83
C LEU C 79 7.98 -0.05 -26.42
N LYS C 80 6.74 0.19 -26.05
CA LYS C 80 5.64 -0.66 -26.49
C LYS C 80 4.98 -0.16 -27.77
N HIS C 81 4.78 1.15 -27.90
CA HIS C 81 4.06 1.65 -29.06
C HIS C 81 4.98 2.01 -30.23
N VAL C 82 6.29 2.09 -30.02
CA VAL C 82 7.20 2.53 -31.07
C VAL C 82 8.30 1.51 -31.33
N ILE C 83 9.12 1.23 -30.32
CA ILE C 83 10.33 0.44 -30.53
C ILE C 83 9.98 -1.02 -30.79
N GLU C 84 9.04 -1.58 -30.03
CA GLU C 84 8.68 -2.99 -30.19
C GLU C 84 8.18 -3.33 -31.58
N PRO C 85 7.19 -2.63 -32.16
CA PRO C 85 6.75 -3.01 -33.52
C PRO C 85 7.82 -2.82 -34.58
N ALA C 86 8.58 -1.74 -34.50
CA ALA C 86 9.64 -1.48 -35.47
C ALA C 86 10.70 -2.57 -35.41
N LEU C 87 11.05 -3.01 -34.21
CA LEU C 87 12.05 -4.08 -34.07
C LEU C 87 11.50 -5.42 -34.49
N VAL C 88 10.21 -5.68 -34.24
CA VAL C 88 9.63 -6.97 -34.59
C VAL C 88 9.48 -7.10 -36.10
N GLU C 89 9.14 -6.00 -36.78
CA GLU C 89 8.98 -6.03 -38.23
C GLU C 89 10.25 -6.48 -38.96
N LYS C 90 11.42 -6.15 -38.41
CA LYS C 90 12.69 -6.59 -38.99
C LYS C 90 13.09 -7.98 -38.54
N GLY C 91 12.28 -8.65 -37.73
CA GLY C 91 12.61 -9.97 -37.23
C GLY C 91 13.80 -10.00 -36.29
N ASN C 92 13.87 -9.05 -35.37
CA ASN C 92 14.98 -8.95 -34.42
C ASN C 92 14.59 -9.55 -33.08
N LYS C 93 15.61 -9.92 -32.31
CA LYS C 93 15.44 -10.54 -31.00
C LYS C 93 16.39 -9.90 -30.00
N LEU C 94 16.06 -10.01 -28.72
CA LEU C 94 16.83 -9.42 -27.65
C LEU C 94 17.26 -10.50 -26.66
N SER C 95 18.52 -10.46 -26.25
CA SER C 95 18.97 -11.32 -25.17
C SER C 95 18.45 -10.79 -23.84
N ILE C 96 18.66 -11.57 -22.78
CA ILE C 96 18.13 -11.18 -21.47
C ILE C 96 18.85 -9.93 -20.96
N GLY C 97 20.15 -9.82 -21.21
CA GLY C 97 20.87 -8.64 -20.77
C GLY C 97 20.43 -7.38 -21.48
N ALA C 98 20.30 -7.44 -22.81
CA ALA C 98 19.84 -6.29 -23.58
C ALA C 98 18.40 -5.93 -23.22
N TYR C 99 17.55 -6.94 -23.05
CA TYR C 99 16.17 -6.70 -22.68
C TYR C 99 16.07 -6.01 -21.32
N ALA C 100 16.81 -6.52 -20.34
CA ALA C 100 16.77 -5.93 -19.01
C ALA C 100 17.32 -4.50 -19.01
N THR C 101 18.41 -4.27 -19.75
CA THR C 101 18.97 -2.93 -19.82
C THR C 101 18.02 -1.95 -20.50
N ALA C 102 17.35 -2.38 -21.57
CA ALA C 102 16.45 -1.47 -22.28
C ALA C 102 15.17 -1.20 -21.53
N TYR C 103 14.60 -2.22 -20.88
CA TYR C 103 13.28 -2.07 -20.26
C TYR C 103 13.34 -1.58 -18.83
N SER C 104 14.47 -1.72 -18.14
CA SER C 104 14.57 -1.24 -16.76
C SER C 104 15.85 -0.52 -16.42
N GLY C 105 16.90 -0.61 -17.24
CA GLY C 105 18.17 -0.03 -16.89
C GLY C 105 19.04 -0.88 -15.98
N ASN C 106 18.79 -2.18 -15.94
CA ASN C 106 19.55 -3.06 -15.06
C ASN C 106 20.96 -3.27 -15.58
N ALA C 107 21.88 -3.63 -14.67
CA ALA C 107 23.27 -3.90 -15.01
C ALA C 107 23.64 -5.36 -14.81
N THR C 108 22.67 -6.26 -14.69
CA THR C 108 22.98 -7.66 -14.40
C THR C 108 23.43 -8.41 -15.64
N GLY C 109 23.31 -7.79 -16.81
CA GLY C 109 23.81 -8.39 -18.03
C GLY C 109 25.31 -8.58 -18.00
N ASN C 110 26.03 -7.54 -17.59
CA ASN C 110 27.49 -7.58 -17.41
C ASN C 110 27.77 -6.96 -16.05
N PRO C 111 27.56 -7.71 -14.96
CA PRO C 111 27.61 -7.10 -13.62
C PRO C 111 28.97 -6.56 -13.22
N ASP C 112 30.05 -6.97 -13.90
CA ASP C 112 31.34 -6.39 -13.63
C ASP C 112 31.42 -4.98 -14.22
N GLY C 113 32.59 -4.37 -14.08
CA GLY C 113 32.80 -3.06 -14.67
C GLY C 113 33.00 -3.14 -16.17
N VAL C 114 32.36 -2.22 -16.89
CA VAL C 114 32.49 -2.14 -18.33
C VAL C 114 33.02 -0.76 -18.69
N PRO C 115 34.28 -0.63 -19.11
CA PRO C 115 34.82 0.67 -19.50
C PRO C 115 34.33 1.08 -20.89
N SER C 116 34.35 2.40 -21.12
CA SER C 116 33.89 2.95 -22.39
C SER C 116 34.70 4.19 -22.72
N SER C 117 35.07 4.32 -24.00
CA SER C 117 35.85 5.44 -24.47
C SER C 117 34.96 6.67 -24.67
N PHE C 118 35.61 7.84 -24.79
CA PHE C 118 34.87 9.09 -24.97
C PHE C 118 34.11 9.08 -26.29
N ASP C 119 34.75 8.61 -27.37
CA ASP C 119 34.03 8.46 -28.63
C ASP C 119 32.86 7.51 -28.47
N GLU C 120 33.05 6.43 -27.70
CA GLU C 120 32.01 5.43 -27.48
C GLU C 120 30.84 6.04 -26.70
N ILE C 121 31.15 6.84 -25.68
CA ILE C 121 30.12 7.50 -24.88
C ILE C 121 29.33 8.47 -25.74
N ALA C 122 30.01 9.23 -26.60
CA ALA C 122 29.30 10.13 -27.50
C ALA C 122 28.41 9.36 -28.47
N THR C 123 28.90 8.22 -28.98
CA THR C 123 28.12 7.51 -30.00
C THR C 123 26.87 6.87 -29.40
N MET C 124 26.89 6.50 -28.11
CA MET C 124 25.64 6.10 -27.47
C MET C 124 24.77 7.27 -27.06
N ARG C 125 25.33 8.41 -26.65
CA ARG C 125 24.47 9.53 -26.32
C ARG C 125 23.83 10.16 -27.56
N ALA C 126 24.34 9.85 -28.75
CA ALA C 126 23.67 10.31 -29.96
C ALA C 126 22.47 9.45 -30.31
N HIS C 127 22.43 8.21 -29.81
CA HIS C 127 21.34 7.30 -30.13
C HIS C 127 20.04 7.81 -29.51
N PRO C 128 18.91 7.70 -30.23
CA PRO C 128 17.65 8.24 -29.69
C PRO C 128 17.22 7.62 -28.38
N PHE C 129 16.96 6.31 -28.35
CA PHE C 129 16.46 5.69 -27.13
C PHE C 129 17.56 5.55 -26.09
N ILE C 130 18.74 5.09 -26.50
CA ILE C 130 19.84 4.92 -25.55
C ILE C 130 20.28 6.26 -25.00
N GLY C 131 20.14 7.32 -25.78
CA GLY C 131 20.46 8.65 -25.29
C GLY C 131 19.39 9.24 -24.40
N LEU C 132 18.13 8.88 -24.62
CA LEU C 132 17.07 9.38 -23.75
C LEU C 132 17.19 8.83 -22.33
N PHE C 133 17.32 7.52 -22.19
CA PHE C 133 17.51 6.88 -20.91
C PHE C 133 18.85 6.15 -20.91
N GLY C 134 19.67 6.41 -19.90
CA GLY C 134 20.95 5.74 -19.76
C GLY C 134 20.83 4.46 -18.98
N GLY C 135 21.92 4.09 -18.31
CA GLY C 135 21.95 2.94 -17.44
C GLY C 135 22.80 1.82 -17.98
N GLY C 136 22.42 0.60 -17.60
CA GLY C 136 23.14 -0.59 -18.01
C GLY C 136 24.44 -0.74 -17.26
N PRO C 137 25.28 -1.67 -17.71
CA PRO C 137 26.62 -1.81 -17.09
C PRO C 137 27.49 -0.59 -17.25
N ARG C 138 27.25 0.24 -18.27
CA ARG C 138 28.01 1.47 -18.44
C ARG C 138 27.60 2.53 -17.42
N MET C 139 26.36 2.47 -16.94
CA MET C 139 25.78 3.49 -16.06
C MET C 139 25.87 4.88 -16.68
N LEU C 140 25.54 4.97 -17.96
CA LEU C 140 25.58 6.23 -18.68
C LEU C 140 24.45 7.14 -18.22
N GLU C 141 24.63 8.44 -18.46
CA GLU C 141 23.65 9.45 -18.07
C GLU C 141 22.77 9.80 -19.27
N GLY C 142 21.45 9.80 -19.04
CA GLY C 142 20.52 10.16 -20.09
C GLY C 142 20.34 11.66 -20.21
N ARG C 143 19.54 12.04 -21.20
CA ARG C 143 19.25 13.44 -21.48
C ARG C 143 17.84 13.84 -21.08
N LEU C 144 17.18 13.06 -20.22
CA LEU C 144 15.80 13.31 -19.84
C LEU C 144 15.72 13.75 -18.39
N MET C 145 14.89 14.76 -18.15
CA MET C 145 14.51 15.19 -16.80
C MET C 145 12.98 15.11 -16.74
N VAL C 146 12.46 14.17 -15.96
CA VAL C 146 11.02 13.96 -15.85
C VAL C 146 10.59 14.36 -14.45
N ASP C 147 9.81 15.43 -14.36
CA ASP C 147 9.27 15.91 -13.10
C ASP C 147 8.02 15.13 -12.73
N SER C 148 7.58 15.32 -11.49
CA SER C 148 6.40 14.62 -11.00
C SER C 148 5.13 15.36 -11.41
N LEU C 149 4.00 14.67 -11.25
CA LEU C 149 2.69 15.26 -11.54
C LEU C 149 2.26 16.15 -10.39
N TYR C 150 1.92 17.40 -10.69
CA TYR C 150 1.51 18.38 -9.69
C TYR C 150 0.11 18.85 -9.98
N PRO C 151 -0.86 18.66 -9.09
CA PRO C 151 -2.19 19.19 -9.32
C PRO C 151 -2.17 20.72 -9.28
N ILE C 152 -3.10 21.33 -10.03
CA ILE C 152 -3.20 22.77 -10.03
C ILE C 152 -3.95 23.17 -8.76
N HIS C 153 -3.19 23.41 -7.69
CA HIS C 153 -3.73 23.62 -6.36
C HIS C 153 -3.02 24.81 -5.73
N THR C 154 -3.68 25.43 -4.75
CA THR C 154 -3.08 26.58 -4.08
C THR C 154 -1.89 26.18 -3.22
N ASN C 155 -1.77 24.89 -2.91
CA ASN C 155 -0.61 24.41 -2.17
C ASN C 155 0.60 24.24 -3.07
N ALA C 156 0.40 24.32 -4.38
CA ALA C 156 1.49 24.22 -5.35
C ALA C 156 1.88 25.56 -5.95
N GLU C 157 1.58 26.67 -5.27
CA GLU C 157 1.98 27.98 -5.76
C GLU C 157 3.49 28.10 -5.91
N ARG C 158 4.25 27.41 -5.05
CA ARG C 158 5.69 27.55 -5.07
C ARG C 158 6.30 26.82 -6.26
N ILE C 159 5.83 25.61 -6.54
CA ILE C 159 6.39 24.82 -7.64
C ILE C 159 5.99 25.42 -8.98
N LEU C 160 4.71 25.73 -9.16
CA LEU C 160 4.21 26.32 -10.40
C LEU C 160 4.35 27.83 -10.31
N GLY C 161 5.14 28.42 -11.20
CA GLY C 161 5.45 29.83 -11.11
C GLY C 161 4.26 30.77 -11.11
N ALA C 162 3.59 30.89 -12.25
CA ALA C 162 2.47 31.82 -12.40
C ALA C 162 1.69 31.42 -13.64
N GLY C 163 0.57 32.11 -13.86
CA GLY C 163 -0.29 31.81 -14.99
C GLY C 163 -1.32 30.74 -14.75
N TYR C 164 -1.40 30.21 -13.53
CA TYR C 164 -2.38 29.19 -13.19
C TYR C 164 -3.40 29.68 -12.18
N GLU C 165 -3.51 30.99 -11.98
CA GLU C 165 -4.40 31.51 -10.95
C GLU C 165 -5.86 31.14 -11.23
N ASN C 166 -6.27 31.23 -12.49
CA ASN C 166 -7.59 30.76 -12.87
C ASN C 166 -7.63 29.25 -12.91
N GLU C 167 -8.85 28.69 -12.96
CA GLU C 167 -9.12 27.25 -12.88
C GLU C 167 -8.27 26.55 -11.82
N MET C 168 -8.04 27.23 -10.69
CA MET C 168 -7.29 26.68 -9.58
C MET C 168 -8.24 26.20 -8.49
N MET C 169 -7.95 25.04 -7.92
CA MET C 169 -8.79 24.44 -6.90
C MET C 169 -8.19 24.66 -5.52
N SER C 170 -9.04 24.65 -4.49
CA SER C 170 -8.59 24.77 -3.11
C SER C 170 -9.40 23.82 -2.24
N GLY C 171 -8.77 23.34 -1.17
CA GLY C 171 -9.43 22.46 -0.23
C GLY C 171 -8.98 21.02 -0.38
N PRO C 172 -9.70 20.10 0.28
CA PRO C 172 -9.36 18.68 0.16
C PRO C 172 -9.60 18.16 -1.24
N ILE C 173 -8.74 17.24 -1.67
CA ILE C 173 -8.88 16.61 -2.98
C ILE C 173 -8.70 15.10 -2.87
N THR C 174 -8.95 14.56 -1.68
CA THR C 174 -8.86 13.13 -1.44
C THR C 174 -10.11 12.65 -0.73
N GLN C 175 -10.35 11.34 -0.80
CA GLN C 175 -11.48 10.72 -0.12
C GLN C 175 -11.12 9.28 0.23
N VAL C 176 -11.72 8.76 1.30
CA VAL C 176 -11.49 7.40 1.75
C VAL C 176 -12.67 6.54 1.32
N VAL C 177 -12.38 5.40 0.70
CA VAL C 177 -13.39 4.47 0.21
C VAL C 177 -13.17 3.11 0.86
N TRP C 178 -14.25 2.35 1.01
CA TRP C 178 -14.23 1.08 1.71
C TRP C 178 -14.45 -0.08 0.74
N ALA C 179 -13.89 -1.23 1.08
CA ALA C 179 -14.02 -2.44 0.26
C ALA C 179 -14.29 -3.63 1.17
N ARG C 180 -14.85 -4.68 0.57
CA ARG C 180 -15.24 -5.88 1.30
C ARG C 180 -14.87 -7.11 0.49
N ARG C 181 -14.77 -8.25 1.18
CA ARG C 181 -14.66 -9.54 0.52
C ARG C 181 -15.53 -10.54 1.27
N MET C 182 -16.24 -11.39 0.52
CA MET C 182 -17.18 -12.33 1.07
C MET C 182 -16.76 -13.76 0.76
N ASP C 183 -17.08 -14.67 1.68
CA ASP C 183 -16.85 -16.08 1.45
C ASP C 183 -17.97 -16.65 0.58
N PRO C 184 -17.67 -17.23 -0.58
CA PRO C 184 -18.74 -17.67 -1.49
C PRO C 184 -19.38 -18.99 -1.06
N ILE C 185 -18.63 -19.82 -0.32
CA ILE C 185 -19.17 -21.10 0.11
C ILE C 185 -20.28 -20.90 1.13
N LEU C 186 -20.12 -19.91 2.01
CA LEU C 186 -21.16 -19.61 2.98
C LEU C 186 -22.41 -19.06 2.32
N ASN C 187 -22.28 -18.55 1.08
CA ASN C 187 -23.41 -17.99 0.38
C ASN C 187 -24.31 -19.07 -0.20
N LEU C 188 -23.86 -20.31 -0.21
CA LEU C 188 -24.67 -21.40 -0.74
C LEU C 188 -25.90 -21.62 0.14
N GLY C 189 -27.08 -21.43 -0.45
CA GLY C 189 -28.31 -21.58 0.29
C GLY C 189 -28.64 -23.02 0.58
N SER C 190 -29.62 -23.21 1.47
CA SER C 190 -30.09 -24.56 1.77
C SER C 190 -30.85 -25.15 0.60
N SER C 191 -31.39 -24.30 -0.27
CA SER C 191 -32.02 -24.79 -1.49
C SER C 191 -30.99 -25.43 -2.42
N GLU C 192 -29.71 -25.08 -2.25
CA GLU C 192 -28.56 -25.71 -2.92
C GLU C 192 -28.84 -25.82 -4.42
N ASP C 193 -29.07 -27.01 -4.98
CA ASP C 193 -29.24 -27.21 -6.41
C ASP C 193 -28.00 -26.75 -7.17
N VAL C 194 -26.83 -26.95 -6.57
CA VAL C 194 -25.55 -26.72 -7.22
C VAL C 194 -24.80 -28.05 -7.22
N GLU C 195 -24.40 -28.50 -8.40
CA GLU C 195 -23.72 -29.79 -8.56
C GLU C 195 -22.39 -29.65 -9.27
N VAL C 196 -21.89 -28.43 -9.45
CA VAL C 196 -20.58 -28.25 -10.04
C VAL C 196 -19.49 -28.70 -9.09
N ILE C 197 -19.74 -28.56 -7.78
CA ILE C 197 -18.78 -29.02 -6.79
C ILE C 197 -18.66 -30.53 -6.83
N ASN C 198 -17.44 -31.04 -6.61
CA ASN C 198 -17.21 -32.48 -6.71
C ASN C 198 -18.04 -33.25 -5.68
N GLY C 199 -18.06 -32.78 -4.44
CA GLY C 199 -18.78 -33.45 -3.38
C GLY C 199 -20.24 -33.07 -3.24
N GLY C 200 -20.74 -32.17 -4.07
CA GLY C 200 -22.12 -31.75 -3.93
C GLY C 200 -22.33 -30.98 -2.64
N ALA C 201 -23.27 -31.46 -1.82
CA ALA C 201 -23.60 -30.82 -0.55
C ALA C 201 -22.78 -31.36 0.62
N VAL C 202 -21.81 -32.23 0.35
CA VAL C 202 -20.95 -32.79 1.39
C VAL C 202 -19.64 -32.01 1.50
N ALA C 203 -19.09 -31.54 0.38
CA ALA C 203 -17.87 -30.74 0.43
C ALA C 203 -18.12 -29.40 1.11
N ALA C 204 -19.25 -28.77 0.83
CA ALA C 204 -19.58 -27.48 1.44
C ALA C 204 -19.71 -27.62 2.96
N ASN C 205 -20.35 -28.68 3.41
CA ASN C 205 -20.46 -28.91 4.85
C ASN C 205 -19.08 -29.15 5.47
N GLY C 206 -18.18 -29.79 4.72
CA GLY C 206 -16.81 -29.93 5.21
C GLY C 206 -16.10 -28.60 5.35
N TRP C 207 -16.27 -27.72 4.36
CA TRP C 207 -15.68 -26.38 4.43
C TRP C 207 -16.20 -25.63 5.65
N ILE C 208 -17.52 -25.68 5.86
CA ILE C 208 -18.13 -25.02 7.02
C ILE C 208 -17.60 -25.61 8.32
N GLN C 209 -17.43 -26.94 8.35
CA GLN C 209 -16.93 -27.60 9.55
C GLN C 209 -15.50 -27.19 9.87
N ASP C 210 -14.66 -27.06 8.83
CA ASP C 210 -13.30 -26.58 9.06
C ASP C 210 -13.30 -25.14 9.60
N LEU C 211 -14.16 -24.29 9.04
CA LEU C 211 -14.27 -22.94 9.58
C LEU C 211 -14.66 -22.96 11.05
N LEU C 212 -15.67 -23.75 11.40
CA LEU C 212 -16.13 -23.82 12.79
C LEU C 212 -15.05 -24.37 13.71
N ALA C 213 -14.34 -25.40 13.28
CA ALA C 213 -13.29 -25.99 14.10
C ALA C 213 -12.15 -25.01 14.34
N ASN C 214 -11.74 -24.29 13.28
CA ASN C 214 -10.70 -23.29 13.45
C ASN C 214 -11.14 -22.18 14.41
N SER C 215 -12.39 -21.73 14.27
CA SER C 215 -12.89 -20.69 15.16
C SER C 215 -12.91 -21.18 16.61
N LYS C 216 -13.36 -22.42 16.83
CA LYS C 216 -13.40 -22.98 18.18
C LYS C 216 -12.00 -23.10 18.77
N ALA C 217 -11.04 -23.58 17.98
CA ALA C 217 -9.67 -23.70 18.48
C ALA C 217 -9.08 -22.34 18.83
N ALA C 218 -9.30 -21.35 17.97
CA ALA C 218 -8.79 -20.01 18.25
C ALA C 218 -9.44 -19.43 19.50
N ALA C 219 -10.75 -19.60 19.65
CA ALA C 219 -11.44 -19.06 20.82
C ALA C 219 -10.96 -19.74 22.10
N SER C 220 -10.72 -21.05 22.06
CA SER C 220 -10.19 -21.75 23.22
C SER C 220 -8.78 -21.27 23.55
N LYS C 221 -7.95 -21.05 22.53
CA LYS C 221 -6.57 -20.61 22.76
C LYS C 221 -6.53 -19.20 23.33
N LYS C 222 -7.45 -18.33 22.90
CA LYS C 222 -7.42 -16.93 23.34
C LYS C 222 -7.62 -16.82 24.85
N LYS C 223 -8.56 -17.58 25.40
CA LYS C 223 -8.84 -17.51 26.83
C LYS C 223 -7.76 -18.24 27.63
N ASN C 239 -0.79 -16.83 10.83
CA ASN C 239 -1.69 -17.95 11.06
C ASN C 239 -2.71 -18.06 9.93
N GLY C 240 -3.53 -19.11 9.99
CA GLY C 240 -4.54 -19.30 8.95
C GLY C 240 -5.52 -18.14 8.92
N ARG C 241 -5.93 -17.78 7.71
CA ARG C 241 -6.82 -16.64 7.50
C ARG C 241 -7.94 -17.03 6.55
N GLY C 242 -9.16 -16.64 6.88
CA GLY C 242 -10.32 -16.91 6.06
C GLY C 242 -10.44 -15.93 4.90
N LEU C 243 -11.62 -15.92 4.29
CA LEU C 243 -11.86 -15.11 3.11
C LEU C 243 -12.62 -13.82 3.38
N LYS C 244 -13.25 -13.67 4.53
CA LYS C 244 -13.92 -12.42 4.86
C LYS C 244 -12.90 -11.32 5.12
N ALA C 245 -13.25 -10.09 4.74
CA ALA C 245 -12.34 -8.98 4.89
C ALA C 245 -13.12 -7.67 4.88
N PHE C 246 -12.51 -6.63 5.45
CA PHE C 246 -13.09 -5.29 5.46
C PHE C 246 -11.97 -4.29 5.68
N ASN C 247 -11.71 -3.45 4.68
CA ASN C 247 -10.59 -2.52 4.73
C ASN C 247 -10.93 -1.30 3.87
N ALA C 248 -10.05 -0.30 3.92
CA ALA C 248 -10.29 0.96 3.24
C ALA C 248 -9.01 1.46 2.61
N HIS C 249 -9.15 2.35 1.63
CA HIS C 249 -8.02 3.03 1.03
C HIS C 249 -8.43 4.42 0.58
N GLU C 250 -7.43 5.26 0.34
CA GLU C 250 -7.61 6.68 0.05
C GLU C 250 -7.20 6.97 -1.39
N VAL C 251 -8.05 7.72 -2.11
CA VAL C 251 -7.81 8.05 -3.50
C VAL C 251 -7.92 9.57 -3.67
N VAL C 252 -7.51 10.04 -4.85
CA VAL C 252 -7.65 11.44 -5.24
C VAL C 252 -8.86 11.56 -6.15
N ILE C 253 -9.72 12.54 -5.87
CA ILE C 253 -11.00 12.69 -6.54
C ILE C 253 -10.80 12.93 -8.03
N PRO C 254 -11.74 12.52 -8.88
CA PRO C 254 -11.61 12.77 -10.32
C PRO C 254 -12.17 14.12 -10.75
N GLY C 255 -11.64 14.60 -11.86
CA GLY C 255 -12.12 15.82 -12.49
C GLY C 255 -11.18 17.01 -12.43
N LEU C 256 -10.11 16.96 -11.65
CA LEU C 256 -9.19 18.09 -11.57
C LEU C 256 -8.05 17.89 -12.57
N LYS C 257 -7.28 18.96 -12.77
CA LYS C 257 -6.25 18.99 -13.80
C LYS C 257 -4.86 19.16 -13.19
N TRP C 258 -3.87 18.58 -13.87
CA TRP C 258 -2.50 18.50 -13.37
C TRP C 258 -1.55 19.12 -14.38
N VAL C 259 -0.31 19.30 -13.96
CA VAL C 259 0.74 19.87 -14.79
C VAL C 259 1.94 18.93 -14.79
N TRP C 260 2.43 18.58 -15.97
CA TRP C 260 3.56 17.68 -16.13
C TRP C 260 4.60 18.37 -17.00
N ARG C 261 5.85 18.38 -16.55
CA ARG C 261 6.94 19.05 -17.24
C ARG C 261 8.05 18.06 -17.55
N ILE C 262 8.54 18.08 -18.78
CA ILE C 262 9.65 17.25 -19.23
C ILE C 262 10.67 18.14 -19.91
N SER C 263 11.94 17.91 -19.62
CA SER C 263 13.04 18.72 -20.15
C SER C 263 14.07 17.83 -20.83
N LEU C 264 14.53 18.28 -21.99
CA LEU C 264 15.52 17.56 -22.79
C LEU C 264 16.79 18.39 -22.89
N ASP C 265 17.94 17.76 -22.65
CA ASP C 265 19.21 18.46 -22.59
C ASP C 265 19.92 18.30 -23.93
N ARG C 266 19.97 19.39 -24.70
CA ARG C 266 20.65 19.44 -25.99
C ARG C 266 20.28 18.24 -26.88
N PRO C 267 19.00 18.05 -27.19
CA PRO C 267 18.59 16.84 -27.89
C PRO C 267 18.70 16.96 -29.40
N THR C 268 18.86 15.82 -30.05
CA THR C 268 18.72 15.78 -31.50
C THR C 268 17.24 15.83 -31.87
N ASP C 269 16.98 16.01 -33.18
CA ASP C 269 15.60 16.08 -33.63
C ASP C 269 14.88 14.74 -33.48
N ALA C 270 15.60 13.64 -33.66
CA ALA C 270 14.99 12.32 -33.55
C ALA C 270 14.47 12.05 -32.14
N GLN C 271 15.22 12.50 -31.12
CA GLN C 271 14.80 12.25 -29.75
C GLN C 271 13.54 13.04 -29.40
N VAL C 272 13.46 14.30 -29.83
CA VAL C 272 12.24 15.07 -29.61
C VAL C 272 11.08 14.45 -30.37
N GLY C 273 11.32 13.98 -31.59
CA GLY C 273 10.28 13.29 -32.33
C GLY C 273 9.79 12.04 -31.62
N LEU C 274 10.70 11.28 -31.02
CA LEU C 274 10.32 10.09 -30.27
C LEU C 274 9.47 10.45 -29.05
N VAL C 275 9.86 11.52 -28.34
CA VAL C 275 9.07 11.97 -27.19
C VAL C 275 7.67 12.37 -27.63
N LEU C 276 7.57 13.10 -28.75
CA LEU C 276 6.25 13.52 -29.23
C LEU C 276 5.42 12.32 -29.70
N LEU C 277 6.08 11.31 -30.29
CA LEU C 277 5.36 10.11 -30.68
C LEU C 277 4.79 9.40 -29.46
N ALA C 278 5.57 9.31 -28.38
CA ALA C 278 5.06 8.71 -27.16
C ALA C 278 3.88 9.50 -26.61
N LEU C 279 3.97 10.83 -26.62
CA LEU C 279 2.87 11.65 -26.14
C LEU C 279 1.62 11.45 -26.99
N ASN C 280 1.79 11.31 -28.30
CA ASN C 280 0.67 11.07 -29.19
C ASN C 280 0.02 9.72 -28.91
N LYS C 281 0.84 8.69 -28.66
CA LYS C 281 0.34 7.35 -28.43
C LYS C 281 -0.08 7.12 -26.97
N MET C 282 0.03 8.14 -26.13
CA MET C 282 -0.49 8.08 -24.77
C MET C 282 -2.02 8.01 -24.79
N THR C 283 -2.62 8.12 -23.61
CA THR C 283 -4.05 8.23 -23.34
C THR C 283 -4.75 6.87 -23.46
N ASN C 284 -4.05 5.84 -23.94
CA ASN C 284 -4.52 4.47 -23.77
C ASN C 284 -3.84 3.77 -22.62
N GLU C 285 -3.12 4.51 -21.77
CA GLU C 285 -2.43 3.97 -20.62
C GLU C 285 -3.05 4.53 -19.34
N ARG C 286 -2.52 4.09 -18.20
CA ARG C 286 -3.02 4.48 -16.89
C ARG C 286 -1.86 4.98 -16.04
N ILE C 287 -2.17 5.82 -15.06
CA ILE C 287 -1.17 6.36 -14.16
C ILE C 287 -1.28 5.69 -12.80
N ALA C 288 -0.14 5.27 -12.26
CA ALA C 288 -0.01 4.69 -10.91
C ALA C 288 -0.76 3.36 -10.89
N GLY C 289 -1.40 3.00 -9.77
CA GLY C 289 -2.00 1.68 -9.64
C GLY C 289 -3.52 1.68 -9.57
N GLY C 290 -4.09 0.61 -9.01
CA GLY C 290 -5.53 0.42 -9.03
C GLY C 290 -6.03 -0.14 -10.35
N HIS C 291 -5.37 -1.17 -10.86
CA HIS C 291 -5.63 -1.64 -12.21
C HIS C 291 -7.03 -2.20 -12.37
N SER C 292 -7.50 -3.01 -11.41
CA SER C 292 -8.77 -3.69 -11.58
C SER C 292 -9.95 -2.75 -11.45
N LYS C 293 -9.74 -1.55 -10.91
CA LYS C 293 -10.81 -0.60 -10.70
C LYS C 293 -10.81 0.54 -11.72
N ASP C 294 -10.00 0.42 -12.78
CA ASP C 294 -9.92 1.44 -13.83
C ASP C 294 -9.50 2.80 -13.28
N TYR C 295 -8.52 2.78 -12.36
CA TYR C 295 -7.95 4.00 -11.84
C TYR C 295 -6.83 4.48 -12.76
N GLY C 296 -6.67 5.80 -12.81
CA GLY C 296 -5.57 6.40 -13.56
C GLY C 296 -5.89 6.82 -14.97
N ARG C 297 -7.17 6.88 -15.35
CA ARG C 297 -7.54 7.35 -16.67
C ARG C 297 -7.40 8.86 -16.75
N PHE C 298 -7.06 9.35 -17.94
CA PHE C 298 -6.84 10.79 -18.13
C PHE C 298 -7.02 11.14 -19.59
N VAL C 299 -7.16 12.44 -19.84
CA VAL C 299 -7.22 13.01 -21.18
C VAL C 299 -6.29 14.21 -21.24
N ILE C 300 -5.61 14.39 -22.37
CA ILE C 300 -4.70 15.50 -22.57
C ILE C 300 -5.47 16.66 -23.17
N ASP C 301 -5.34 17.85 -22.57
CA ASP C 301 -6.02 19.03 -23.05
C ASP C 301 -5.06 20.16 -23.44
N GLY C 302 -3.76 19.90 -23.46
CA GLY C 302 -2.82 20.91 -23.89
C GLY C 302 -1.37 20.48 -23.80
N VAL C 303 -0.61 20.74 -24.85
CA VAL C 303 0.83 20.46 -24.89
C VAL C 303 1.53 21.71 -25.41
N SER C 304 2.45 22.25 -24.62
CA SER C 304 3.21 23.44 -24.99
C SER C 304 4.64 23.04 -25.32
N LEU C 305 5.11 23.47 -26.48
CA LEU C 305 6.45 23.13 -26.97
C LEU C 305 7.27 24.42 -26.97
N ASN C 306 8.07 24.60 -25.92
CA ASN C 306 8.85 25.83 -25.71
C ASN C 306 7.95 27.06 -25.71
N GLY C 307 6.80 26.95 -25.07
CA GLY C 307 5.86 28.05 -24.95
C GLY C 307 4.83 28.12 -26.06
N GLU C 308 4.93 27.29 -27.08
CA GLU C 308 4.02 27.31 -28.22
C GLU C 308 3.05 26.14 -28.13
N GLN C 309 1.76 26.42 -28.26
CA GLN C 309 0.71 25.41 -28.16
C GLN C 309 0.68 24.61 -29.45
N VAL C 310 0.99 23.32 -29.37
CA VAL C 310 1.07 22.46 -30.53
C VAL C 310 0.09 21.29 -30.43
N TRP C 311 -0.88 21.36 -29.54
CA TRP C 311 -1.85 20.28 -29.35
C TRP C 311 -3.21 20.71 -29.86
N SER C 312 -3.83 19.87 -30.67
CA SER C 312 -5.18 20.08 -31.18
C SER C 312 -6.07 18.92 -30.72
N GLN C 313 -7.28 18.88 -31.26
CA GLN C 313 -8.21 17.81 -30.89
C GLN C 313 -7.68 16.45 -31.30
N SER C 314 -7.01 16.37 -32.45
CA SER C 314 -6.51 15.11 -33.00
C SER C 314 -4.98 15.17 -33.08
N GLY C 315 -4.32 14.78 -31.99
CA GLY C 315 -2.88 14.68 -32.02
C GLY C 315 -2.16 16.01 -31.94
N ILE C 316 -0.87 15.97 -32.26
CA ILE C 316 0.01 17.12 -32.20
C ILE C 316 0.19 17.68 -33.60
N THR C 317 -0.09 18.98 -33.77
CA THR C 317 0.08 19.68 -35.04
C THR C 317 1.30 20.59 -34.93
N GLY C 318 2.33 20.28 -35.72
CA GLY C 318 3.57 21.01 -35.69
C GLY C 318 4.75 20.08 -35.53
N GLY C 319 5.93 20.70 -35.40
CA GLY C 319 7.15 19.94 -35.23
C GLY C 319 7.44 19.01 -36.39
N GLU C 320 7.30 19.52 -37.62
CA GLU C 320 7.48 18.68 -38.80
C GLU C 320 8.90 18.15 -38.89
N GLN C 321 9.90 18.98 -38.53
CA GLN C 321 11.28 18.52 -38.58
C GLN C 321 11.50 17.37 -37.61
N TYR C 322 10.93 17.46 -36.41
CA TYR C 322 11.08 16.39 -35.42
C TYR C 322 10.45 15.09 -35.91
N PHE C 323 9.25 15.18 -36.46
CA PHE C 323 8.56 13.97 -36.92
C PHE C 323 9.28 13.35 -38.11
N ASP C 324 9.75 14.17 -39.05
CA ASP C 324 10.51 13.62 -40.17
C ASP C 324 11.80 12.97 -39.71
N ALA C 325 12.51 13.61 -38.78
CA ALA C 325 13.76 13.05 -38.28
C ALA C 325 13.53 11.73 -37.56
N VAL C 326 12.47 11.65 -36.74
CA VAL C 326 12.21 10.40 -36.03
C VAL C 326 11.74 9.31 -37.01
N ALA C 327 11.00 9.68 -38.05
CA ALA C 327 10.60 8.70 -39.06
C ALA C 327 11.82 8.14 -39.78
N GLU C 328 12.78 9.02 -40.12
CA GLU C 328 14.01 8.56 -40.73
C GLU C 328 14.81 7.68 -39.77
N ALA C 329 14.87 8.04 -38.50
CA ALA C 329 15.66 7.32 -37.51
C ALA C 329 15.04 5.99 -37.10
N ILE C 330 13.73 5.81 -37.29
CA ILE C 330 13.11 4.53 -36.95
C ILE C 330 13.69 3.42 -37.81
N ASP C 331 13.86 3.69 -39.10
CA ASP C 331 14.57 2.75 -39.96
C ASP C 331 16.03 2.65 -39.53
N GLY C 332 16.59 1.46 -39.66
CA GLY C 332 17.92 1.21 -39.16
C GLY C 332 17.99 0.86 -37.70
N LEU C 333 16.86 0.82 -37.01
CA LEU C 333 16.81 0.39 -35.61
C LEU C 333 17.00 -1.12 -35.58
N SER C 334 18.17 -1.56 -35.13
CA SER C 334 18.51 -2.97 -35.07
C SER C 334 18.86 -3.33 -33.64
N SER C 335 18.86 -4.64 -33.37
CA SER C 335 19.20 -5.13 -32.04
C SER C 335 20.69 -5.05 -31.74
N LYS C 336 21.53 -4.84 -32.77
CA LYS C 336 22.97 -4.84 -32.57
C LYS C 336 23.42 -3.69 -31.67
N GLU C 337 22.81 -2.52 -31.81
CA GLU C 337 23.13 -1.40 -30.94
C GLU C 337 22.75 -1.70 -29.49
N PHE C 338 21.59 -2.33 -29.29
CA PHE C 338 21.19 -2.72 -27.94
C PHE C 338 22.17 -3.73 -27.35
N GLU C 339 22.61 -4.71 -28.15
CA GLU C 339 23.56 -5.70 -27.65
C GLU C 339 24.89 -5.05 -27.30
N GLN C 340 25.32 -4.06 -28.10
CA GLN C 340 26.61 -3.43 -27.83
C GLN C 340 26.54 -2.51 -26.62
N PHE C 341 25.41 -1.84 -26.42
CA PHE C 341 25.24 -1.03 -25.21
C PHE C 341 25.13 -1.92 -23.98
N ALA C 342 24.52 -3.10 -24.12
CA ALA C 342 24.29 -3.96 -22.97
C ALA C 342 25.58 -4.66 -22.51
N GLN C 343 26.38 -5.16 -23.44
CA GLN C 343 27.48 -6.04 -23.09
C GLN C 343 28.86 -5.43 -23.35
N SER C 344 29.13 -5.00 -24.58
CA SER C 344 30.46 -4.53 -24.97
C SER C 344 31.53 -5.58 -24.67
N MET D 1 -12.96 -3.76 -25.49
CA MET D 1 -12.06 -2.62 -25.59
C MET D 1 -12.85 -1.32 -25.61
N GLN D 2 -12.79 -0.60 -24.48
CA GLN D 2 -13.48 0.71 -24.33
C GLN D 2 -14.98 0.60 -24.58
N ILE D 3 -15.63 -0.43 -24.04
CA ILE D 3 -17.11 -0.60 -24.17
C ILE D 3 -17.81 0.39 -23.22
N GLU D 4 -18.82 1.10 -23.70
CA GLU D 4 -19.58 2.07 -22.85
C GLU D 4 -21.05 1.61 -22.79
N VAL D 5 -21.60 1.46 -21.59
CA VAL D 5 -22.99 0.96 -21.42
C VAL D 5 -23.85 2.03 -20.72
N THR D 6 -25.03 2.31 -21.29
CA THR D 6 -25.99 3.28 -20.70
C THR D 6 -27.15 2.48 -20.12
N VAL D 7 -27.51 2.72 -18.85
CA VAL D 7 -28.60 1.93 -18.19
C VAL D 7 -29.60 2.86 -17.51
N ARG D 8 -30.82 2.35 -17.30
CA ARG D 8 -31.90 3.06 -16.64
C ARG D 8 -32.43 2.21 -15.48
N ASN D 9 -32.72 2.85 -14.36
CA ASN D 9 -33.31 2.16 -13.23
C ASN D 9 -34.82 2.38 -13.21
N ILE D 10 -35.55 1.35 -12.77
CA ILE D 10 -37.00 1.43 -12.63
C ILE D 10 -37.44 1.42 -11.18
N THR D 11 -36.54 1.14 -10.24
CA THR D 11 -36.77 1.14 -8.81
C THR D 11 -35.63 1.89 -8.14
N PRO D 12 -35.83 2.35 -6.91
CA PRO D 12 -34.75 3.07 -6.22
C PRO D 12 -33.50 2.22 -6.06
N ILE D 13 -32.35 2.89 -6.07
CA ILE D 13 -31.05 2.24 -5.94
C ILE D 13 -30.47 2.61 -4.57
N PHE D 14 -30.06 1.60 -3.82
CA PHE D 14 -29.55 1.79 -2.47
C PHE D 14 -28.18 1.13 -2.35
N SER D 15 -27.22 1.88 -1.81
CA SER D 15 -25.88 1.34 -1.58
C SER D 15 -25.39 1.93 -0.26
N ALA D 16 -25.62 1.20 0.83
CA ALA D 16 -25.32 1.72 2.15
C ALA D 16 -23.83 2.01 2.29
N ALA D 17 -23.51 3.15 2.91
CA ALA D 17 -22.14 3.55 3.12
C ALA D 17 -21.77 3.42 4.58
N PRO D 18 -20.62 2.83 4.90
CA PRO D 18 -20.22 2.73 6.31
C PRO D 18 -20.05 4.10 6.94
N GLY D 19 -20.46 4.21 8.20
CA GLY D 19 -20.39 5.47 8.92
C GLY D 19 -21.62 5.73 9.76
N SER D 20 -21.67 6.87 10.44
CA SER D 20 -22.79 7.25 11.28
C SER D 20 -23.28 8.64 10.87
N ASN D 21 -24.55 8.73 10.52
CA ASN D 21 -25.17 9.99 10.14
C ASN D 21 -26.55 10.09 10.79
N TYR D 22 -26.99 11.32 11.01
CA TYR D 22 -28.21 11.57 11.76
C TYR D 22 -29.12 12.52 11.00
N ILE D 23 -30.42 12.37 11.23
CA ILE D 23 -31.45 13.21 10.62
C ILE D 23 -32.43 13.63 11.71
N THR D 24 -33.12 14.74 11.48
CA THR D 24 -34.13 15.25 12.40
C THR D 24 -35.44 15.43 11.65
N ILE D 25 -36.33 14.43 11.76
CA ILE D 25 -37.68 14.43 11.20
C ILE D 25 -37.67 14.95 9.75
N ASP D 26 -36.61 14.59 9.02
CA ASP D 26 -36.40 14.88 7.61
C ASP D 26 -36.03 16.35 7.37
N GLY D 27 -36.10 17.18 8.41
CA GLY D 27 -35.81 18.59 8.26
C GLY D 27 -34.36 18.92 7.95
N THR D 28 -33.42 18.27 8.63
CA THR D 28 -32.02 18.59 8.49
C THR D 28 -31.18 17.33 8.70
N ILE D 29 -29.91 17.40 8.28
CA ILE D 29 -28.96 16.30 8.40
C ILE D 29 -27.79 16.78 9.23
N ASN D 30 -27.47 16.01 10.28
CA ASN D 30 -26.37 16.31 11.19
C ASN D 30 -26.42 17.75 11.73
N PRO D 31 -27.43 18.09 12.53
CA PRO D 31 -27.50 19.43 13.10
C PRO D 31 -26.45 19.62 14.18
N PRO D 32 -25.92 20.83 14.34
CA PRO D 32 -25.02 21.11 15.46
C PRO D 32 -25.65 20.84 16.81
N PRO D 33 -26.94 21.15 17.04
CA PRO D 33 -27.53 20.80 18.34
C PRO D 33 -28.01 19.36 18.36
N GLY D 34 -27.86 18.73 19.53
CA GLY D 34 -28.32 17.37 19.71
C GLY D 34 -29.79 17.31 20.10
N VAL D 35 -30.65 17.79 19.21
CA VAL D 35 -32.10 17.83 19.46
C VAL D 35 -32.81 17.06 18.37
N SER D 36 -33.71 16.16 18.77
CA SER D 36 -34.52 15.37 17.84
C SER D 36 -33.64 14.59 16.87
N ARG D 37 -32.55 14.03 17.39
CA ARG D 37 -31.66 13.24 16.56
C ARG D 37 -32.27 11.88 16.26
N PHE D 38 -32.16 11.46 14.99
CA PHE D 38 -32.55 10.14 14.55
C PHE D 38 -31.47 9.56 13.66
N PRO D 39 -31.30 8.24 13.64
CA PRO D 39 -30.28 7.64 12.79
C PRO D 39 -30.71 7.66 11.33
N LEU D 40 -29.72 7.84 10.45
CA LEU D 40 -29.94 7.88 9.01
C LEU D 40 -28.86 7.08 8.30
N VAL D 41 -29.23 6.44 7.20
CA VAL D 41 -28.32 5.66 6.38
C VAL D 41 -28.24 6.31 5.01
N ARG D 42 -27.02 6.49 4.51
CA ARG D 42 -26.77 7.21 3.27
C ARG D 42 -26.35 6.25 2.17
N THR D 43 -26.63 6.64 0.94
CA THR D 43 -26.15 5.91 -0.23
C THR D 43 -24.69 6.29 -0.50
N ARG D 44 -23.99 5.41 -1.23
CA ARG D 44 -22.58 5.65 -1.54
C ARG D 44 -22.42 6.96 -2.30
N MET D 45 -21.28 7.61 -2.08
CA MET D 45 -21.08 8.98 -2.54
C MET D 45 -19.67 9.16 -3.09
N MET D 46 -19.51 10.14 -3.97
CA MET D 46 -18.26 10.37 -4.68
C MET D 46 -18.11 11.86 -4.93
N TYR D 47 -17.03 12.46 -4.42
CA TYR D 47 -16.76 13.87 -4.67
C TYR D 47 -16.12 14.02 -6.04
N VAL D 48 -16.53 15.06 -6.76
CA VAL D 48 -16.04 15.32 -8.10
C VAL D 48 -15.82 16.82 -8.24
N ALA D 49 -14.71 17.20 -8.88
CA ALA D 49 -14.47 18.60 -9.18
C ALA D 49 -15.40 19.04 -10.30
N ALA D 50 -16.13 20.15 -10.07
CA ALA D 50 -17.11 20.63 -11.00
C ALA D 50 -17.06 22.15 -11.07
N ASP D 51 -17.68 22.71 -12.10
CA ASP D 51 -17.69 24.15 -12.33
C ASP D 51 -18.97 24.70 -11.71
N VAL D 52 -18.84 25.42 -10.60
CA VAL D 52 -19.95 26.12 -9.97
C VAL D 52 -19.52 27.56 -9.76
N GLY D 53 -20.48 28.47 -9.81
CA GLY D 53 -20.16 29.88 -9.71
C GLY D 53 -19.67 30.53 -10.98
N ASP D 54 -19.67 29.78 -12.09
CA ASP D 54 -19.31 30.31 -13.41
C ASP D 54 -17.89 30.89 -13.41
N GLY D 55 -16.92 30.01 -13.17
CA GLY D 55 -15.52 30.41 -13.25
C GLY D 55 -14.60 29.77 -12.24
N VAL D 56 -15.16 29.22 -11.16
CA VAL D 56 -14.35 28.59 -10.12
C VAL D 56 -14.71 27.12 -10.02
N ILE D 57 -13.74 26.32 -9.57
CA ILE D 57 -13.88 24.88 -9.47
C ILE D 57 -14.04 24.51 -8.01
N LYS D 58 -15.03 23.68 -7.71
CA LYS D 58 -15.31 23.24 -6.35
C LYS D 58 -15.57 21.73 -6.34
N SER D 59 -15.60 21.16 -5.14
CA SER D 59 -15.92 19.75 -4.96
C SER D 59 -17.40 19.63 -4.58
N VAL D 60 -18.12 18.79 -5.32
CA VAL D 60 -19.56 18.62 -5.10
C VAL D 60 -19.88 17.15 -4.99
N PRO D 61 -20.90 16.76 -4.23
CA PRO D 61 -21.24 15.34 -4.10
C PRO D 61 -21.86 14.79 -5.38
N LEU D 62 -21.75 13.47 -5.55
CA LEU D 62 -22.36 12.75 -6.65
C LEU D 62 -22.64 11.32 -6.22
N GLN D 63 -23.89 10.89 -6.38
CA GLN D 63 -24.29 9.56 -5.94
C GLN D 63 -23.90 8.53 -7.00
N ILE D 64 -23.16 7.50 -6.58
CA ILE D 64 -22.66 6.48 -7.49
C ILE D 64 -22.89 5.10 -6.87
N VAL D 65 -22.68 4.07 -7.69
CA VAL D 65 -22.63 2.69 -7.23
C VAL D 65 -21.21 2.19 -7.42
N PRO D 66 -20.55 1.68 -6.38
CA PRO D 66 -19.10 1.43 -6.47
C PRO D 66 -18.77 0.40 -7.54
N GLY D 67 -17.59 0.57 -8.14
CA GLY D 67 -17.15 -0.32 -9.20
C GLY D 67 -16.84 -1.73 -8.75
N ASN D 68 -16.52 -1.92 -7.46
CA ASN D 68 -16.29 -3.26 -6.94
C ASN D 68 -17.55 -4.11 -7.03
N THR D 69 -18.70 -3.54 -6.66
CA THR D 69 -19.95 -4.29 -6.74
C THR D 69 -20.34 -4.59 -8.18
N MET D 70 -20.11 -3.65 -9.09
CA MET D 70 -20.39 -3.90 -10.50
C MET D 70 -19.49 -5.01 -11.06
N ARG D 71 -18.20 -4.99 -10.70
CA ARG D 71 -17.30 -6.03 -11.17
C ARG D 71 -17.72 -7.39 -10.63
N SER D 72 -18.12 -7.45 -9.35
CA SER D 72 -18.62 -8.70 -8.79
C SER D 72 -19.89 -9.16 -9.48
N LEU D 73 -20.79 -8.23 -9.79
CA LEU D 73 -22.04 -8.59 -10.47
C LEU D 73 -21.75 -9.16 -11.85
N LEU D 74 -20.84 -8.54 -12.58
CA LEU D 74 -20.42 -9.07 -13.88
C LEU D 74 -19.86 -10.48 -13.73
N ARG D 75 -18.96 -10.67 -12.77
CA ARG D 75 -18.36 -11.99 -12.56
C ARG D 75 -19.43 -13.03 -12.27
N ARG D 76 -20.37 -12.70 -11.40
CA ARG D 76 -21.36 -13.70 -10.97
C ARG D 76 -22.35 -14.01 -12.08
N THR D 77 -22.82 -13.01 -12.83
CA THR D 77 -23.77 -13.30 -13.89
C THR D 77 -23.10 -14.08 -15.02
N MET D 78 -21.83 -13.77 -15.32
CA MET D 78 -21.12 -14.53 -16.34
C MET D 78 -20.82 -15.95 -15.88
N LEU D 79 -20.56 -16.13 -14.58
CA LEU D 79 -20.22 -17.46 -14.07
C LEU D 79 -21.46 -18.33 -13.95
N LYS D 80 -22.62 -17.72 -13.69
CA LYS D 80 -23.84 -18.52 -13.50
C LYS D 80 -24.55 -18.77 -14.83
N HIS D 81 -24.63 -17.78 -15.70
CA HIS D 81 -25.48 -17.90 -16.88
C HIS D 81 -24.75 -18.57 -18.04
N VAL D 82 -23.42 -18.53 -18.05
CA VAL D 82 -22.63 -18.98 -19.19
C VAL D 82 -21.68 -20.12 -18.81
N ILE D 83 -20.75 -19.87 -17.90
CA ILE D 83 -19.71 -20.84 -17.61
C ILE D 83 -20.28 -22.04 -16.86
N GLU D 84 -21.16 -21.81 -15.90
CA GLU D 84 -21.65 -22.90 -15.06
C GLU D 84 -22.42 -23.95 -15.85
N PRO D 85 -23.41 -23.60 -16.68
CA PRO D 85 -24.12 -24.66 -17.42
C PRO D 85 -23.23 -25.40 -18.41
N ALA D 86 -22.29 -24.71 -19.05
CA ALA D 86 -21.38 -25.37 -19.97
C ALA D 86 -20.45 -26.32 -19.23
N LEU D 87 -19.98 -25.92 -18.05
CA LEU D 87 -19.09 -26.78 -17.27
C LEU D 87 -19.82 -28.00 -16.74
N VAL D 88 -21.00 -27.81 -16.13
CA VAL D 88 -21.70 -28.92 -15.50
C VAL D 88 -22.16 -29.93 -16.56
N GLU D 89 -22.50 -29.45 -17.75
CA GLU D 89 -22.79 -30.34 -18.86
C GLU D 89 -21.53 -31.12 -19.22
N LYS D 90 -21.72 -32.32 -19.78
CA LYS D 90 -20.64 -33.24 -20.15
C LYS D 90 -19.70 -33.53 -18.97
N GLY D 91 -20.25 -33.48 -17.76
CA GLY D 91 -19.46 -33.81 -16.58
C GLY D 91 -18.71 -32.60 -16.08
N ASN D 92 -17.39 -32.75 -15.91
CA ASN D 92 -16.50 -31.64 -15.56
C ASN D 92 -16.92 -30.94 -14.27
N LYS D 93 -16.83 -31.67 -13.16
CA LYS D 93 -17.06 -31.07 -11.85
C LYS D 93 -15.86 -30.23 -11.42
N LEU D 94 -16.12 -29.25 -10.56
CA LEU D 94 -15.08 -28.42 -9.98
C LEU D 94 -14.86 -28.83 -8.53
N SER D 95 -13.62 -28.69 -8.05
CA SER D 95 -13.36 -28.90 -6.65
C SER D 95 -13.84 -27.68 -5.84
N ILE D 96 -13.89 -27.85 -4.52
CA ILE D 96 -14.37 -26.78 -3.66
C ILE D 96 -13.41 -25.58 -3.70
N GLY D 97 -12.09 -25.86 -3.70
CA GLY D 97 -11.12 -24.78 -3.79
C GLY D 97 -11.20 -24.05 -5.12
N ALA D 98 -11.40 -24.78 -6.21
CA ALA D 98 -11.56 -24.14 -7.51
C ALA D 98 -12.82 -23.29 -7.56
N TYR D 99 -13.90 -23.77 -6.93
CA TYR D 99 -15.12 -22.98 -6.86
C TYR D 99 -14.89 -21.66 -6.12
N ALA D 100 -14.25 -21.74 -4.94
CA ALA D 100 -13.97 -20.53 -4.18
C ALA D 100 -13.05 -19.60 -4.95
N THR D 101 -12.05 -20.15 -5.63
CA THR D 101 -11.14 -19.35 -6.44
C THR D 101 -11.86 -18.66 -7.58
N ALA D 102 -12.83 -19.34 -8.20
CA ALA D 102 -13.54 -18.76 -9.33
C ALA D 102 -14.52 -17.67 -8.87
N TYR D 103 -15.03 -17.79 -7.65
CA TYR D 103 -16.05 -16.83 -7.22
C TYR D 103 -15.45 -15.60 -6.55
N SER D 104 -14.36 -15.76 -5.79
CA SER D 104 -13.86 -14.68 -4.96
C SER D 104 -12.37 -14.40 -5.15
N GLY D 105 -11.77 -14.86 -6.24
CA GLY D 105 -10.36 -14.61 -6.44
C GLY D 105 -9.48 -15.64 -5.78
N ASN D 106 -9.00 -15.34 -4.57
CA ASN D 106 -8.20 -16.30 -3.83
C ASN D 106 -9.08 -17.34 -3.16
N ALA D 107 -8.50 -18.48 -2.79
CA ALA D 107 -9.24 -19.51 -2.09
C ALA D 107 -8.97 -19.47 -0.58
N THR D 108 -7.90 -18.80 -0.18
CA THR D 108 -7.54 -18.66 1.23
C THR D 108 -7.14 -17.22 1.51
N GLY D 109 -6.84 -16.95 2.79
CA GLY D 109 -6.51 -15.59 3.19
C GLY D 109 -5.03 -15.28 3.04
N ASN D 110 -4.18 -16.30 3.01
CA ASN D 110 -2.74 -16.07 2.96
C ASN D 110 -2.19 -16.43 1.59
N PRO D 111 -1.60 -15.48 0.87
CA PRO D 111 -0.96 -15.82 -0.41
C PRO D 111 0.48 -16.27 -0.23
N ASP D 112 0.89 -17.29 -0.98
CA ASP D 112 2.30 -17.69 -0.95
C ASP D 112 3.14 -16.65 -1.67
N GLY D 113 4.32 -16.37 -1.11
CA GLY D 113 5.18 -15.36 -1.67
C GLY D 113 6.02 -15.79 -2.84
N VAL D 114 5.89 -17.04 -3.28
CA VAL D 114 6.66 -17.57 -4.40
C VAL D 114 6.14 -16.97 -5.69
N PRO D 115 6.96 -16.88 -6.73
CA PRO D 115 6.47 -16.45 -8.05
C PRO D 115 5.90 -17.65 -8.82
N SER D 116 5.52 -17.39 -10.06
CA SER D 116 4.98 -18.41 -10.94
C SER D 116 5.78 -18.47 -12.22
N SER D 117 5.76 -19.64 -12.86
CA SER D 117 6.52 -19.84 -14.08
C SER D 117 5.95 -18.98 -15.20
N PHE D 118 6.78 -18.76 -16.22
CA PHE D 118 6.36 -17.92 -17.36
C PHE D 118 5.27 -18.61 -18.17
N ASP D 119 5.36 -19.93 -18.33
CA ASP D 119 4.38 -20.67 -19.12
C ASP D 119 2.99 -20.60 -18.46
N GLU D 120 2.94 -20.70 -17.14
CA GLU D 120 1.67 -20.62 -16.44
C GLU D 120 1.02 -19.25 -16.65
N ILE D 121 1.81 -18.18 -16.53
CA ILE D 121 1.28 -16.83 -16.75
C ILE D 121 0.77 -16.70 -18.18
N ALA D 122 1.55 -17.17 -19.14
CA ALA D 122 1.17 -17.05 -20.54
C ALA D 122 -0.12 -17.79 -20.84
N THR D 123 -0.27 -19.01 -20.28
CA THR D 123 -1.47 -19.79 -20.57
C THR D 123 -2.69 -19.26 -19.81
N MET D 124 -2.49 -18.76 -18.59
CA MET D 124 -3.63 -18.25 -17.82
C MET D 124 -4.14 -16.93 -18.37
N ARG D 125 -3.24 -16.06 -18.84
CA ARG D 125 -3.70 -14.79 -19.39
C ARG D 125 -4.44 -14.95 -20.71
N ALA D 126 -4.39 -16.14 -21.31
CA ALA D 126 -5.10 -16.44 -22.54
C ALA D 126 -6.42 -17.14 -22.32
N HIS D 127 -6.72 -17.54 -21.08
CA HIS D 127 -7.98 -18.21 -20.80
C HIS D 127 -9.14 -17.24 -20.91
N PRO D 128 -10.29 -17.67 -21.45
CA PRO D 128 -11.42 -16.74 -21.62
C PRO D 128 -11.92 -16.14 -20.31
N PHE D 129 -11.86 -16.86 -19.20
CA PHE D 129 -12.33 -16.37 -17.92
C PHE D 129 -11.20 -16.01 -16.97
N ILE D 130 -10.23 -16.90 -16.79
CA ILE D 130 -9.14 -16.63 -15.86
C ILE D 130 -8.33 -15.43 -16.31
N GLY D 131 -8.13 -15.27 -17.61
CA GLY D 131 -7.44 -14.09 -18.11
C GLY D 131 -8.19 -12.80 -17.89
N LEU D 132 -9.50 -12.87 -17.73
CA LEU D 132 -10.30 -11.67 -17.50
C LEU D 132 -10.19 -11.20 -16.05
N PHE D 133 -10.55 -12.06 -15.10
CA PHE D 133 -10.40 -11.79 -13.68
C PHE D 133 -9.17 -12.54 -13.18
N GLY D 134 -8.17 -11.81 -12.71
CA GLY D 134 -6.95 -12.44 -12.26
C GLY D 134 -7.08 -13.05 -10.88
N GLY D 135 -6.03 -12.95 -10.07
CA GLY D 135 -6.08 -13.44 -8.72
C GLY D 135 -5.30 -14.72 -8.51
N GLY D 136 -5.83 -15.63 -7.70
CA GLY D 136 -5.18 -16.89 -7.43
C GLY D 136 -4.17 -16.77 -6.31
N PRO D 137 -3.52 -17.89 -5.98
CA PRO D 137 -2.52 -17.86 -4.90
C PRO D 137 -1.35 -16.93 -5.19
N ARG D 138 -0.95 -16.80 -6.45
CA ARG D 138 0.19 -16.00 -6.84
C ARG D 138 -0.18 -14.62 -7.37
N MET D 139 -1.46 -14.24 -7.27
CA MET D 139 -1.92 -12.90 -7.59
C MET D 139 -1.63 -12.53 -9.05
N LEU D 140 -2.24 -13.27 -9.97
CA LEU D 140 -2.11 -12.96 -11.38
C LEU D 140 -2.94 -11.73 -11.73
N GLU D 141 -2.44 -10.93 -12.67
CA GLU D 141 -3.09 -9.70 -13.07
C GLU D 141 -4.00 -9.93 -14.26
N GLY D 142 -5.28 -9.63 -14.09
CA GLY D 142 -6.23 -9.77 -15.17
C GLY D 142 -6.21 -8.59 -16.12
N ARG D 143 -6.96 -8.72 -17.22
CA ARG D 143 -7.02 -7.68 -18.24
C ARG D 143 -8.40 -7.05 -18.35
N LEU D 144 -9.15 -6.99 -17.26
CA LEU D 144 -10.46 -6.36 -17.24
C LEU D 144 -10.46 -5.22 -16.24
N MET D 145 -10.98 -4.07 -16.66
CA MET D 145 -11.06 -2.87 -15.83
C MET D 145 -12.51 -2.44 -15.77
N VAL D 146 -13.07 -2.37 -14.55
CA VAL D 146 -14.47 -2.02 -14.36
C VAL D 146 -14.54 -0.72 -13.58
N ASP D 147 -15.16 0.29 -14.17
CA ASP D 147 -15.37 1.57 -13.53
C ASP D 147 -16.64 1.51 -12.67
N SER D 148 -17.03 2.62 -12.08
CA SER D 148 -18.25 2.70 -11.29
C SER D 148 -19.39 3.23 -12.14
N LEU D 149 -20.60 3.18 -11.57
CA LEU D 149 -21.80 3.59 -12.28
C LEU D 149 -22.08 5.05 -11.95
N TYR D 150 -22.03 5.91 -12.96
CA TYR D 150 -22.25 7.34 -12.80
C TYR D 150 -23.58 7.76 -13.40
N PRO D 151 -24.38 8.55 -12.71
CA PRO D 151 -25.56 9.17 -13.36
C PRO D 151 -25.11 10.27 -14.28
N ILE D 152 -25.85 10.45 -15.37
CA ILE D 152 -25.52 11.49 -16.35
C ILE D 152 -26.05 12.81 -15.82
N HIS D 153 -25.22 13.50 -15.04
CA HIS D 153 -25.65 14.66 -14.27
C HIS D 153 -24.73 15.83 -14.60
N THR D 154 -25.24 17.04 -14.37
CA THR D 154 -24.47 18.24 -14.69
C THR D 154 -23.26 18.39 -13.78
N ASN D 155 -23.23 17.65 -12.66
CA ASN D 155 -22.07 17.68 -11.77
C ASN D 155 -20.90 16.90 -12.35
N ALA D 156 -21.17 15.90 -13.18
CA ALA D 156 -20.13 15.07 -13.78
C ALA D 156 -19.71 15.57 -15.17
N GLU D 157 -19.86 16.86 -15.44
CA GLU D 157 -19.46 17.39 -16.74
C GLU D 157 -17.96 17.26 -16.96
N ARG D 158 -17.15 17.50 -15.93
CA ARG D 158 -15.71 17.37 -16.07
C ARG D 158 -15.29 15.92 -16.24
N ILE D 159 -16.21 14.97 -16.05
CA ILE D 159 -15.89 13.56 -16.25
C ILE D 159 -16.38 13.09 -17.62
N LEU D 160 -17.57 13.51 -18.03
CA LEU D 160 -18.19 13.00 -19.26
C LEU D 160 -18.86 14.11 -20.05
N GLY D 161 -18.32 15.32 -19.99
CA GLY D 161 -18.99 16.46 -20.61
C GLY D 161 -19.05 16.39 -22.12
N ALA D 162 -17.95 15.97 -22.75
CA ALA D 162 -17.87 16.00 -24.20
C ALA D 162 -18.91 15.08 -24.85
N GLY D 163 -19.12 13.89 -24.28
CA GLY D 163 -20.04 12.94 -24.89
C GLY D 163 -21.48 13.41 -24.84
N TYR D 164 -21.90 13.97 -23.70
CA TYR D 164 -23.31 14.31 -23.47
C TYR D 164 -23.38 15.80 -23.10
N GLU D 165 -23.44 16.65 -24.12
CA GLU D 165 -23.69 18.06 -23.86
C GLU D 165 -25.13 18.30 -23.46
N ASN D 166 -26.06 17.57 -24.07
CA ASN D 166 -27.47 17.61 -23.73
C ASN D 166 -27.85 16.40 -22.89
N GLU D 167 -29.15 16.24 -22.66
CA GLU D 167 -29.73 15.09 -21.94
C GLU D 167 -29.09 14.88 -20.57
N MET D 168 -28.65 15.97 -19.96
CA MET D 168 -28.09 15.96 -18.61
C MET D 168 -29.12 16.55 -17.66
N MET D 169 -29.46 15.82 -16.59
CA MET D 169 -30.38 16.34 -15.60
C MET D 169 -29.65 17.24 -14.61
N SER D 170 -30.42 17.82 -13.69
CA SER D 170 -29.88 18.66 -12.64
C SER D 170 -30.77 18.58 -11.41
N GLY D 171 -30.22 19.01 -10.28
CA GLY D 171 -30.95 19.01 -9.04
C GLY D 171 -30.73 17.74 -8.23
N PRO D 172 -31.36 17.68 -7.05
CA PRO D 172 -31.20 16.50 -6.19
C PRO D 172 -31.80 15.26 -6.84
N ILE D 173 -31.17 14.12 -6.57
CA ILE D 173 -31.62 12.83 -7.10
C ILE D 173 -31.76 11.83 -5.96
N THR D 174 -32.07 12.33 -4.76
CA THR D 174 -32.12 11.51 -3.57
C THR D 174 -33.40 11.79 -2.78
N GLN D 175 -34.00 10.73 -2.26
CA GLN D 175 -35.20 10.84 -1.45
C GLN D 175 -35.02 10.02 -0.18
N VAL D 176 -35.46 10.58 0.95
CA VAL D 176 -35.35 9.93 2.25
C VAL D 176 -36.66 9.22 2.56
N VAL D 177 -36.57 7.95 2.96
CA VAL D 177 -37.72 7.14 3.32
C VAL D 177 -37.60 6.76 4.79
N TRP D 178 -38.75 6.68 5.48
CA TRP D 178 -38.74 6.36 6.90
C TRP D 178 -38.57 4.87 7.13
N ALA D 179 -39.12 4.05 6.24
CA ALA D 179 -39.06 2.60 6.41
C ALA D 179 -38.10 1.97 5.40
N PHE D 246 -38.51 2.55 12.19
CA PHE D 246 -38.05 3.93 12.10
C PHE D 246 -36.62 3.99 11.56
N ASN D 247 -36.21 2.95 10.84
CA ASN D 247 -34.90 2.96 10.21
C ASN D 247 -34.95 3.72 8.89
N ALA D 248 -34.38 4.93 8.89
CA ALA D 248 -34.48 5.85 7.78
C ALA D 248 -33.22 5.78 6.93
N HIS D 249 -33.40 5.66 5.62
CA HIS D 249 -32.30 5.64 4.67
C HIS D 249 -32.67 6.45 3.44
N GLU D 250 -31.65 6.88 2.71
CA GLU D 250 -31.83 7.69 1.50
C GLU D 250 -31.45 6.87 0.28
N VAL D 251 -32.22 7.03 -0.80
CA VAL D 251 -32.05 6.25 -2.01
C VAL D 251 -32.07 7.18 -3.22
N VAL D 252 -31.59 6.67 -4.35
CA VAL D 252 -31.65 7.41 -5.60
C VAL D 252 -32.98 7.13 -6.30
N ILE D 253 -33.66 8.20 -6.71
CA ILE D 253 -35.00 8.12 -7.27
C ILE D 253 -34.98 7.32 -8.57
N PRO D 254 -36.06 6.60 -8.90
CA PRO D 254 -36.08 5.81 -10.12
C PRO D 254 -36.22 6.68 -11.36
N GLY D 255 -36.21 6.02 -12.52
CA GLY D 255 -36.31 6.72 -13.78
C GLY D 255 -35.14 7.63 -14.08
N LEU D 256 -33.92 7.15 -13.89
CA LEU D 256 -32.71 7.94 -14.07
C LEU D 256 -31.80 7.24 -15.08
N LYS D 257 -30.95 8.01 -15.74
CA LYS D 257 -30.03 7.46 -16.71
C LYS D 257 -28.61 7.45 -16.17
N TRP D 258 -27.97 6.28 -16.21
CA TRP D 258 -26.61 6.11 -15.73
C TRP D 258 -25.71 5.67 -16.89
N VAL D 259 -24.41 5.83 -16.71
CA VAL D 259 -23.42 5.44 -17.72
C VAL D 259 -22.36 4.57 -17.05
N TRP D 260 -22.00 3.48 -17.72
CA TRP D 260 -21.06 2.50 -17.20
C TRP D 260 -19.95 2.25 -18.22
N ARG D 261 -18.71 2.35 -17.77
CA ARG D 261 -17.54 2.21 -18.64
C ARG D 261 -16.74 0.98 -18.24
N ILE D 262 -16.42 0.14 -19.22
CA ILE D 262 -15.61 -1.05 -19.03
C ILE D 262 -14.52 -1.06 -20.09
N SER D 263 -13.32 -1.48 -19.69
CA SER D 263 -12.18 -1.49 -20.60
C SER D 263 -11.44 -2.82 -20.47
N LEU D 264 -10.83 -3.24 -21.58
CA LEU D 264 -9.97 -4.40 -21.63
C LEU D 264 -8.69 -4.02 -22.34
N ASP D 265 -7.58 -4.63 -21.94
CA ASP D 265 -6.29 -4.40 -22.59
C ASP D 265 -5.82 -5.67 -23.29
N ARG D 266 -5.47 -5.54 -24.57
CA ARG D 266 -5.01 -6.61 -25.44
C ARG D 266 -5.83 -7.89 -25.29
N PRO D 267 -7.15 -7.84 -25.50
CA PRO D 267 -7.96 -9.05 -25.31
C PRO D 267 -8.08 -9.89 -26.57
N THR D 268 -8.29 -11.18 -26.35
CA THR D 268 -8.64 -12.06 -27.45
C THR D 268 -10.12 -11.88 -27.80
N ASP D 269 -10.52 -12.43 -28.95
CA ASP D 269 -11.91 -12.29 -29.38
C ASP D 269 -12.84 -13.08 -28.47
N ALA D 270 -12.36 -14.19 -27.91
CA ALA D 270 -13.20 -15.00 -27.02
C ALA D 270 -13.59 -14.22 -25.78
N GLN D 271 -12.65 -13.44 -25.21
CA GLN D 271 -12.95 -12.68 -24.01
C GLN D 271 -13.98 -11.59 -24.26
N VAL D 272 -13.87 -10.89 -25.39
CA VAL D 272 -14.85 -9.87 -25.75
C VAL D 272 -16.21 -10.52 -25.98
N GLY D 273 -16.23 -11.68 -26.64
CA GLY D 273 -17.48 -12.39 -26.82
C GLY D 273 -18.11 -12.79 -25.51
N LEU D 274 -17.30 -13.24 -24.55
CA LEU D 274 -17.81 -13.60 -23.24
C LEU D 274 -18.38 -12.39 -22.51
N VAL D 275 -17.73 -11.24 -22.64
CA VAL D 275 -18.26 -10.02 -22.04
C VAL D 275 -19.61 -9.66 -22.65
N LEU D 276 -19.73 -9.76 -23.98
CA LEU D 276 -21.00 -9.45 -24.63
C LEU D 276 -22.09 -10.44 -24.23
N LEU D 277 -21.74 -11.71 -24.11
CA LEU D 277 -22.69 -12.72 -23.65
C LEU D 277 -23.19 -12.41 -22.24
N ALA D 278 -22.28 -12.02 -21.35
CA ALA D 278 -22.69 -11.64 -20.00
C ALA D 278 -23.59 -10.42 -20.02
N LEU D 279 -23.28 -9.45 -20.87
CA LEU D 279 -24.10 -8.23 -20.95
C LEU D 279 -25.50 -8.55 -21.46
N ASN D 280 -25.63 -9.57 -22.30
CA ASN D 280 -26.96 -9.95 -22.78
C ASN D 280 -27.88 -10.38 -21.64
N LYS D 281 -27.38 -11.22 -20.73
CA LYS D 281 -28.21 -11.82 -19.68
C LYS D 281 -28.19 -11.05 -18.37
N MET D 282 -27.55 -9.89 -18.32
CA MET D 282 -27.40 -9.14 -17.08
C MET D 282 -28.69 -8.48 -16.62
N THR D 283 -29.63 -8.22 -17.53
CA THR D 283 -30.77 -7.36 -17.21
C THR D 283 -31.66 -7.99 -16.14
N ASN D 284 -31.60 -9.31 -15.98
CA ASN D 284 -32.45 -9.97 -14.98
C ASN D 284 -31.83 -9.91 -13.59
N GLU D 285 -30.62 -9.39 -13.46
CA GLU D 285 -29.98 -9.28 -12.16
C GLU D 285 -30.39 -7.99 -11.45
N ARG D 286 -29.75 -7.73 -10.32
CA ARG D 286 -30.03 -6.56 -9.50
C ARG D 286 -28.73 -5.85 -9.13
N ILE D 287 -28.81 -4.53 -8.97
CA ILE D 287 -27.66 -3.69 -8.66
C ILE D 287 -27.79 -3.21 -7.22
N ALA D 288 -26.88 -3.67 -6.35
CA ALA D 288 -26.77 -3.26 -4.95
C ALA D 288 -28.15 -3.41 -4.29
N GLY D 289 -28.58 -2.45 -3.47
CA GLY D 289 -29.94 -2.41 -2.99
C GLY D 289 -30.27 -3.46 -1.96
N GLY D 290 -31.50 -3.34 -1.44
CA GLY D 290 -32.06 -4.34 -0.56
C GLY D 290 -33.08 -5.17 -1.30
N HIS D 291 -32.76 -6.45 -1.52
CA HIS D 291 -33.62 -7.31 -2.35
C HIS D 291 -34.99 -7.51 -1.73
N SER D 292 -35.12 -7.44 -0.40
CA SER D 292 -36.42 -7.58 0.22
C SER D 292 -37.35 -6.44 -0.18
N LYS D 293 -36.82 -5.22 -0.25
CA LYS D 293 -37.59 -4.05 -0.66
C LYS D 293 -37.52 -3.81 -2.17
N ASP D 294 -37.24 -4.86 -2.95
CA ASP D 294 -37.20 -4.89 -4.42
C ASP D 294 -36.52 -3.67 -5.04
N TYR D 295 -35.52 -3.13 -4.36
CA TYR D 295 -34.69 -2.08 -4.94
C TYR D 295 -33.71 -2.67 -5.95
N GLY D 296 -33.31 -1.85 -6.92
CA GLY D 296 -32.19 -2.17 -7.77
C GLY D 296 -32.51 -2.75 -9.13
N ARG D 297 -33.77 -2.70 -9.58
CA ARG D 297 -34.10 -3.19 -10.90
C ARG D 297 -33.66 -2.19 -11.97
N PHE D 298 -33.27 -2.70 -13.14
CA PHE D 298 -32.73 -1.84 -14.18
C PHE D 298 -32.91 -2.51 -15.55
N VAL D 299 -32.80 -1.69 -16.60
CA VAL D 299 -32.84 -2.16 -17.97
C VAL D 299 -31.63 -1.59 -18.70
N ILE D 300 -31.23 -2.30 -19.76
CA ILE D 300 -30.02 -1.97 -20.52
C ILE D 300 -30.43 -1.43 -21.88
N ASP D 301 -29.80 -0.34 -22.30
CA ASP D 301 -29.98 0.20 -23.63
C ASP D 301 -28.71 0.92 -24.04
N GLY D 302 -28.59 1.21 -25.33
CA GLY D 302 -27.50 2.05 -25.79
C GLY D 302 -26.11 1.53 -25.50
N VAL D 303 -25.85 0.25 -25.78
CA VAL D 303 -24.51 -0.28 -25.65
C VAL D 303 -23.69 0.13 -26.87
N SER D 304 -22.52 0.71 -26.63
CA SER D 304 -21.63 1.15 -27.70
C SER D 304 -20.27 0.48 -27.54
N LEU D 305 -19.80 -0.16 -28.60
CA LEU D 305 -18.54 -0.89 -28.58
C LEU D 305 -17.52 -0.12 -29.41
N ASN D 306 -16.47 0.37 -28.73
CA ASN D 306 -15.41 1.16 -29.37
C ASN D 306 -15.98 2.36 -30.12
N GLY D 307 -16.98 3.00 -29.51
CA GLY D 307 -17.60 4.18 -30.08
C GLY D 307 -18.66 3.92 -31.12
N GLU D 308 -18.97 2.66 -31.42
CA GLU D 308 -19.97 2.31 -32.43
C GLU D 308 -21.15 1.65 -31.74
N GLN D 309 -22.36 2.02 -32.18
CA GLN D 309 -23.57 1.53 -31.54
C GLN D 309 -23.89 0.10 -32.00
N VAL D 310 -23.94 -0.82 -31.05
CA VAL D 310 -24.17 -2.23 -31.35
C VAL D 310 -25.32 -2.78 -30.52
N TRP D 311 -26.29 -1.94 -30.19
CA TRP D 311 -27.42 -2.35 -29.37
C TRP D 311 -28.73 -2.24 -30.14
N SER D 312 -29.56 -3.27 -30.01
CA SER D 312 -30.92 -3.28 -30.55
C SER D 312 -31.89 -3.64 -29.44
N GLN D 313 -33.19 -3.54 -29.74
CA GLN D 313 -34.20 -3.88 -28.74
C GLN D 313 -34.15 -5.36 -28.37
N SER D 314 -33.70 -6.22 -29.29
CA SER D 314 -33.67 -7.65 -29.06
C SER D 314 -32.32 -8.17 -28.60
N GLY D 315 -31.36 -7.28 -28.33
CA GLY D 315 -30.05 -7.70 -27.89
C GLY D 315 -28.93 -6.93 -28.56
N ILE D 316 -27.75 -7.54 -28.66
CA ILE D 316 -26.62 -6.85 -29.27
C ILE D 316 -26.78 -6.74 -30.77
N THR D 317 -26.81 -7.88 -31.46
CA THR D 317 -26.92 -7.93 -32.91
C THR D 317 -25.80 -7.11 -33.57
N GLY D 318 -24.58 -7.53 -33.34
CA GLY D 318 -23.42 -6.86 -33.89
C GLY D 318 -22.15 -7.46 -33.33
N GLY D 319 -21.07 -7.25 -34.06
CA GLY D 319 -19.80 -7.85 -33.71
C GLY D 319 -19.87 -9.36 -33.71
N GLU D 320 -20.06 -9.94 -34.90
CA GLU D 320 -20.31 -11.38 -34.98
C GLU D 320 -19.04 -12.20 -34.73
N GLN D 321 -17.86 -11.63 -35.03
CA GLN D 321 -16.63 -12.38 -34.82
C GLN D 321 -16.44 -12.73 -33.34
N TYR D 322 -16.76 -11.79 -32.45
CA TYR D 322 -16.66 -12.07 -31.02
C TYR D 322 -17.59 -13.20 -30.61
N PHE D 323 -18.83 -13.20 -31.15
CA PHE D 323 -19.77 -14.26 -30.80
C PHE D 323 -19.31 -15.62 -31.30
N ASP D 324 -18.78 -15.69 -32.53
CA ASP D 324 -18.25 -16.95 -33.01
C ASP D 324 -17.08 -17.43 -32.16
N ALA D 325 -16.17 -16.51 -31.82
CA ALA D 325 -15.00 -16.89 -31.03
C ALA D 325 -15.40 -17.38 -29.65
N VAL D 326 -16.35 -16.71 -29.00
CA VAL D 326 -16.76 -17.15 -27.67
C VAL D 326 -17.51 -18.47 -27.76
N ALA D 327 -18.30 -18.69 -28.82
CA ALA D 327 -18.96 -19.98 -28.99
C ALA D 327 -17.94 -21.11 -29.09
N GLU D 328 -16.91 -20.92 -29.92
CA GLU D 328 -15.84 -21.92 -30.01
C GLU D 328 -15.11 -22.09 -28.69
N ALA D 329 -14.84 -21.01 -27.96
CA ALA D 329 -14.07 -21.10 -26.73
C ALA D 329 -14.84 -21.84 -25.63
N ILE D 330 -16.10 -21.46 -25.41
CA ILE D 330 -16.91 -22.15 -24.41
C ILE D 330 -17.36 -23.52 -24.86
N ASP D 331 -17.22 -23.84 -26.15
CA ASP D 331 -17.44 -25.22 -26.57
C ASP D 331 -16.39 -26.16 -26.01
N GLY D 332 -15.14 -25.70 -25.89
CA GLY D 332 -14.05 -26.55 -25.47
C GLY D 332 -13.46 -26.24 -24.11
N LEU D 333 -14.24 -25.60 -23.23
CA LEU D 333 -13.76 -25.32 -21.88
C LEU D 333 -13.66 -26.62 -21.09
N SER D 334 -12.64 -26.69 -20.22
CA SER D 334 -12.40 -27.84 -19.38
C SER D 334 -12.04 -27.38 -17.98
N SER D 335 -12.21 -28.28 -17.01
CA SER D 335 -11.97 -27.96 -15.61
C SER D 335 -10.51 -28.15 -15.20
N LYS D 336 -9.65 -28.60 -16.11
CA LYS D 336 -8.24 -28.78 -15.77
C LYS D 336 -7.56 -27.44 -15.47
N GLU D 337 -7.87 -26.42 -16.27
CA GLU D 337 -7.27 -25.10 -16.05
C GLU D 337 -7.65 -24.52 -14.70
N PHE D 338 -8.91 -24.71 -14.29
CA PHE D 338 -9.34 -24.21 -13.00
C PHE D 338 -8.57 -24.87 -11.86
N GLU D 339 -8.37 -26.18 -11.94
CA GLU D 339 -7.61 -26.88 -10.91
C GLU D 339 -6.15 -26.42 -10.89
N GLN D 340 -5.56 -26.22 -12.07
CA GLN D 340 -4.17 -25.77 -12.12
C GLN D 340 -4.03 -24.36 -11.56
N PHE D 341 -4.99 -23.48 -11.86
CA PHE D 341 -4.91 -22.11 -11.38
C PHE D 341 -5.15 -22.02 -9.88
N ALA D 342 -6.15 -22.75 -9.37
CA ALA D 342 -6.49 -22.65 -7.96
C ALA D 342 -5.47 -23.32 -7.05
N GLN D 343 -4.71 -24.29 -7.57
CA GLN D 343 -3.77 -25.03 -6.74
C GLN D 343 -2.68 -24.11 -6.21
N SER D 344 -2.39 -24.23 -4.93
CA SER D 344 -1.38 -23.43 -4.27
C SER D 344 -0.13 -24.27 -4.04
N ALA D 345 1.00 -23.81 -4.57
CA ALA D 345 2.27 -24.52 -4.43
C ALA D 345 3.07 -23.94 -3.28
N LYS D 346 2.49 -24.09 -2.09
CA LYS D 346 3.12 -23.58 -0.87
C LYS D 346 4.10 -24.60 -0.31
N MET H 1 -22.99 -9.83 32.33
CA MET H 1 -21.89 -9.60 31.40
C MET H 1 -22.39 -9.55 29.97
N PHE H 2 -22.23 -10.66 29.26
CA PHE H 2 -22.63 -10.77 27.87
C PHE H 2 -23.33 -12.10 27.64
N VAL H 3 -24.17 -12.13 26.61
CA VAL H 3 -24.92 -13.33 26.24
C VAL H 3 -24.64 -13.63 24.77
N LYS H 4 -24.32 -14.89 24.49
CA LYS H 4 -23.97 -15.34 23.15
C LYS H 4 -25.18 -15.96 22.47
N GLN H 5 -25.39 -15.60 21.21
CA GLN H 5 -26.54 -16.06 20.44
C GLN H 5 -26.03 -16.73 19.17
N VAL H 6 -26.39 -18.00 18.99
CA VAL H 6 -25.92 -18.81 17.87
C VAL H 6 -27.12 -19.28 17.06
N PHE H 7 -27.06 -19.07 15.74
CA PHE H 7 -28.19 -19.43 14.84
C PHE H 7 -27.81 -20.59 13.92
N PHE H 8 -28.65 -21.62 13.86
CA PHE H 8 -28.43 -22.79 12.97
C PHE H 8 -29.52 -22.78 11.90
N ASP H 9 -29.14 -22.78 10.63
CA ASP H 9 -30.15 -22.77 9.53
C ASP H 9 -30.15 -24.13 8.83
N LEU H 10 -31.27 -24.85 8.91
CA LEU H 10 -31.42 -26.18 8.27
C LEU H 10 -32.24 -26.04 6.98
N GLY H 11 -32.66 -24.80 6.66
CA GLY H 11 -33.48 -24.52 5.47
C GLY H 11 -34.97 -24.71 5.76
N ALA H 12 -35.30 -25.02 7.01
CA ALA H 12 -36.70 -25.24 7.48
C ALA H 12 -36.82 -24.70 8.91
N ARG H 13 -38.04 -24.45 9.38
CA ARG H 13 -38.20 -23.92 10.76
C ARG H 13 -38.76 -25.00 11.68
N ILE H 14 -38.05 -25.26 12.78
CA ILE H 14 -38.47 -26.23 13.79
C ILE H 14 -38.58 -25.49 15.12
N HIS H 15 -39.58 -25.86 15.92
CA HIS H 15 -39.88 -25.13 17.14
C HIS H 15 -38.78 -25.35 18.18
N ALA H 16 -38.60 -24.36 19.05
CA ALA H 16 -37.52 -24.41 20.03
C ALA H 16 -37.68 -25.60 20.97
N ASP H 17 -38.90 -25.83 21.47
CA ASP H 17 -39.13 -26.98 22.35
C ASP H 17 -38.94 -28.29 21.59
N GLU H 18 -39.39 -28.35 20.34
CA GLU H 18 -39.16 -29.54 19.53
C GLU H 18 -37.67 -29.69 19.19
N ALA H 19 -36.99 -28.58 18.95
CA ALA H 19 -35.56 -28.63 18.68
C ALA H 19 -34.80 -29.17 19.88
N ARG H 20 -35.23 -28.81 21.09
CA ARG H 20 -34.60 -29.33 22.30
C ARG H 20 -34.70 -30.85 22.36
N ALA H 21 -35.89 -31.39 22.10
CA ALA H 21 -36.06 -32.85 22.11
C ALA H 21 -35.25 -33.50 20.99
N LEU H 22 -35.20 -32.89 19.82
CA LEU H 22 -34.42 -33.45 18.72
C LEU H 22 -32.94 -33.50 19.05
N VAL H 23 -32.41 -32.42 19.66
CA VAL H 23 -30.99 -32.39 20.03
C VAL H 23 -30.72 -33.40 21.13
N ALA H 24 -31.65 -33.55 22.07
CA ALA H 24 -31.49 -34.56 23.11
C ALA H 24 -31.44 -35.96 22.52
N LYS H 25 -32.30 -36.23 21.53
CA LYS H 25 -32.34 -37.57 20.94
C LYS H 25 -31.09 -37.86 20.12
N LEU H 26 -30.68 -36.92 19.27
CA LEU H 26 -29.59 -37.20 18.34
C LEU H 26 -28.28 -37.44 19.07
N LEU H 27 -28.01 -36.68 20.12
CA LEU H 27 -26.78 -36.82 20.88
C LEU H 27 -26.95 -37.65 22.15
N ASP H 28 -28.05 -38.40 22.26
CA ASP H 28 -28.27 -39.21 23.45
C ASP H 28 -27.22 -40.31 23.57
N ASP H 29 -26.87 -40.97 22.47
CA ASP H 29 -26.01 -42.13 22.54
C ASP H 29 -24.58 -41.77 22.93
N THR H 30 -24.04 -40.71 22.35
CA THR H 30 -22.63 -40.37 22.54
C THR H 30 -22.50 -38.97 23.11
N GLN H 31 -21.36 -38.71 23.75
CA GLN H 31 -21.07 -37.45 24.41
C GLN H 31 -22.17 -37.03 25.38
N PRO H 32 -22.48 -37.85 26.39
CA PRO H 32 -23.55 -37.47 27.32
C PRO H 32 -23.26 -36.21 28.11
N GLY H 33 -21.99 -35.94 28.39
CA GLY H 33 -21.66 -34.75 29.16
C GLY H 33 -22.01 -33.46 28.44
N LEU H 34 -21.77 -33.41 27.14
CA LEU H 34 -22.11 -32.22 26.37
C LEU H 34 -23.62 -32.01 26.34
N VAL H 35 -24.39 -33.09 26.21
CA VAL H 35 -25.84 -32.98 26.25
C VAL H 35 -26.30 -32.49 27.62
N SER H 36 -25.68 -33.00 28.68
CA SER H 36 -26.03 -32.54 30.03
C SER H 36 -25.72 -31.06 30.20
N ALA H 37 -24.60 -30.60 29.65
CA ALA H 37 -24.27 -29.19 29.71
C ALA H 37 -25.29 -28.34 28.95
N LEU H 38 -25.69 -28.80 27.76
CA LEU H 38 -26.70 -28.06 27.01
C LEU H 38 -28.03 -28.03 27.73
N MET H 39 -28.42 -29.13 28.35
CA MET H 39 -29.74 -29.26 28.95
C MET H 39 -29.77 -28.87 30.42
N ASN H 40 -28.66 -28.40 30.98
CA ASN H 40 -28.58 -27.95 32.36
C ASN H 40 -28.98 -29.06 33.33
N TYR H 41 -28.58 -30.30 33.00
CA TYR H 41 -28.89 -31.43 33.85
C TYR H 41 -28.04 -31.39 35.13
N MET H 42 -28.50 -32.13 36.13
CA MET H 42 -27.69 -32.34 37.32
C MET H 42 -26.45 -33.16 36.97
N PRO H 43 -25.35 -32.95 37.68
CA PRO H 43 -24.09 -33.63 37.30
C PRO H 43 -24.21 -35.15 37.29
N ALA H 44 -24.95 -35.73 38.22
CA ALA H 44 -25.02 -37.18 38.34
C ALA H 44 -26.29 -37.79 37.73
N SER H 45 -27.41 -37.08 37.78
CA SER H 45 -28.68 -37.61 37.32
C SER H 45 -29.13 -36.89 36.06
N LYS H 46 -30.33 -37.26 35.59
CA LYS H 46 -30.93 -36.68 34.40
C LYS H 46 -31.80 -35.47 34.75
N THR H 47 -32.29 -35.38 35.98
CA THR H 47 -33.14 -34.25 36.39
C THR H 47 -32.38 -32.94 36.23
N SER H 48 -33.07 -31.94 35.69
CA SER H 48 -32.45 -30.65 35.41
C SER H 48 -32.28 -29.83 36.69
N LYS H 49 -31.38 -28.84 36.61
CA LYS H 49 -31.11 -27.97 37.74
C LYS H 49 -32.29 -27.05 38.01
N THR H 50 -32.45 -26.64 39.28
CA THR H 50 -33.54 -25.75 39.65
C THR H 50 -33.18 -24.29 39.43
N GLU H 51 -31.89 -23.97 39.39
CA GLU H 51 -31.45 -22.58 39.26
C GLU H 51 -31.77 -22.03 37.87
N PHE H 52 -31.38 -20.78 37.66
CA PHE H 52 -31.63 -20.10 36.39
C PHE H 52 -30.88 -20.82 35.27
N PRO H 53 -31.55 -21.16 34.17
CA PRO H 53 -30.89 -21.94 33.10
C PRO H 53 -29.97 -21.06 32.27
N LEU H 54 -28.69 -21.43 32.23
CA LEU H 54 -27.73 -20.65 31.46
C LEU H 54 -27.93 -20.83 29.96
N VAL H 55 -28.12 -22.06 29.51
CA VAL H 55 -28.29 -22.38 28.10
C VAL H 55 -29.76 -22.66 27.85
N GLN H 56 -30.39 -21.83 27.03
CA GLN H 56 -31.81 -21.97 26.70
C GLN H 56 -32.01 -21.87 25.21
N PHE H 57 -32.82 -22.76 24.66
CA PHE H 57 -33.12 -22.73 23.23
C PHE H 57 -34.04 -21.56 22.91
N SER H 58 -33.97 -21.10 21.67
CA SER H 58 -34.71 -19.90 21.27
C SER H 58 -35.31 -20.11 19.89
N ASN H 59 -35.88 -19.04 19.36
CA ASN H 59 -36.60 -19.11 18.09
C ASN H 59 -35.79 -18.52 16.95
N PHE H 60 -35.85 -19.19 15.80
CA PHE H 60 -35.21 -18.70 14.58
C PHE H 60 -36.13 -19.03 13.40
N ASN H 61 -36.05 -18.19 12.36
CA ASN H 61 -36.96 -18.35 11.24
C ASN H 61 -36.59 -19.54 10.37
N GLN H 62 -35.30 -19.81 10.19
CA GLN H 62 -34.83 -20.89 9.34
C GLN H 62 -34.36 -22.10 10.13
N GLY H 63 -34.61 -22.14 11.43
CA GLY H 63 -34.15 -23.24 12.25
C GLY H 63 -34.39 -22.99 13.73
N PHE H 64 -33.35 -23.19 14.55
CA PHE H 64 -33.43 -22.89 15.96
C PHE H 64 -32.20 -22.12 16.37
N ALA H 65 -32.28 -21.45 17.51
CA ALA H 65 -31.19 -20.64 18.04
C ALA H 65 -30.85 -21.06 19.46
N LEU H 66 -29.60 -20.85 19.83
CA LEU H 66 -29.09 -21.18 21.16
C LEU H 66 -28.58 -19.93 21.85
N LEU H 67 -28.94 -19.76 23.11
CA LEU H 67 -28.55 -18.60 23.90
C LEU H 67 -27.69 -19.04 25.08
N GLY H 68 -26.58 -18.35 25.31
CA GLY H 68 -25.72 -18.66 26.42
C GLY H 68 -25.41 -17.46 27.28
N PHE H 69 -25.80 -17.52 28.56
CA PHE H 69 -25.69 -16.39 29.48
C PHE H 69 -24.44 -16.53 30.34
N GLY H 70 -23.64 -15.48 30.38
CA GLY H 70 -22.43 -15.48 31.18
C GLY H 70 -21.28 -16.17 30.48
N GLU H 71 -20.12 -16.17 31.17
CA GLU H 71 -18.93 -16.80 30.60
C GLU H 71 -19.12 -18.30 30.45
N VAL H 72 -19.73 -18.95 31.45
CA VAL H 72 -19.97 -20.38 31.38
C VAL H 72 -20.94 -20.70 30.25
N GLY H 73 -22.02 -19.92 30.14
CA GLY H 73 -22.99 -20.16 29.08
C GLY H 73 -22.40 -19.95 27.70
N ALA H 74 -21.53 -18.95 27.55
CA ALA H 74 -20.88 -18.74 26.27
C ALA H 74 -19.89 -19.86 25.97
N GLN H 75 -19.17 -20.33 26.98
CA GLN H 75 -18.20 -21.40 26.77
C GLN H 75 -18.88 -22.69 26.33
N ILE H 76 -20.02 -23.01 26.95
CA ILE H 76 -20.73 -24.23 26.57
C ILE H 76 -21.12 -24.18 25.11
N LEU H 77 -21.66 -23.06 24.65
CA LEU H 77 -22.02 -22.91 23.24
C LEU H 77 -20.79 -22.98 22.34
N SER H 78 -19.68 -22.38 22.79
CA SER H 78 -18.46 -22.41 21.97
C SER H 78 -17.97 -23.83 21.77
N ASP H 79 -18.00 -24.66 22.82
CA ASP H 79 -17.60 -26.04 22.64
C ASP H 79 -18.66 -26.90 21.96
N ALA H 80 -19.92 -26.47 21.96
CA ALA H 80 -20.99 -27.31 21.43
C ALA H 80 -21.33 -27.04 19.97
N THR H 81 -20.96 -25.87 19.44
CA THR H 81 -21.39 -25.52 18.09
C THR H 81 -20.92 -26.50 17.02
N PRO H 82 -19.64 -26.87 16.92
CA PRO H 82 -19.24 -27.77 15.83
C PRO H 82 -19.90 -29.14 15.89
N ILE H 83 -20.05 -29.69 17.10
CA ILE H 83 -20.68 -31.00 17.24
C ILE H 83 -22.14 -30.94 16.78
N ILE H 84 -22.85 -29.90 17.17
CA ILE H 84 -24.25 -29.75 16.77
C ILE H 84 -24.36 -29.59 15.25
N HIS H 85 -23.46 -28.80 14.66
CA HIS H 85 -23.52 -28.63 13.20
C HIS H 85 -23.26 -29.94 12.48
N ASP H 86 -22.26 -30.71 12.94
CA ASP H 86 -21.97 -32.00 12.31
C ASP H 86 -23.15 -32.96 12.46
N ALA H 87 -23.79 -32.96 13.63
CA ALA H 87 -24.95 -33.83 13.84
C ALA H 87 -26.10 -33.44 12.93
N MET H 88 -26.37 -32.14 12.79
CA MET H 88 -27.42 -31.69 11.88
C MET H 88 -27.12 -32.10 10.45
N ALA H 89 -25.87 -31.92 10.01
CA ALA H 89 -25.51 -32.26 8.64
C ALA H 89 -25.66 -33.76 8.40
N LYS H 90 -25.24 -34.59 9.36
CA LYS H 90 -25.38 -36.02 9.20
C LYS H 90 -26.85 -36.44 9.17
N LEU H 91 -27.67 -35.84 10.03
CA LEU H 91 -29.09 -36.18 10.05
C LEU H 91 -29.77 -35.84 8.74
N PHE H 92 -29.53 -34.63 8.23
CA PHE H 92 -30.20 -34.21 7.00
C PHE H 92 -29.56 -34.78 5.74
N ALA H 93 -28.36 -35.35 5.84
CA ALA H 93 -27.72 -35.92 4.66
C ALA H 93 -28.19 -37.35 4.40
N SER H 94 -28.59 -38.08 5.45
CA SER H 94 -29.01 -39.46 5.28
C SER H 94 -30.29 -39.55 4.44
N ARG H 95 -31.23 -38.63 4.67
CA ARG H 95 -32.48 -38.60 3.94
C ARG H 95 -32.50 -37.41 3.00
N GLY H 96 -32.92 -37.64 1.76
CA GLY H 96 -33.00 -36.58 0.77
C GLY H 96 -31.66 -36.30 0.11
N GLN H 97 -31.68 -35.27 -0.74
CA GLN H 97 -30.46 -34.88 -1.45
C GLN H 97 -29.40 -34.37 -0.49
N GLY H 98 -29.80 -33.65 0.54
CA GLY H 98 -28.88 -33.06 1.47
C GLY H 98 -28.92 -31.54 1.45
N VAL H 99 -28.84 -30.93 2.62
CA VAL H 99 -28.93 -29.47 2.76
C VAL H 99 -27.59 -28.95 3.25
N VAL H 100 -27.33 -27.67 3.02
CA VAL H 100 -26.15 -27.03 3.59
C VAL H 100 -26.55 -26.26 4.83
N VAL H 101 -25.91 -26.57 5.96
CA VAL H 101 -26.23 -25.99 7.25
C VAL H 101 -25.28 -24.84 7.52
N GLN H 102 -25.82 -23.64 7.69
CA GLN H 102 -25.05 -22.44 7.97
C GLN H 102 -25.27 -22.01 9.40
N VAL H 103 -24.27 -21.39 10.01
CA VAL H 103 -24.36 -20.92 11.38
C VAL H 103 -24.05 -19.42 11.42
N SER H 104 -24.40 -18.80 12.54
CA SER H 104 -24.15 -17.38 12.77
C SER H 104 -24.11 -17.14 14.27
N SER H 105 -23.25 -16.24 14.72
CA SER H 105 -23.05 -15.98 16.14
C SER H 105 -22.92 -14.49 16.42
N ARG H 106 -23.37 -14.08 17.60
CA ARG H 106 -23.24 -12.71 18.08
C ARG H 106 -22.94 -12.72 19.56
N ASP H 107 -22.30 -11.66 20.04
CA ASP H 107 -22.02 -11.45 21.47
C ASP H 107 -22.69 -10.15 21.88
N VAL H 108 -23.82 -10.25 22.55
CA VAL H 108 -24.63 -9.08 22.94
C VAL H 108 -24.34 -8.76 24.40
N PRO H 109 -23.77 -7.60 24.71
CA PRO H 109 -23.56 -7.24 26.12
C PRO H 109 -24.88 -6.89 26.81
N LEU H 110 -24.91 -7.14 28.11
CA LEU H 110 -26.08 -6.89 28.94
C LEU H 110 -25.86 -5.61 29.75
N SER H 111 -26.93 -4.86 29.98
CA SER H 111 -26.86 -3.63 30.75
C SER H 111 -28.24 -3.24 31.25
N CYS H 112 -28.26 -2.36 32.25
CA CYS H 112 -29.51 -1.80 32.75
C CYS H 112 -29.20 -0.51 33.50
N GLU H 113 -30.03 0.52 33.25
CA GLU H 113 -29.86 1.82 33.87
C GLU H 113 -31.23 2.35 34.26
N LYS H 114 -31.27 3.12 35.35
CA LYS H 114 -32.51 3.64 35.91
C LYS H 114 -32.75 5.06 35.39
N ARG H 115 -33.96 5.30 34.90
CA ARG H 115 -34.35 6.60 34.38
C ARG H 115 -35.68 7.03 34.98
N PRO H 116 -35.91 8.33 35.17
CA PRO H 116 -37.13 8.80 35.83
C PRO H 116 -38.32 8.94 34.87
N TYR H 117 -38.53 7.93 34.04
CA TYR H 117 -39.70 7.90 33.17
C TYR H 117 -39.95 6.47 32.73
N GLY H 118 -41.24 6.16 32.52
CA GLY H 118 -41.62 4.81 32.17
C GLY H 118 -41.17 4.44 30.77
N LEU H 119 -40.94 3.16 30.54
CA LEU H 119 -40.53 2.65 29.24
C LEU H 119 -41.39 1.44 28.88
N GLN H 120 -41.61 1.24 27.59
CA GLN H 120 -42.57 0.26 27.09
C GLN H 120 -41.84 -0.96 26.55
N TYR H 121 -42.13 -2.14 27.10
CA TYR H 121 -41.56 -3.41 26.66
C TYR H 121 -42.66 -4.44 26.50
N THR H 122 -42.73 -5.06 25.32
CA THR H 122 -43.70 -6.12 25.07
C THR H 122 -43.03 -7.49 25.11
N VAL H 123 -43.77 -8.47 25.61
CA VAL H 123 -43.30 -9.84 25.74
C VAL H 123 -44.26 -10.76 25.00
N ALA H 124 -43.70 -11.63 24.18
CA ALA H 124 -44.49 -12.56 23.38
C ALA H 124 -44.30 -13.98 23.89
N LYS H 125 -45.41 -14.69 24.09
CA LYS H 125 -45.41 -16.08 24.51
C LYS H 125 -44.70 -16.27 25.85
N MET H 126 -45.30 -15.71 26.89
CA MET H 126 -44.80 -15.84 28.26
C MET H 126 -45.76 -16.68 29.09
N VAL H 127 -45.20 -17.63 29.84
CA VAL H 127 -45.97 -18.53 30.69
C VAL H 127 -46.01 -17.94 32.09
N VAL H 128 -47.21 -17.87 32.67
CA VAL H 128 -47.41 -17.24 33.97
C VAL H 128 -48.05 -18.16 35.00
N GLN H 129 -48.69 -19.26 34.59
CA GLN H 129 -49.43 -20.12 35.50
C GLN H 129 -48.69 -21.45 35.65
N LYS H 130 -48.46 -21.85 36.90
CA LYS H 130 -47.85 -23.14 37.19
C LYS H 130 -48.59 -23.96 38.24
N LYS H 131 -49.36 -23.31 39.12
CA LYS H 131 -50.06 -24.02 40.19
C LYS H 131 -51.49 -23.53 40.25
N HIS H 132 -52.28 -24.14 41.12
CA HIS H 132 -53.67 -23.74 41.31
C HIS H 132 -53.76 -22.34 41.92
N GLU H 133 -52.83 -22.01 42.82
CA GLU H 133 -52.84 -20.69 43.44
C GLU H 133 -52.65 -19.59 42.40
N HIS H 134 -51.76 -19.82 41.42
CA HIS H 134 -51.60 -18.85 40.34
C HIS H 134 -52.88 -18.69 39.55
N ARG H 135 -53.59 -19.80 39.30
CA ARG H 135 -54.87 -19.72 38.59
C ARG H 135 -55.88 -18.91 39.38
N GLU H 136 -55.93 -19.11 40.69
CA GLU H 136 -56.84 -18.31 41.52
C GLU H 136 -56.46 -16.83 41.48
N ARG H 137 -55.16 -16.52 41.51
CA ARG H 137 -54.73 -15.13 41.44
C ARG H 137 -55.07 -14.52 40.07
N LEU H 138 -55.11 -15.35 39.02
CA LEU H 138 -55.42 -14.84 37.70
C LEU H 138 -56.91 -14.54 37.55
N ALA H 139 -57.74 -14.98 38.49
CA ALA H 139 -59.18 -14.81 38.37
C ALA H 139 -59.59 -13.35 38.52
N ASN H 140 -59.01 -12.65 39.50
CA ASN H 140 -59.38 -11.27 39.80
C ASN H 140 -58.28 -10.33 39.37
N PRO H 141 -58.60 -9.27 38.61
CA PRO H 141 -57.54 -8.39 38.09
C PRO H 141 -56.70 -7.74 39.18
N GLU H 142 -57.30 -7.37 40.31
CA GLU H 142 -56.55 -6.70 41.37
C GLU H 142 -55.46 -7.61 41.94
N THR H 143 -55.82 -8.86 42.25
CA THR H 143 -54.85 -9.77 42.86
C THR H 143 -53.90 -10.34 41.81
N GLY H 144 -54.26 -10.23 40.52
CA GLY H 144 -53.39 -10.76 39.48
C GLY H 144 -52.37 -9.74 38.99
N LYS H 145 -52.73 -8.45 39.06
CA LYS H 145 -51.78 -7.41 38.70
C LYS H 145 -50.52 -7.50 39.54
N VAL H 146 -50.68 -7.59 40.87
CA VAL H 146 -49.51 -7.68 41.75
C VAL H 146 -48.73 -8.96 41.49
N PHE H 147 -49.42 -10.05 41.17
CA PHE H 147 -48.71 -11.31 40.90
C PHE H 147 -47.83 -11.20 39.67
N LEU H 148 -48.39 -10.75 38.55
CA LEU H 148 -47.58 -10.51 37.35
C LEU H 148 -46.49 -9.47 37.63
N GLU H 149 -46.81 -8.49 38.46
CA GLU H 149 -45.90 -7.42 38.82
C GLU H 149 -44.63 -7.95 39.46
N GLY H 150 -44.80 -8.71 40.56
CA GLY H 150 -43.67 -9.31 41.23
C GLY H 150 -42.98 -10.35 40.39
N LEU H 151 -43.74 -11.08 39.57
CA LEU H 151 -43.11 -12.08 38.71
C LEU H 151 -42.12 -11.42 37.75
N PHE H 152 -42.53 -10.32 37.11
CA PHE H 152 -41.62 -9.63 36.20
C PHE H 152 -40.40 -9.09 36.96
N LEU H 153 -40.63 -8.43 38.10
CA LEU H 153 -39.50 -7.87 38.84
C LEU H 153 -38.53 -8.95 39.30
N ARG H 154 -39.05 -10.08 39.79
CA ARG H 154 -38.20 -11.13 40.32
C ARG H 154 -37.48 -11.86 39.20
N SER H 155 -38.10 -11.99 38.03
CA SER H 155 -37.40 -12.57 36.89
C SER H 155 -36.22 -11.71 36.50
N LEU H 156 -36.42 -10.38 36.47
CA LEU H 156 -35.30 -9.49 36.20
C LEU H 156 -34.20 -9.66 37.24
N GLU H 157 -34.57 -9.72 38.52
CA GLU H 157 -33.56 -9.88 39.57
C GLU H 157 -32.80 -11.19 39.43
N ARG H 158 -33.51 -12.28 39.14
CA ARG H 158 -32.86 -13.58 39.03
C ARG H 158 -31.90 -13.61 37.86
N GLN H 159 -32.31 -13.07 36.70
CA GLN H 159 -31.39 -13.07 35.56
C GLN H 159 -30.18 -12.18 35.83
N ALA H 160 -30.39 -11.03 36.47
CA ALA H 160 -29.27 -10.16 36.80
C ALA H 160 -28.29 -10.86 37.74
N ALA H 161 -28.79 -11.55 38.76
CA ALA H 161 -27.92 -12.24 39.69
C ALA H 161 -27.17 -13.38 39.00
N ALA H 162 -27.87 -14.16 38.16
CA ALA H 162 -27.25 -15.30 37.51
C ALA H 162 -26.16 -14.85 36.54
N VAL H 163 -26.41 -13.79 35.77
CA VAL H 163 -25.40 -13.32 34.81
C VAL H 163 -24.22 -12.68 35.53
N GLY H 164 -24.38 -12.25 36.78
CA GLY H 164 -23.28 -11.75 37.56
C GLY H 164 -23.15 -10.24 37.65
N MET H 165 -24.21 -9.49 37.40
CA MET H 165 -24.15 -8.04 37.47
C MET H 165 -25.20 -7.51 38.45
N VAL H 166 -24.91 -6.34 39.01
CA VAL H 166 -25.80 -5.72 39.98
C VAL H 166 -26.88 -4.90 39.27
N LEU H 167 -28.09 -4.95 39.82
CA LEU H 167 -29.24 -4.23 39.29
C LEU H 167 -29.80 -3.31 40.37
N PRO H 168 -30.19 -2.09 40.01
CA PRO H 168 -30.76 -1.17 41.01
C PRO H 168 -32.06 -1.72 41.58
N ARG H 169 -32.14 -1.71 42.91
CA ARG H 169 -33.26 -2.32 43.63
C ARG H 169 -34.41 -1.35 43.89
N ASP H 170 -34.55 -0.30 43.07
CA ASP H 170 -35.62 0.68 43.25
C ASP H 170 -36.52 0.75 42.03
N LEU H 171 -36.51 -0.29 41.20
CA LEU H 171 -37.29 -0.29 39.98
C LEU H 171 -38.77 -0.52 40.29
N VAL H 172 -39.63 0.17 39.55
CA VAL H 172 -41.07 0.00 39.65
C VAL H 172 -41.60 -0.38 38.28
N VAL H 173 -42.12 -1.59 38.15
CA VAL H 173 -42.66 -2.09 36.88
C VAL H 173 -44.17 -2.07 36.98
N SER H 174 -44.84 -2.10 35.83
CA SER H 174 -46.29 -2.16 35.77
C SER H 174 -46.73 -2.95 34.54
N PHE H 175 -47.96 -3.47 34.59
CA PHE H 175 -48.49 -4.36 33.56
C PHE H 175 -49.70 -3.68 32.91
N LYS H 176 -49.63 -3.48 31.59
CA LYS H 176 -50.72 -2.80 30.89
C LYS H 176 -51.82 -3.77 30.48
N GLY H 177 -51.46 -4.89 29.88
CA GLY H 177 -52.45 -5.85 29.42
C GLY H 177 -51.82 -6.86 28.48
N ALA H 178 -52.66 -7.81 28.05
CA ALA H 178 -52.24 -8.89 27.18
C ALA H 178 -53.23 -9.02 26.04
N GLU H 179 -52.72 -9.38 24.85
CA GLU H 179 -53.58 -9.50 23.68
C GLU H 179 -54.42 -10.78 23.73
N ARG H 180 -53.82 -11.89 24.16
CA ARG H 180 -54.49 -13.18 24.08
C ARG H 180 -54.05 -14.07 25.24
N VAL H 181 -54.80 -15.15 25.44
CA VAL H 181 -54.51 -16.15 26.45
C VAL H 181 -54.53 -17.52 25.78
N SER H 182 -53.51 -18.33 26.06
CA SER H 182 -53.40 -19.66 25.50
C SER H 182 -52.63 -20.56 26.45
N SER H 183 -52.68 -21.85 26.19
CA SER H 183 -52.05 -22.86 27.04
C SER H 183 -50.75 -23.34 26.40
N VAL H 184 -49.84 -23.85 27.23
CA VAL H 184 -48.57 -24.41 26.77
C VAL H 184 -48.46 -25.83 27.30
N LYS H 185 -48.20 -26.78 26.40
CA LYS H 185 -48.06 -28.18 26.75
C LYS H 185 -46.59 -28.53 26.93
N LEU H 186 -46.26 -29.19 28.04
CA LEU H 186 -44.88 -29.61 28.27
C LEU H 186 -44.45 -30.68 27.28
N ARG H 187 -45.27 -31.72 27.11
CA ARG H 187 -45.03 -32.77 26.14
C ARG H 187 -46.24 -32.92 25.22
N PRO H 188 -46.01 -33.17 23.93
CA PRO H 188 -47.15 -33.33 23.01
C PRO H 188 -48.03 -34.50 23.40
N ASP H 189 -49.33 -34.35 23.17
CA ASP H 189 -50.34 -35.36 23.50
C ASP H 189 -50.33 -35.69 25.00
N SER H 190 -50.27 -34.65 25.82
CA SER H 190 -50.39 -34.78 27.27
C SER H 190 -51.48 -33.83 27.76
N THR H 191 -52.40 -34.34 28.58
CA THR H 191 -53.55 -33.55 28.98
C THR H 191 -53.14 -32.33 29.80
N LEU H 192 -52.02 -32.41 30.51
CA LEU H 192 -51.57 -31.30 31.32
C LEU H 192 -51.13 -30.13 30.46
N ALA H 193 -51.55 -28.93 30.84
CA ALA H 193 -51.20 -27.71 30.11
C ALA H 193 -50.96 -26.58 31.11
N HIS H 194 -50.23 -25.56 30.66
CA HIS H 194 -49.87 -24.42 31.49
C HIS H 194 -50.40 -23.15 30.86
N GLY H 195 -51.03 -22.31 31.68
CA GLY H 195 -51.57 -21.06 31.15
C GLY H 195 -50.47 -20.10 30.74
N SER H 196 -50.73 -19.31 29.70
CA SER H 196 -49.73 -18.41 29.16
C SER H 196 -50.40 -17.11 28.73
N LEU H 197 -49.58 -16.07 28.60
CA LEU H 197 -50.01 -14.77 28.11
C LEU H 197 -49.30 -14.47 26.80
N ARG H 198 -50.03 -13.88 25.86
CA ARG H 198 -49.51 -13.59 24.53
C ARG H 198 -49.47 -12.09 24.29
N HIS H 199 -48.32 -11.59 23.86
CA HIS H 199 -48.13 -10.18 23.54
C HIS H 199 -48.42 -9.27 24.74
N ALA H 200 -47.93 -9.67 25.91
CA ALA H 200 -48.08 -8.87 27.11
C ALA H 200 -47.16 -7.65 27.05
N VAL H 201 -47.63 -6.53 27.62
CA VAL H 201 -46.88 -5.29 27.64
C VAL H 201 -46.57 -4.91 29.09
N PHE H 202 -45.30 -4.69 29.39
CA PHE H 202 -44.86 -4.31 30.72
C PHE H 202 -44.08 -3.00 30.67
N GLU H 203 -44.05 -2.29 31.79
CA GLU H 203 -43.60 -0.91 31.84
C GLU H 203 -42.66 -0.71 33.03
N VAL H 204 -41.40 -0.38 32.74
CA VAL H 204 -40.39 -0.19 33.78
C VAL H 204 -39.74 1.17 33.57
N ASN H 205 -39.40 1.84 34.68
CA ASN H 205 -38.71 3.12 34.59
C ASN H 205 -37.29 2.95 34.05
N ALA H 206 -36.68 1.80 34.31
CA ALA H 206 -35.32 1.55 33.85
C ALA H 206 -35.31 1.20 32.36
N ARG H 207 -34.11 1.20 31.79
CA ARG H 207 -33.89 0.79 30.41
C ARG H 207 -32.93 -0.40 30.39
N LEU H 208 -33.21 -1.35 29.51
CA LEU H 208 -32.46 -2.60 29.43
C LEU H 208 -31.85 -2.74 28.04
N GLY H 209 -30.58 -3.13 27.98
CA GLY H 209 -29.81 -3.10 26.76
C GLY H 209 -29.40 -4.42 26.15
N GLY H 210 -30.01 -5.54 26.53
CA GLY H 210 -29.64 -6.83 26.00
C GLY H 210 -30.81 -7.79 25.99
N LEU H 211 -30.48 -9.07 25.78
CA LEU H 211 -31.49 -10.12 25.86
C LEU H 211 -31.85 -10.39 27.32
N TRP H 212 -33.15 -10.37 27.61
CA TRP H 212 -33.65 -10.57 28.96
C TRP H 212 -34.82 -11.54 28.92
N SER H 213 -34.90 -12.42 29.92
CA SER H 213 -35.92 -13.46 29.97
C SER H 213 -36.76 -13.30 31.23
N VAL H 214 -38.07 -13.46 31.09
CA VAL H 214 -39.02 -13.32 32.18
C VAL H 214 -39.98 -14.49 32.17
N GLY H 215 -40.59 -14.75 33.33
CA GLY H 215 -41.60 -15.80 33.44
C GLY H 215 -41.02 -17.17 33.70
N PHE H 216 -41.88 -18.17 33.50
CA PHE H 216 -41.49 -19.56 33.69
C PHE H 216 -41.19 -20.23 32.35
N LEU H 217 -40.58 -21.42 32.43
CA LEU H 217 -40.22 -22.22 31.26
C LEU H 217 -39.29 -21.45 30.32
N LEU H 218 -38.19 -20.93 30.88
CA LEU H 218 -37.26 -20.14 30.08
C LEU H 218 -36.48 -21.00 29.10
N SER H 219 -36.04 -22.19 29.54
CA SER H 219 -35.20 -23.03 28.70
C SER H 219 -35.95 -23.59 27.49
N LYS H 220 -37.27 -23.47 27.47
CA LYS H 220 -38.07 -24.00 26.34
C LYS H 220 -38.27 -22.90 25.29
N GLY H 221 -37.61 -21.75 25.47
CA GLY H 221 -37.81 -20.64 24.56
C GLY H 221 -39.12 -19.89 24.75
N PHE H 222 -39.50 -19.64 25.99
CA PHE H 222 -40.74 -18.94 26.30
C PHE H 222 -40.43 -17.65 27.06
N GLY H 223 -41.03 -16.55 26.61
CA GLY H 223 -40.94 -15.30 27.34
C GLY H 223 -39.57 -14.67 27.40
N HIS H 224 -38.83 -14.67 26.29
CA HIS H 224 -37.59 -13.90 26.19
C HIS H 224 -37.54 -13.23 24.81
N ILE H 225 -37.14 -11.96 24.80
CA ILE H 225 -37.04 -11.17 23.59
C ILE H 225 -35.95 -10.12 23.78
N ASN H 226 -35.42 -9.63 22.66
CA ASN H 226 -34.34 -8.65 22.72
C ASN H 226 -34.90 -7.25 22.94
N THR H 227 -34.37 -6.55 23.94
CA THR H 227 -34.80 -5.19 24.20
C THR H 227 -34.16 -4.21 23.22
N ASP H 228 -32.96 -4.54 22.72
CA ASP H 228 -32.24 -3.63 21.84
C ASP H 228 -33.00 -3.36 20.55
N LEU H 229 -33.55 -4.40 19.93
CA LEU H 229 -34.38 -4.20 18.75
C LEU H 229 -35.66 -3.48 19.11
N GLN H 230 -36.20 -3.75 20.29
CA GLN H 230 -37.38 -3.05 20.81
C GLN H 230 -37.07 -1.64 21.30
N LEU H 231 -35.82 -1.36 21.66
CA LEU H 231 -35.41 -0.04 22.13
C LEU H 231 -34.99 0.78 20.93
N GLY H 232 -35.81 1.77 20.57
CA GLY H 232 -35.58 2.51 19.35
C GLY H 232 -35.77 1.61 18.15
N GLN H 233 -36.97 1.05 18.03
CA GLN H 233 -37.24 0.06 16.99
C GLN H 233 -37.13 0.69 15.60
N GLY H 234 -36.46 -0.02 14.71
CA GLY H 234 -36.30 0.44 13.34
C GLY H 234 -37.20 -0.31 12.37
#